data_8ZRV
#
_entry.id   8ZRV
#
_cell.length_a   1.00
_cell.length_b   1.00
_cell.length_c   1.00
_cell.angle_alpha   90.00
_cell.angle_beta   90.00
_cell.angle_gamma   90.00
#
_symmetry.space_group_name_H-M   'P 1'
#
loop_
_entity.id
_entity.type
_entity.pdbx_description
1 polymer 'Enoyl-CoA hydratase, mitochondrial'
2 non-polymer 'HEXANOYL-COENZYME A'
3 non-polymer 'MAGNESIUM ION'
#
_entity_poly.entity_id   1
_entity_poly.type   'polypeptide(L)'
_entity_poly.pdbx_seq_one_letter_code
;ASGANFEYIIAEKRGKNNTVGLIQLNRPKALNALCDGLIDELNQALKTFEEDPAVGAIVLTGGDKAFAAGADIKEMQNLS
FQDCYSSKFLKHWDHLTQVKKPVIAAVNGYAFGGGCELAMMCDIIYAGEKAQFAQPEILIGTIPGAGGTQRLTRAVGKSL
AMEMVLTGDRISAQDAKQAGLVSKICPVETLVEEAIQCAEKIASNSKIVVAMAKESVNAAFEMTLTEGSKLEKKLFYSTF
ATDDRKEGMTAFVEKRKANFKDQ
;
_entity_poly.pdbx_strand_id   A,B,C,D,E,F
#
# COMPACT_ATOMS: atom_id res chain seq x y z
N ALA A 4 -35.04 14.45 -17.93
CA ALA A 4 -35.18 15.59 -18.83
C ALA A 4 -35.31 15.14 -20.28
N ASN A 5 -35.09 16.07 -21.21
CA ASN A 5 -35.18 15.77 -22.64
C ASN A 5 -33.80 15.36 -23.16
N PHE A 6 -33.37 14.18 -22.72
CA PHE A 6 -32.08 13.66 -23.14
C PHE A 6 -32.12 13.24 -24.60
N GLU A 7 -31.19 13.75 -25.39
CA GLU A 7 -31.13 13.44 -26.82
C GLU A 7 -30.17 12.30 -27.15
N TYR A 8 -29.08 12.15 -26.40
CA TYR A 8 -28.11 11.10 -26.67
C TYR A 8 -28.43 9.79 -25.96
N ILE A 9 -29.10 9.85 -24.80
CA ILE A 9 -29.45 8.67 -24.03
C ILE A 9 -30.94 8.70 -23.74
N ILE A 10 -31.43 7.61 -23.17
CA ILE A 10 -32.83 7.49 -22.75
C ILE A 10 -32.83 6.88 -21.36
N ALA A 11 -33.25 7.66 -20.36
CA ALA A 11 -33.34 7.21 -18.98
C ALA A 11 -34.80 6.98 -18.61
N GLU A 12 -35.11 5.78 -18.14
CA GLU A 12 -36.48 5.42 -17.81
C GLU A 12 -36.48 4.54 -16.57
N LYS A 13 -37.68 4.31 -16.04
CA LYS A 13 -37.89 3.48 -14.85
C LYS A 13 -38.55 2.18 -15.30
N ARG A 14 -37.75 1.12 -15.36
CA ARG A 14 -38.21 -0.21 -15.72
C ARG A 14 -38.15 -1.14 -14.52
N GLY A 15 -38.69 -2.34 -14.71
CA GLY A 15 -38.69 -3.35 -13.66
C GLY A 15 -40.01 -3.40 -12.92
N LYS A 16 -40.09 -4.36 -12.01
CA LYS A 16 -41.29 -4.55 -11.21
C LYS A 16 -41.42 -3.40 -10.20
N ASN A 17 -42.61 -2.78 -10.17
CA ASN A 17 -42.92 -1.68 -9.27
C ASN A 17 -42.02 -0.47 -9.49
N ASN A 18 -41.40 -0.37 -10.67
CA ASN A 18 -40.53 0.76 -11.04
C ASN A 18 -39.40 0.93 -10.03
N THR A 19 -38.57 -0.11 -9.93
CA THR A 19 -37.44 -0.11 -9.01
C THR A 19 -36.09 -0.23 -9.74
N VAL A 20 -36.10 -0.16 -11.07
CA VAL A 20 -34.88 -0.28 -11.87
C VAL A 20 -34.73 0.96 -12.73
N GLY A 21 -33.53 1.53 -12.76
CA GLY A 21 -33.26 2.67 -13.62
C GLY A 21 -32.49 2.27 -14.87
N LEU A 22 -33.16 2.27 -16.01
CA LEU A 22 -32.58 1.82 -17.26
C LEU A 22 -32.09 3.02 -18.06
N ILE A 23 -30.80 3.02 -18.39
CA ILE A 23 -30.18 4.09 -19.18
C ILE A 23 -29.70 3.44 -20.47
N GLN A 24 -30.44 3.65 -21.56
CA GLN A 24 -30.12 3.07 -22.86
C GLN A 24 -29.44 4.12 -23.72
N LEU A 25 -28.26 3.79 -24.24
CA LEU A 25 -27.54 4.68 -25.14
C LEU A 25 -28.22 4.68 -26.50
N ASN A 26 -28.91 5.76 -26.82
CA ASN A 26 -29.67 5.86 -28.07
C ASN A 26 -28.89 6.73 -29.04
N ARG A 27 -28.03 6.10 -29.83
CA ARG A 27 -27.24 6.78 -30.84
C ARG A 27 -26.76 5.78 -31.89
N PRO A 28 -27.64 5.36 -32.82
CA PRO A 28 -27.26 4.39 -33.85
C PRO A 28 -26.63 5.03 -35.08
N LYS A 29 -25.71 5.97 -34.85
CA LYS A 29 -25.00 6.63 -35.95
C LYS A 29 -23.49 6.73 -35.74
N ALA A 30 -22.98 6.52 -34.53
CA ALA A 30 -21.54 6.57 -34.28
C ALA A 30 -21.08 5.48 -33.33
N LEU A 31 -21.80 4.36 -33.26
CA LEU A 31 -21.49 3.26 -32.35
C LEU A 31 -21.45 3.73 -30.90
N ASN A 32 -22.37 4.63 -30.56
CA ASN A 32 -22.48 5.18 -29.21
C ASN A 32 -21.18 5.85 -28.77
N ALA A 33 -20.79 6.88 -29.53
CA ALA A 33 -19.58 7.63 -29.21
C ALA A 33 -19.80 8.46 -27.94
N LEU A 34 -18.91 8.27 -26.96
CA LEU A 34 -19.01 8.96 -25.68
C LEU A 34 -18.50 10.40 -25.86
N CYS A 35 -19.40 11.27 -26.32
CA CYS A 35 -19.09 12.67 -26.50
C CYS A 35 -19.32 13.42 -25.19
N ASP A 36 -19.21 14.74 -25.22
CA ASP A 36 -19.40 15.54 -24.01
C ASP A 36 -20.87 15.55 -23.59
N GLY A 37 -21.78 15.75 -24.54
CA GLY A 37 -23.19 15.78 -24.20
C GLY A 37 -23.70 14.44 -23.69
N LEU A 38 -23.25 13.34 -24.31
CA LEU A 38 -23.67 12.02 -23.87
C LEU A 38 -23.20 11.74 -22.45
N ILE A 39 -21.94 12.07 -22.14
CA ILE A 39 -21.42 11.85 -20.79
C ILE A 39 -22.15 12.75 -19.80
N ASP A 40 -22.45 13.99 -20.19
CA ASP A 40 -23.19 14.88 -19.29
C ASP A 40 -24.58 14.34 -18.98
N GLU A 41 -25.29 13.87 -20.02
CA GLU A 41 -26.61 13.30 -19.79
C GLU A 41 -26.54 12.03 -18.95
N LEU A 42 -25.50 11.21 -19.17
CA LEU A 42 -25.34 10.01 -18.36
C LEU A 42 -25.11 10.36 -16.90
N ASN A 43 -24.27 11.36 -16.63
CA ASN A 43 -24.02 11.77 -15.25
C ASN A 43 -25.28 12.34 -14.62
N GLN A 44 -26.05 13.12 -15.38
CA GLN A 44 -27.30 13.66 -14.85
C GLN A 44 -28.28 12.55 -14.51
N ALA A 45 -28.41 11.55 -15.40
CA ALA A 45 -29.31 10.43 -15.13
C ALA A 45 -28.85 9.63 -13.92
N LEU A 46 -27.54 9.42 -13.79
CA LEU A 46 -27.02 8.71 -12.62
C LEU A 46 -27.31 9.48 -11.34
N LYS A 47 -27.14 10.79 -11.36
CA LYS A 47 -27.44 11.60 -10.18
C LYS A 47 -28.92 11.55 -9.84
N THR A 48 -29.78 11.61 -10.86
CA THR A 48 -31.23 11.55 -10.62
C THR A 48 -31.61 10.20 -10.02
N PHE A 49 -31.05 9.11 -10.55
CA PHE A 49 -31.37 7.80 -10.02
C PHE A 49 -30.79 7.59 -8.63
N GLU A 50 -29.67 8.26 -8.32
CA GLU A 50 -29.10 8.16 -6.98
C GLU A 50 -29.94 8.93 -5.97
N GLU A 51 -30.44 10.11 -6.36
CA GLU A 51 -31.27 10.90 -5.46
C GLU A 51 -32.68 10.37 -5.34
N ASP A 52 -33.13 9.53 -6.28
CA ASP A 52 -34.48 8.98 -6.21
C ASP A 52 -34.51 7.85 -5.19
N PRO A 53 -35.49 7.86 -4.27
CA PRO A 53 -35.55 6.80 -3.25
C PRO A 53 -36.17 5.50 -3.75
N ALA A 54 -36.84 5.51 -4.90
CA ALA A 54 -37.49 4.31 -5.41
C ALA A 54 -36.53 3.43 -6.20
N VAL A 55 -35.65 4.02 -7.01
CA VAL A 55 -34.70 3.26 -7.78
C VAL A 55 -33.65 2.66 -6.84
N GLY A 56 -33.54 1.33 -6.85
CA GLY A 56 -32.59 0.65 -6.01
C GLY A 56 -31.33 0.22 -6.73
N ALA A 57 -31.43 0.03 -8.04
CA ALA A 57 -30.29 -0.38 -8.86
C ALA A 57 -30.38 0.27 -10.22
N ILE A 58 -29.23 0.44 -10.86
CA ILE A 58 -29.12 1.07 -12.17
C ILE A 58 -28.59 0.03 -13.16
N VAL A 59 -29.14 0.04 -14.37
CA VAL A 59 -28.74 -0.88 -15.43
C VAL A 59 -28.30 -0.06 -16.62
N LEU A 60 -27.03 -0.20 -17.01
CA LEU A 60 -26.47 0.49 -18.16
C LEU A 60 -26.50 -0.47 -19.36
N THR A 61 -27.13 -0.04 -20.45
CA THR A 61 -27.26 -0.86 -21.63
C THR A 61 -27.07 0.00 -22.87
N GLY A 62 -26.46 -0.58 -23.89
CA GLY A 62 -26.24 0.12 -25.14
C GLY A 62 -27.12 -0.40 -26.26
N GLY A 63 -26.60 -0.36 -27.50
CA GLY A 63 -27.35 -0.84 -28.64
C GLY A 63 -27.15 -2.32 -28.90
N ASP A 64 -27.90 -2.83 -29.88
CA ASP A 64 -27.81 -4.22 -30.27
C ASP A 64 -26.62 -4.51 -31.17
N LYS A 65 -25.88 -3.49 -31.59
CA LYS A 65 -24.71 -3.65 -32.44
C LYS A 65 -23.42 -3.19 -31.78
N ALA A 66 -23.47 -2.14 -30.98
CA ALA A 66 -22.28 -1.63 -30.30
C ALA A 66 -22.70 -0.98 -28.98
N PHE A 67 -22.12 -1.46 -27.88
CA PHE A 67 -22.44 -0.89 -26.58
C PHE A 67 -21.91 0.53 -26.47
N ALA A 68 -20.60 0.71 -26.59
CA ALA A 68 -19.99 2.04 -26.54
C ALA A 68 -18.62 1.95 -27.19
N ALA A 69 -18.39 2.72 -28.24
CA ALA A 69 -17.11 2.73 -28.94
C ALA A 69 -16.07 3.63 -28.28
N GLY A 70 -16.38 4.22 -27.14
CA GLY A 70 -15.46 5.07 -26.43
C GLY A 70 -15.70 6.55 -26.69
N ALA A 71 -14.71 7.34 -26.31
CA ALA A 71 -14.78 8.78 -26.49
C ALA A 71 -14.75 9.14 -27.98
N ASP A 72 -15.22 10.35 -28.27
CA ASP A 72 -15.28 10.83 -29.66
C ASP A 72 -13.87 11.20 -30.11
N ILE A 73 -13.29 10.38 -30.98
CA ILE A 73 -11.95 10.66 -31.49
C ILE A 73 -11.98 11.88 -32.41
N LYS A 74 -13.10 12.12 -33.08
CA LYS A 74 -13.24 13.28 -33.95
C LYS A 74 -13.41 14.59 -33.19
N GLU A 75 -13.43 14.55 -31.86
CA GLU A 75 -13.54 15.75 -31.03
C GLU A 75 -12.29 16.09 -30.26
N MET A 76 -11.57 15.09 -29.74
CA MET A 76 -10.33 15.30 -29.00
C MET A 76 -9.10 15.24 -29.91
N GLN A 77 -9.27 15.48 -31.20
CA GLN A 77 -8.14 15.41 -32.14
C GLN A 77 -7.25 16.64 -32.00
N ASN A 78 -7.84 17.82 -32.14
CA ASN A 78 -7.07 19.07 -32.10
C ASN A 78 -6.93 19.57 -30.66
N LEU A 79 -6.37 18.71 -29.82
CA LEU A 79 -6.11 19.01 -28.41
C LEU A 79 -4.63 18.88 -28.12
N SER A 80 -4.12 19.78 -27.28
CA SER A 80 -2.73 19.82 -26.90
C SER A 80 -2.56 19.32 -25.47
N PHE A 81 -1.32 19.36 -24.98
CA PHE A 81 -1.03 18.90 -23.62
C PHE A 81 -1.70 19.78 -22.58
N GLN A 82 -1.72 21.11 -22.81
CA GLN A 82 -2.34 22.01 -21.85
C GLN A 82 -3.86 21.83 -21.81
N ASP A 83 -4.51 21.71 -22.96
CA ASP A 83 -5.94 21.51 -23.04
C ASP A 83 -6.38 20.10 -22.65
N CYS A 84 -5.45 19.28 -22.17
CA CYS A 84 -5.78 17.94 -21.69
C CYS A 84 -5.35 17.76 -20.24
N TYR A 85 -4.40 18.59 -19.80
CA TYR A 85 -3.96 18.56 -18.41
C TYR A 85 -4.69 19.57 -17.53
N SER A 86 -5.16 20.68 -18.10
CA SER A 86 -6.00 21.60 -17.35
C SER A 86 -7.01 22.27 -18.27
N SER A 87 -8.21 21.69 -18.37
CA SER A 87 -9.23 22.24 -19.26
C SER A 87 -10.59 21.65 -18.85
N LYS A 88 -11.60 21.85 -19.69
CA LYS A 88 -12.93 21.28 -19.49
C LYS A 88 -13.16 20.06 -20.38
N PHE A 89 -12.10 19.47 -20.92
CA PHE A 89 -12.20 18.31 -21.80
C PHE A 89 -11.74 17.07 -21.04
N LEU A 90 -12.57 16.03 -21.07
CA LEU A 90 -12.23 14.73 -20.49
C LEU A 90 -11.91 14.83 -19.00
N LYS A 91 -12.87 15.33 -18.22
CA LYS A 91 -12.70 15.46 -16.78
C LYS A 91 -13.76 14.72 -15.99
N HIS A 92 -14.98 14.63 -16.50
CA HIS A 92 -16.08 13.97 -15.79
C HIS A 92 -16.21 12.51 -16.27
N TRP A 93 -15.28 11.69 -15.79
CA TRP A 93 -15.26 10.26 -16.11
C TRP A 93 -15.29 9.35 -14.89
N ASP A 94 -15.20 9.90 -13.68
CA ASP A 94 -15.21 9.11 -12.46
C ASP A 94 -16.56 9.15 -11.74
N HIS A 95 -17.59 9.75 -12.36
CA HIS A 95 -18.89 9.84 -11.71
C HIS A 95 -19.56 8.47 -11.63
N LEU A 96 -19.18 7.53 -12.48
CA LEU A 96 -19.78 6.20 -12.44
C LEU A 96 -19.35 5.42 -11.21
N THR A 97 -18.18 5.71 -10.68
CA THR A 97 -17.67 5.01 -9.49
C THR A 97 -18.01 5.73 -8.19
N GLN A 98 -18.58 6.93 -8.26
CA GLN A 98 -18.93 7.67 -7.06
C GLN A 98 -20.33 7.37 -6.54
N VAL A 99 -21.18 6.77 -7.36
CA VAL A 99 -22.54 6.45 -6.93
C VAL A 99 -22.51 5.32 -5.92
N LYS A 100 -23.46 5.34 -4.98
CA LYS A 100 -23.55 4.31 -3.96
C LYS A 100 -24.41 3.13 -4.38
N LYS A 101 -25.38 3.35 -5.25
CA LYS A 101 -26.24 2.27 -5.71
C LYS A 101 -25.51 1.43 -6.76
N PRO A 102 -25.78 0.12 -6.79
CA PRO A 102 -25.12 -0.74 -7.76
C PRO A 102 -25.50 -0.40 -9.19
N VAL A 103 -24.55 -0.56 -10.10
CA VAL A 103 -24.74 -0.30 -11.52
C VAL A 103 -24.37 -1.58 -12.28
N ILE A 104 -25.27 -2.00 -13.18
CA ILE A 104 -25.08 -3.20 -13.97
C ILE A 104 -24.86 -2.78 -15.42
N ALA A 105 -23.78 -3.29 -16.02
CA ALA A 105 -23.44 -2.98 -17.40
C ALA A 105 -23.88 -4.13 -18.30
N ALA A 106 -24.79 -3.84 -19.22
CA ALA A 106 -25.33 -4.83 -20.16
C ALA A 106 -24.71 -4.55 -21.52
N VAL A 107 -23.68 -5.31 -21.86
CA VAL A 107 -22.96 -5.16 -23.13
C VAL A 107 -23.57 -6.14 -24.13
N ASN A 108 -24.22 -5.61 -25.16
CA ASN A 108 -24.84 -6.41 -26.20
C ASN A 108 -24.28 -6.05 -27.57
N GLY A 109 -22.96 -5.89 -27.64
CA GLY A 109 -22.31 -5.57 -28.90
C GLY A 109 -20.85 -5.21 -28.75
N TYR A 110 -20.39 -4.25 -29.57
CA TYR A 110 -18.99 -3.84 -29.52
C TYR A 110 -18.76 -2.91 -28.32
N ALA A 111 -17.79 -3.27 -27.48
CA ALA A 111 -17.40 -2.46 -26.32
C ALA A 111 -15.89 -2.27 -26.40
N PHE A 112 -15.45 -1.24 -27.12
CA PHE A 112 -14.04 -0.96 -27.32
C PHE A 112 -13.70 0.41 -26.76
N GLY A 113 -12.48 0.53 -26.23
CA GLY A 113 -12.02 1.78 -25.67
C GLY A 113 -12.74 2.16 -24.39
N GLY A 114 -13.48 3.26 -24.44
CA GLY A 114 -14.23 3.71 -23.27
C GLY A 114 -15.36 2.80 -22.86
N GLY A 115 -15.88 2.00 -23.80
CA GLY A 115 -16.95 1.08 -23.45
C GLY A 115 -16.53 0.04 -22.45
N CYS A 116 -15.37 -0.59 -22.68
CA CYS A 116 -14.86 -1.58 -21.74
C CYS A 116 -14.53 -0.93 -20.39
N GLU A 117 -14.06 0.31 -20.42
CA GLU A 117 -13.76 1.03 -19.17
C GLU A 117 -15.04 1.27 -18.37
N LEU A 118 -16.09 1.75 -19.02
CA LEU A 118 -17.35 1.99 -18.33
C LEU A 118 -17.97 0.68 -17.86
N ALA A 119 -17.76 -0.40 -18.60
CA ALA A 119 -18.26 -1.71 -18.16
C ALA A 119 -17.52 -2.19 -16.92
N MET A 120 -16.19 -2.03 -16.89
CA MET A 120 -15.41 -2.49 -15.75
C MET A 120 -15.63 -1.61 -14.53
N MET A 121 -15.96 -0.34 -14.73
CA MET A 121 -16.24 0.54 -13.59
C MET A 121 -17.55 0.19 -12.88
N CYS A 122 -18.40 -0.64 -13.49
CA CYS A 122 -19.63 -1.07 -12.85
C CYS A 122 -19.34 -2.23 -11.89
N ASP A 123 -20.40 -2.68 -11.21
CA ASP A 123 -20.26 -3.78 -10.26
C ASP A 123 -20.47 -5.14 -10.93
N ILE A 124 -21.53 -5.28 -11.73
CA ILE A 124 -21.84 -6.52 -12.42
C ILE A 124 -21.80 -6.26 -13.92
N ILE A 125 -21.14 -7.15 -14.65
CA ILE A 125 -20.96 -7.03 -16.09
C ILE A 125 -21.67 -8.20 -16.75
N TYR A 126 -22.77 -7.91 -17.46
CA TYR A 126 -23.51 -8.90 -18.21
C TYR A 126 -23.27 -8.68 -19.70
N ALA A 127 -22.80 -9.71 -20.39
CA ALA A 127 -22.49 -9.64 -21.80
C ALA A 127 -23.22 -10.73 -22.56
N GLY A 128 -23.46 -10.49 -23.85
CA GLY A 128 -24.10 -11.45 -24.72
C GLY A 128 -23.09 -12.23 -25.56
N GLU A 129 -23.62 -13.19 -26.31
CA GLU A 129 -22.77 -14.02 -27.15
C GLU A 129 -22.08 -13.20 -28.23
N LYS A 130 -22.80 -12.26 -28.84
CA LYS A 130 -22.24 -11.40 -29.88
C LYS A 130 -21.69 -10.11 -29.29
N ALA A 131 -20.82 -10.25 -28.28
CA ALA A 131 -20.17 -9.12 -27.63
C ALA A 131 -18.66 -9.35 -27.63
N GLN A 132 -17.91 -8.30 -27.96
CA GLN A 132 -16.46 -8.39 -28.05
C GLN A 132 -15.84 -7.20 -27.30
N PHE A 133 -14.75 -7.47 -26.60
CA PHE A 133 -14.04 -6.46 -25.83
C PHE A 133 -12.59 -6.38 -26.32
N ALA A 134 -12.09 -5.15 -26.39
CA ALA A 134 -10.71 -4.92 -26.85
C ALA A 134 -10.29 -3.53 -26.41
N GLN A 135 -8.98 -3.26 -26.56
CA GLN A 135 -8.40 -1.97 -26.23
C GLN A 135 -7.65 -1.48 -27.47
N PRO A 136 -8.37 -0.89 -28.44
CA PRO A 136 -7.73 -0.50 -29.70
C PRO A 136 -7.04 0.86 -29.64
N GLU A 137 -6.82 1.38 -28.43
CA GLU A 137 -6.13 2.67 -28.30
C GLU A 137 -4.74 2.63 -28.92
N ILE A 138 -4.04 1.50 -28.78
CA ILE A 138 -2.70 1.37 -29.37
C ILE A 138 -2.75 1.48 -30.88
N LEU A 139 -3.93 1.30 -31.49
CA LEU A 139 -4.06 1.45 -32.93
C LEU A 139 -4.06 2.91 -33.36
N ILE A 140 -4.30 3.85 -32.45
CA ILE A 140 -4.30 5.27 -32.76
C ILE A 140 -3.20 6.01 -32.00
N GLY A 141 -2.20 5.28 -31.51
CA GLY A 141 -1.10 5.90 -30.79
C GLY A 141 -1.49 6.50 -29.46
N THR A 142 -2.43 5.87 -28.75
CA THR A 142 -2.89 6.37 -27.46
C THR A 142 -3.01 5.20 -26.48
N ILE A 143 -3.23 5.53 -25.22
CA ILE A 143 -3.39 4.52 -24.17
C ILE A 143 -4.70 4.80 -23.43
N PRO A 144 -5.31 3.79 -22.81
CA PRO A 144 -6.51 4.04 -22.01
C PRO A 144 -6.21 4.98 -20.85
N GLY A 145 -7.28 5.57 -20.31
CA GLY A 145 -7.12 6.52 -19.22
C GLY A 145 -8.21 6.46 -18.17
N ALA A 146 -9.09 5.45 -18.25
CA ALA A 146 -10.21 5.31 -17.33
C ALA A 146 -10.30 3.87 -16.82
N GLY A 147 -9.15 3.32 -16.43
CA GLY A 147 -9.10 1.98 -15.89
C GLY A 147 -8.94 0.87 -16.90
N GLY A 148 -8.53 1.20 -18.13
CA GLY A 148 -8.34 0.16 -19.14
C GLY A 148 -7.15 -0.73 -18.84
N THR A 149 -6.17 -0.23 -18.10
CA THR A 149 -4.99 -1.00 -17.74
C THR A 149 -4.91 -1.34 -16.26
N GLN A 150 -5.81 -0.80 -15.44
CA GLN A 150 -5.81 -1.05 -13.99
C GLN A 150 -6.81 -2.12 -13.59
N ARG A 151 -8.09 -1.93 -13.94
CA ARG A 151 -9.11 -2.91 -13.57
C ARG A 151 -9.03 -4.16 -14.44
N LEU A 152 -8.69 -4.00 -15.72
CA LEU A 152 -8.59 -5.15 -16.61
C LEU A 152 -7.47 -6.09 -16.18
N THR A 153 -6.37 -5.53 -15.69
CA THR A 153 -5.25 -6.36 -15.25
C THR A 153 -5.59 -7.09 -13.96
N ARG A 154 -6.24 -6.42 -13.02
CA ARG A 154 -6.58 -7.03 -11.73
C ARG A 154 -7.73 -8.01 -11.82
N ALA A 155 -8.61 -7.87 -12.83
CA ALA A 155 -9.76 -8.75 -12.96
C ALA A 155 -9.52 -9.92 -13.90
N VAL A 156 -8.75 -9.73 -14.97
CA VAL A 156 -8.51 -10.78 -15.95
C VAL A 156 -7.14 -11.41 -15.69
N GLY A 157 -6.09 -10.61 -15.70
CA GLY A 157 -4.75 -11.10 -15.55
C GLY A 157 -3.75 -10.17 -16.20
N LYS A 158 -2.47 -10.51 -16.04
CA LYS A 158 -1.41 -9.68 -16.60
C LYS A 158 -1.18 -9.99 -18.08
N SER A 159 -1.12 -11.27 -18.44
CA SER A 159 -0.76 -11.65 -19.80
C SER A 159 -1.82 -11.24 -20.81
N LEU A 160 -3.09 -11.59 -20.53
CA LEU A 160 -4.15 -11.27 -21.48
C LEU A 160 -4.37 -9.76 -21.58
N ALA A 161 -4.25 -9.05 -20.46
CA ALA A 161 -4.39 -7.59 -20.51
C ALA A 161 -3.25 -6.96 -21.31
N MET A 162 -2.02 -7.43 -21.09
CA MET A 162 -0.90 -6.96 -21.89
C MET A 162 -1.12 -7.21 -23.37
N GLU A 163 -1.61 -8.40 -23.72
CA GLU A 163 -1.86 -8.71 -25.12
C GLU A 163 -2.93 -7.80 -25.72
N MET A 164 -4.04 -7.62 -24.99
CA MET A 164 -5.13 -6.80 -25.50
C MET A 164 -4.73 -5.33 -25.60
N VAL A 165 -3.82 -4.86 -24.74
CA VAL A 165 -3.43 -3.46 -24.78
C VAL A 165 -2.38 -3.22 -25.87
N LEU A 166 -1.45 -4.15 -26.04
CA LEU A 166 -0.36 -3.96 -27.00
C LEU A 166 -0.74 -4.37 -28.42
N THR A 167 -1.77 -5.18 -28.59
CA THR A 167 -2.19 -5.62 -29.93
C THR A 167 -3.59 -5.17 -30.31
N GLY A 168 -4.44 -4.80 -29.36
CA GLY A 168 -5.80 -4.42 -29.68
C GLY A 168 -6.65 -5.57 -30.19
N ASP A 169 -6.36 -6.79 -29.78
CA ASP A 169 -7.11 -7.94 -30.24
C ASP A 169 -8.44 -8.05 -29.53
N ARG A 170 -9.47 -8.48 -30.26
CA ARG A 170 -10.81 -8.62 -29.71
C ARG A 170 -11.01 -10.00 -29.12
N ILE A 171 -11.62 -10.06 -27.95
CA ILE A 171 -11.88 -11.31 -27.25
C ILE A 171 -13.39 -11.57 -27.25
N SER A 172 -13.75 -12.85 -27.26
CA SER A 172 -15.15 -13.23 -27.24
C SER A 172 -15.70 -13.21 -25.82
N ALA A 173 -17.02 -13.37 -25.70
CA ALA A 173 -17.65 -13.39 -24.38
C ALA A 173 -17.26 -14.64 -23.61
N GLN A 174 -17.04 -15.76 -24.30
CA GLN A 174 -16.62 -16.98 -23.61
C GLN A 174 -15.25 -16.81 -22.98
N ASP A 175 -14.31 -16.19 -23.71
CA ASP A 175 -12.99 -15.94 -23.15
C ASP A 175 -13.06 -14.96 -21.99
N ALA A 176 -13.92 -13.96 -22.08
CA ALA A 176 -14.06 -13.00 -20.99
C ALA A 176 -14.66 -13.66 -19.75
N LYS A 177 -15.60 -14.57 -19.94
CA LYS A 177 -16.18 -15.28 -18.79
C LYS A 177 -15.17 -16.24 -18.19
N GLN A 178 -14.39 -16.92 -19.03
CA GLN A 178 -13.36 -17.83 -18.52
C GLN A 178 -12.27 -17.07 -17.77
N ALA A 179 -11.94 -15.86 -18.22
CA ALA A 179 -10.92 -15.07 -17.55
C ALA A 179 -11.45 -14.48 -16.24
N GLY A 180 -12.63 -13.86 -16.30
CA GLY A 180 -13.21 -13.26 -15.12
C GLY A 180 -13.75 -11.86 -15.37
N LEU A 181 -13.76 -11.44 -16.63
CA LEU A 181 -14.25 -10.10 -16.96
C LEU A 181 -15.75 -9.99 -16.70
N VAL A 182 -16.54 -10.92 -17.22
CA VAL A 182 -17.97 -10.94 -17.02
C VAL A 182 -18.32 -12.06 -16.04
N SER A 183 -19.57 -12.06 -15.59
CA SER A 183 -20.04 -13.04 -14.61
C SER A 183 -21.12 -13.98 -15.12
N LYS A 184 -21.85 -13.60 -16.18
CA LYS A 184 -22.92 -14.45 -16.69
C LYS A 184 -23.18 -14.09 -18.15
N ILE A 185 -23.25 -15.10 -19.00
CA ILE A 185 -23.52 -14.93 -20.43
C ILE A 185 -25.01 -15.15 -20.66
N CYS A 186 -25.66 -14.18 -21.30
CA CYS A 186 -27.09 -14.21 -21.57
C CYS A 186 -27.33 -14.02 -23.08
N PRO A 187 -28.46 -14.51 -23.59
CA PRO A 187 -28.77 -14.31 -25.00
C PRO A 187 -28.88 -12.83 -25.36
N VAL A 188 -28.68 -12.53 -26.64
CA VAL A 188 -28.70 -11.14 -27.11
C VAL A 188 -30.10 -10.55 -27.11
N GLU A 189 -31.14 -11.37 -26.95
CA GLU A 189 -32.50 -10.87 -26.92
C GLU A 189 -33.08 -10.79 -25.51
N THR A 190 -32.53 -11.54 -24.56
CA THR A 190 -33.00 -11.54 -23.18
C THR A 190 -31.95 -11.00 -22.21
N LEU A 191 -30.91 -10.34 -22.73
CA LEU A 191 -29.90 -9.76 -21.86
C LEU A 191 -30.47 -8.65 -20.99
N VAL A 192 -31.27 -7.77 -21.58
CA VAL A 192 -31.88 -6.68 -20.82
C VAL A 192 -32.84 -7.25 -19.77
N GLU A 193 -33.55 -8.33 -20.11
CA GLU A 193 -34.45 -8.94 -19.15
C GLU A 193 -33.70 -9.51 -17.96
N GLU A 194 -32.59 -10.22 -18.22
CA GLU A 194 -31.79 -10.75 -17.12
C GLU A 194 -31.18 -9.64 -16.28
N ALA A 195 -30.76 -8.55 -16.92
CA ALA A 195 -30.22 -7.41 -16.17
C ALA A 195 -31.29 -6.80 -15.28
N ILE A 196 -32.51 -6.66 -15.80
CA ILE A 196 -33.61 -6.12 -14.99
C ILE A 196 -33.94 -7.04 -13.83
N GLN A 197 -33.91 -8.36 -14.07
CA GLN A 197 -34.18 -9.31 -13.00
C GLN A 197 -33.11 -9.23 -11.92
N CYS A 198 -31.84 -9.12 -12.32
CA CYS A 198 -30.76 -8.99 -11.35
C CYS A 198 -30.89 -7.68 -10.56
N ALA A 199 -31.28 -6.60 -11.24
CA ALA A 199 -31.47 -5.33 -10.54
C ALA A 199 -32.62 -5.41 -9.55
N GLU A 200 -33.69 -6.14 -9.91
CA GLU A 200 -34.79 -6.33 -8.98
C GLU A 200 -34.37 -7.16 -7.78
N LYS A 201 -33.58 -8.21 -8.01
CA LYS A 201 -33.10 -9.04 -6.90
C LYS A 201 -32.17 -8.24 -5.98
N ILE A 202 -31.38 -7.33 -6.55
CA ILE A 202 -30.49 -6.52 -5.73
C ILE A 202 -31.29 -5.50 -4.93
N ALA A 203 -32.24 -4.82 -5.58
CA ALA A 203 -33.02 -3.77 -4.93
C ALA A 203 -34.02 -4.33 -3.92
N SER A 204 -34.27 -5.64 -3.91
CA SER A 204 -35.20 -6.24 -2.96
C SER A 204 -34.65 -6.29 -1.55
N ASN A 205 -33.41 -5.86 -1.32
CA ASN A 205 -32.78 -5.89 -0.01
C ASN A 205 -32.63 -4.47 0.53
N SER A 206 -32.07 -4.39 1.73
CA SER A 206 -31.87 -3.09 2.38
C SER A 206 -30.83 -2.28 1.61
N LYS A 207 -31.18 -1.01 1.33
CA LYS A 207 -30.30 -0.17 0.53
C LYS A 207 -28.99 0.14 1.25
N ILE A 208 -29.07 0.42 2.56
CA ILE A 208 -27.87 0.77 3.31
C ILE A 208 -26.93 -0.43 3.42
N VAL A 209 -27.49 -1.62 3.63
CA VAL A 209 -26.66 -2.82 3.71
C VAL A 209 -26.04 -3.14 2.36
N VAL A 210 -26.80 -2.92 1.27
CA VAL A 210 -26.25 -3.13 -0.06
C VAL A 210 -25.11 -2.17 -0.33
N ALA A 211 -25.27 -0.90 0.08
CA ALA A 211 -24.20 0.08 -0.10
C ALA A 211 -22.96 -0.28 0.71
N MET A 212 -23.16 -0.74 1.95
CA MET A 212 -22.02 -1.15 2.77
C MET A 212 -21.31 -2.35 2.17
N ALA A 213 -22.08 -3.30 1.62
CA ALA A 213 -21.46 -4.46 0.96
C ALA A 213 -20.70 -4.04 -0.28
N LYS A 214 -21.25 -3.09 -1.05
CA LYS A 214 -20.55 -2.59 -2.23
C LYS A 214 -19.24 -1.91 -1.84
N GLU A 215 -19.27 -1.12 -0.76
CA GLU A 215 -18.05 -0.47 -0.28
C GLU A 215 -17.03 -1.51 0.19
N SER A 216 -17.50 -2.55 0.88
CA SER A 216 -16.59 -3.60 1.34
C SER A 216 -15.94 -4.32 0.17
N VAL A 217 -16.70 -4.58 -0.89
CA VAL A 217 -16.14 -5.25 -2.07
C VAL A 217 -15.17 -4.33 -2.79
N ASN A 218 -15.51 -3.05 -2.91
CA ASN A 218 -14.62 -2.11 -3.59
C ASN A 218 -13.34 -1.87 -2.80
N ALA A 219 -13.38 -2.07 -1.47
CA ALA A 219 -12.19 -1.91 -0.65
C ALA A 219 -11.13 -2.98 -0.91
N ALA A 220 -11.43 -3.99 -1.73
CA ALA A 220 -10.47 -5.04 -2.03
C ALA A 220 -9.42 -4.62 -3.04
N PHE A 221 -9.59 -3.45 -3.69
CA PHE A 221 -8.63 -2.95 -4.66
C PHE A 221 -7.92 -1.69 -4.17
N GLU A 222 -8.20 -1.24 -2.95
CA GLU A 222 -7.60 -0.03 -2.41
C GLU A 222 -6.88 -0.25 -1.08
N MET A 223 -7.05 -1.40 -0.44
CA MET A 223 -6.48 -1.67 0.87
C MET A 223 -5.83 -3.05 0.87
N THR A 224 -5.13 -3.35 1.96
CA THR A 224 -4.50 -4.66 2.13
C THR A 224 -5.52 -5.69 2.60
N LEU A 225 -5.03 -6.92 2.78
CA LEU A 225 -5.92 -7.99 3.24
C LEU A 225 -6.23 -7.85 4.73
N THR A 226 -5.23 -7.54 5.55
CA THR A 226 -5.46 -7.38 6.98
C THR A 226 -6.34 -6.18 7.27
N GLU A 227 -5.99 -5.02 6.72
CA GLU A 227 -6.81 -3.83 6.92
C GLU A 227 -8.17 -3.97 6.25
N GLY A 228 -8.24 -4.68 5.12
CA GLY A 228 -9.52 -4.97 4.51
C GLY A 228 -10.43 -5.79 5.42
N SER A 229 -9.87 -6.82 6.05
CA SER A 229 -10.65 -7.63 6.99
C SER A 229 -11.04 -6.82 8.22
N LYS A 230 -10.16 -5.92 8.66
CA LYS A 230 -10.48 -5.06 9.79
C LYS A 230 -11.66 -4.14 9.47
N LEU A 231 -11.62 -3.51 8.29
CA LEU A 231 -12.72 -2.65 7.87
C LEU A 231 -14.00 -3.47 7.67
N GLU A 232 -13.88 -4.70 7.17
CA GLU A 232 -15.05 -5.55 7.02
C GLU A 232 -15.67 -5.88 8.37
N LYS A 233 -14.84 -6.19 9.37
CA LYS A 233 -15.34 -6.43 10.72
C LYS A 233 -16.00 -5.18 11.29
N LYS A 234 -15.39 -4.01 11.06
CA LYS A 234 -15.96 -2.77 11.56
C LYS A 234 -17.33 -2.50 10.94
N LEU A 235 -17.46 -2.72 9.63
CA LEU A 235 -18.75 -2.52 8.99
C LEU A 235 -19.78 -3.56 9.43
N PHE A 236 -19.35 -4.81 9.62
CA PHE A 236 -20.27 -5.83 10.12
C PHE A 236 -20.77 -5.48 11.53
N TYR A 237 -19.89 -4.91 12.36
CA TYR A 237 -20.32 -4.48 13.67
C TYR A 237 -21.24 -3.27 13.61
N SER A 238 -20.96 -2.33 12.70
CA SER A 238 -21.82 -1.16 12.55
C SER A 238 -23.18 -1.49 11.96
N THR A 239 -23.29 -2.60 11.23
CA THR A 239 -24.59 -3.02 10.70
C THR A 239 -25.59 -3.39 11.79
N PHE A 240 -25.14 -3.55 13.04
CA PHE A 240 -26.04 -3.86 14.15
C PHE A 240 -26.78 -2.63 14.67
N ALA A 241 -26.71 -1.50 13.96
CA ALA A 241 -27.37 -0.27 14.37
C ALA A 241 -28.62 0.04 13.54
N THR A 242 -29.02 -0.86 12.64
CA THR A 242 -30.18 -0.66 11.79
C THR A 242 -31.33 -1.54 12.26
N ASP A 243 -32.48 -1.37 11.62
CA ASP A 243 -33.67 -2.14 11.95
C ASP A 243 -33.95 -3.29 10.99
N ASP A 244 -33.45 -3.22 9.76
CA ASP A 244 -33.66 -4.30 8.81
C ASP A 244 -32.90 -5.56 9.20
N ARG A 245 -31.77 -5.40 9.91
CA ARG A 245 -31.00 -6.56 10.35
C ARG A 245 -31.80 -7.42 11.31
N LYS A 246 -32.36 -6.81 12.35
CA LYS A 246 -33.17 -7.58 13.30
C LYS A 246 -34.42 -8.15 12.64
N GLU A 247 -34.98 -7.42 11.68
CA GLU A 247 -36.15 -7.93 10.95
C GLU A 247 -35.78 -9.19 10.17
N GLY A 248 -34.64 -9.17 9.48
CA GLY A 248 -34.20 -10.36 8.77
C GLY A 248 -33.87 -11.51 9.69
N MET A 249 -33.27 -11.21 10.85
CA MET A 249 -32.97 -12.26 11.81
C MET A 249 -34.25 -12.92 12.32
N THR A 250 -35.26 -12.09 12.67
CA THR A 250 -36.53 -12.64 13.12
C THR A 250 -37.24 -13.40 12.02
N ALA A 251 -37.12 -12.96 10.77
CA ALA A 251 -37.73 -13.69 9.66
C ALA A 251 -37.06 -15.03 9.44
N PHE A 252 -35.73 -15.09 9.59
CA PHE A 252 -35.04 -16.36 9.45
C PHE A 252 -35.37 -17.30 10.60
N VAL A 253 -35.52 -16.76 11.81
CA VAL A 253 -35.86 -17.60 12.96
C VAL A 253 -37.28 -18.13 12.84
N GLU A 254 -38.22 -17.29 12.40
CA GLU A 254 -39.62 -17.68 12.29
C GLU A 254 -39.97 -18.27 10.91
N LYS A 255 -38.99 -18.38 10.01
CA LYS A 255 -39.19 -18.95 8.68
C LYS A 255 -40.27 -18.20 7.91
N ARG A 256 -40.01 -16.93 7.65
CA ARG A 256 -40.91 -16.08 6.90
C ARG A 256 -40.08 -15.13 6.05
N LYS A 257 -40.75 -14.20 5.37
CA LYS A 257 -40.09 -13.26 4.48
C LYS A 257 -39.76 -11.99 5.24
N ALA A 258 -38.53 -11.49 5.05
CA ALA A 258 -38.08 -10.29 5.74
C ALA A 258 -38.58 -9.05 5.02
N ASN A 259 -39.32 -8.20 5.74
CA ASN A 259 -39.87 -6.97 5.19
C ASN A 259 -38.91 -5.83 5.53
N PHE A 260 -37.93 -5.62 4.65
CA PHE A 260 -36.97 -4.55 4.87
C PHE A 260 -37.61 -3.20 4.64
N LYS A 261 -37.29 -2.24 5.51
CA LYS A 261 -37.85 -0.89 5.42
C LYS A 261 -36.79 0.15 5.08
N ASP A 262 -35.61 -0.28 4.63
CA ASP A 262 -34.52 0.63 4.24
C ASP A 262 -34.13 1.54 5.40
N GLN A 263 -34.03 0.97 6.59
CA GLN A 263 -33.65 1.72 7.78
C GLN A 263 -32.87 0.85 8.76
N ALA B 4 -9.52 -33.77 23.62
CA ALA B 4 -10.53 -33.62 24.66
C ALA B 4 -11.86 -34.23 24.21
N ASN B 5 -12.89 -34.06 25.03
CA ASN B 5 -14.22 -34.59 24.74
C ASN B 5 -15.00 -33.55 23.93
N PHE B 6 -14.67 -33.47 22.65
CA PHE B 6 -15.34 -32.53 21.77
C PHE B 6 -16.77 -32.98 21.49
N GLU B 7 -17.71 -32.06 21.65
CA GLU B 7 -19.13 -32.35 21.44
C GLU B 7 -19.66 -31.83 20.11
N TYR B 8 -18.84 -31.13 19.34
CA TYR B 8 -19.27 -30.57 18.06
C TYR B 8 -18.39 -30.96 16.88
N ILE B 9 -17.12 -31.31 17.10
CA ILE B 9 -16.22 -31.71 16.04
C ILE B 9 -15.54 -33.01 16.42
N ILE B 10 -14.84 -33.61 15.45
CA ILE B 10 -14.07 -34.82 15.65
C ILE B 10 -12.68 -34.58 15.10
N ALA B 11 -11.68 -34.53 15.98
CA ALA B 11 -10.29 -34.33 15.58
C ALA B 11 -9.54 -35.65 15.74
N GLU B 12 -8.93 -36.11 14.65
CA GLU B 12 -8.24 -37.39 14.66
C GLU B 12 -6.97 -37.28 13.82
N LYS B 13 -6.14 -38.32 13.90
CA LYS B 13 -4.89 -38.39 13.16
C LYS B 13 -5.03 -39.46 12.07
N ARG B 14 -5.03 -39.02 10.82
CA ARG B 14 -5.14 -39.90 9.66
C ARG B 14 -3.91 -39.74 8.78
N GLY B 15 -3.84 -40.56 7.74
CA GLY B 15 -2.72 -40.54 6.82
C GLY B 15 -1.62 -41.51 7.20
N LYS B 16 -0.64 -41.62 6.31
CA LYS B 16 0.49 -42.51 6.55
C LYS B 16 1.34 -41.99 7.70
N ASN B 17 1.67 -42.88 8.63
CA ASN B 17 2.48 -42.57 9.82
C ASN B 17 1.85 -41.52 10.70
N ASN B 18 0.54 -41.31 10.56
CA ASN B 18 -0.22 -40.35 11.38
C ASN B 18 0.38 -38.94 11.25
N THR B 19 0.45 -38.46 10.02
CA THR B 19 0.99 -37.14 9.72
C THR B 19 -0.07 -36.15 9.28
N VAL B 20 -1.34 -36.55 9.25
CA VAL B 20 -2.43 -35.69 8.81
C VAL B 20 -3.39 -35.49 9.97
N GLY B 21 -3.81 -34.24 10.18
CA GLY B 21 -4.80 -33.94 11.20
C GLY B 21 -6.15 -33.66 10.61
N LEU B 22 -7.10 -34.58 10.79
CA LEU B 22 -8.42 -34.48 10.20
C LEU B 22 -9.41 -33.94 11.23
N ILE B 23 -10.04 -32.81 10.90
CA ILE B 23 -11.05 -32.19 11.76
C ILE B 23 -12.37 -32.23 10.99
N GLN B 24 -13.28 -33.10 11.42
CA GLN B 24 -14.57 -33.26 10.76
C GLN B 24 -15.65 -32.61 11.62
N LEU B 25 -16.42 -31.70 11.00
CA LEU B 25 -17.53 -31.04 11.69
C LEU B 25 -18.65 -32.05 11.89
N ASN B 26 -18.82 -32.52 13.13
CA ASN B 26 -19.82 -33.54 13.45
C ASN B 26 -21.02 -32.84 14.08
N ARG B 27 -21.96 -32.43 13.22
CA ARG B 27 -23.18 -31.78 13.68
C ARG B 27 -24.26 -31.92 12.62
N PRO B 28 -24.88 -33.10 12.49
CA PRO B 28 -25.93 -33.26 11.47
C PRO B 28 -27.30 -32.82 11.96
N LYS B 29 -27.36 -31.63 12.57
CA LYS B 29 -28.63 -31.07 13.05
C LYS B 29 -28.85 -29.63 12.65
N ALA B 30 -27.81 -28.86 12.34
CA ALA B 30 -27.95 -27.47 11.96
C ALA B 30 -27.03 -27.11 10.79
N LEU B 31 -26.67 -28.11 9.98
CA LEU B 31 -25.78 -27.93 8.84
C LEU B 31 -24.44 -27.34 9.27
N ASN B 32 -23.91 -27.83 10.39
CA ASN B 32 -22.63 -27.40 10.95
C ASN B 32 -22.63 -25.89 11.21
N ALA B 33 -23.56 -25.46 12.06
CA ALA B 33 -23.65 -24.06 12.43
C ALA B 33 -22.46 -23.68 13.31
N LEU B 34 -21.71 -22.66 12.87
CA LEU B 34 -20.51 -22.23 13.59
C LEU B 34 -20.93 -21.42 14.82
N CYS B 35 -21.22 -22.14 15.89
CA CYS B 35 -21.58 -21.53 17.16
C CYS B 35 -20.32 -21.21 17.95
N ASP B 36 -20.48 -20.73 19.18
CA ASP B 36 -19.32 -20.39 20.01
C ASP B 36 -18.55 -21.63 20.42
N GLY B 37 -19.26 -22.68 20.85
CA GLY B 37 -18.59 -23.90 21.27
C GLY B 37 -17.88 -24.61 20.14
N LEU B 38 -18.51 -24.65 18.96
CA LEU B 38 -17.89 -25.30 17.81
C LEU B 38 -16.62 -24.56 17.39
N ILE B 39 -16.66 -23.22 17.36
CA ILE B 39 -15.49 -22.44 17.00
C ILE B 39 -14.39 -22.61 18.05
N ASP B 40 -14.78 -22.66 19.34
CA ASP B 40 -13.79 -22.87 20.40
C ASP B 40 -13.11 -24.23 20.26
N GLU B 41 -13.88 -25.28 20.00
CA GLU B 41 -13.31 -26.61 19.82
C GLU B 41 -12.43 -26.66 18.57
N LEU B 42 -12.84 -25.98 17.50
CA LEU B 42 -12.02 -25.93 16.30
C LEU B 42 -10.68 -25.24 16.56
N ASN B 43 -10.71 -24.13 17.29
CA ASN B 43 -9.48 -23.43 17.62
C ASN B 43 -8.58 -24.27 18.51
N GLN B 44 -9.18 -24.98 19.47
CA GLN B 44 -8.39 -25.86 20.34
C GLN B 44 -7.74 -26.99 19.53
N ALA B 45 -8.49 -27.58 18.61
CA ALA B 45 -7.93 -28.65 17.78
C ALA B 45 -6.82 -28.13 16.88
N LEU B 46 -7.00 -26.92 16.32
CA LEU B 46 -5.96 -26.33 15.50
C LEU B 46 -4.70 -26.06 16.32
N LYS B 47 -4.86 -25.55 17.54
CA LYS B 47 -3.70 -25.30 18.39
C LYS B 47 -3.00 -26.60 18.75
N THR B 48 -3.77 -27.66 19.03
CA THR B 48 -3.18 -28.95 19.37
C THR B 48 -2.39 -29.51 18.18
N PHE B 49 -2.97 -29.43 16.99
CA PHE B 49 -2.28 -29.93 15.80
C PHE B 49 -1.06 -29.06 15.45
N GLU B 50 -1.10 -27.77 15.79
CA GLU B 50 0.06 -26.91 15.56
C GLU B 50 1.19 -27.22 16.53
N GLU B 51 0.85 -27.48 17.79
CA GLU B 51 1.87 -27.81 18.78
C GLU B 51 2.41 -29.22 18.60
N ASP B 52 1.69 -30.11 17.93
CA ASP B 52 2.17 -31.46 17.73
C ASP B 52 3.22 -31.49 16.63
N PRO B 53 4.38 -32.11 16.86
CA PRO B 53 5.42 -32.14 15.81
C PRO B 53 5.18 -33.17 14.73
N ALA B 54 4.30 -34.15 14.95
CA ALA B 54 4.07 -35.19 13.95
C ALA B 54 3.12 -34.71 12.86
N VAL B 55 2.11 -33.92 13.21
CA VAL B 55 1.16 -33.42 12.24
C VAL B 55 1.85 -32.35 11.38
N GLY B 56 1.88 -32.58 10.08
CA GLY B 56 2.50 -31.64 9.16
C GLY B 56 1.50 -30.80 8.40
N ALA B 57 0.27 -31.30 8.27
CA ALA B 57 -0.77 -30.59 7.56
C ALA B 57 -2.12 -30.90 8.21
N ILE B 58 -3.04 -29.96 8.09
CA ILE B 58 -4.38 -30.08 8.67
C ILE B 58 -5.40 -30.11 7.53
N VAL B 59 -6.42 -30.96 7.68
CA VAL B 59 -7.48 -31.10 6.68
C VAL B 59 -8.80 -30.77 7.36
N LEU B 60 -9.46 -29.72 6.88
CA LEU B 60 -10.75 -29.29 7.39
C LEU B 60 -11.85 -29.86 6.51
N THR B 61 -12.79 -30.59 7.10
CA THR B 61 -13.87 -31.22 6.37
C THR B 61 -15.16 -31.07 7.16
N GLY B 62 -16.27 -30.92 6.43
CA GLY B 62 -17.57 -30.80 7.06
C GLY B 62 -18.43 -32.04 6.87
N GLY B 63 -19.71 -31.83 6.60
CA GLY B 63 -20.64 -32.91 6.39
C GLY B 63 -20.85 -33.21 4.91
N ASP B 64 -21.61 -34.28 4.66
CA ASP B 64 -21.91 -34.67 3.29
C ASP B 64 -22.99 -33.80 2.67
N LYS B 65 -23.95 -33.32 3.47
CA LYS B 65 -25.02 -32.47 2.97
C LYS B 65 -24.64 -30.99 2.94
N ALA B 66 -23.81 -30.56 3.88
CA ALA B 66 -23.39 -29.16 3.93
C ALA B 66 -22.08 -29.07 4.71
N PHE B 67 -21.14 -28.28 4.20
CA PHE B 67 -19.86 -28.10 4.89
C PHE B 67 -20.05 -27.31 6.17
N ALA B 68 -20.55 -26.08 6.07
CA ALA B 68 -20.80 -25.24 7.23
C ALA B 68 -21.79 -24.16 6.84
N ALA B 69 -22.93 -24.09 7.55
CA ALA B 69 -23.94 -23.09 7.24
C ALA B 69 -23.53 -21.69 7.65
N GLY B 70 -22.53 -21.56 8.52
CA GLY B 70 -22.07 -20.26 8.97
C GLY B 70 -22.28 -20.05 10.46
N ALA B 71 -22.21 -18.79 10.90
CA ALA B 71 -22.41 -18.48 12.30
C ALA B 71 -23.86 -18.74 12.72
N ASP B 72 -24.05 -18.99 14.01
CA ASP B 72 -25.38 -19.31 14.53
C ASP B 72 -26.22 -18.03 14.57
N ILE B 73 -27.24 -17.98 13.72
CA ILE B 73 -28.11 -16.79 13.67
C ILE B 73 -28.92 -16.67 14.95
N LYS B 74 -29.33 -17.80 15.53
CA LYS B 74 -30.15 -17.77 16.75
C LYS B 74 -29.40 -17.17 17.92
N GLU B 75 -28.06 -17.22 17.90
CA GLU B 75 -27.28 -16.66 18.99
C GLU B 75 -27.09 -15.16 18.84
N MET B 76 -26.77 -14.70 17.63
CA MET B 76 -26.52 -13.29 17.35
C MET B 76 -27.79 -12.54 16.95
N GLN B 77 -28.96 -13.03 17.36
CA GLN B 77 -30.21 -12.37 16.98
C GLN B 77 -30.45 -11.14 17.86
N ASN B 78 -30.56 -11.34 19.17
CA ASN B 78 -30.85 -10.25 20.10
C ASN B 78 -29.56 -9.59 20.58
N LEU B 79 -28.82 -9.05 19.62
CA LEU B 79 -27.56 -8.36 19.89
C LEU B 79 -27.64 -6.93 19.37
N SER B 80 -26.86 -6.05 19.99
CA SER B 80 -26.84 -4.63 19.66
C SER B 80 -25.43 -4.20 19.27
N PHE B 81 -25.31 -2.94 18.83
CA PHE B 81 -24.02 -2.43 18.40
C PHE B 81 -23.03 -2.39 19.56
N GLN B 82 -23.43 -1.81 20.69
CA GLN B 82 -22.55 -1.76 21.85
C GLN B 82 -22.26 -3.16 22.38
N ASP B 83 -23.23 -4.07 22.27
CA ASP B 83 -23.04 -5.43 22.74
C ASP B 83 -22.12 -6.21 21.80
N CYS B 84 -22.13 -5.87 20.51
CA CYS B 84 -21.29 -6.60 19.56
C CYS B 84 -19.86 -6.06 19.56
N TYR B 85 -19.69 -4.75 19.77
CA TYR B 85 -18.39 -4.11 19.64
C TYR B 85 -17.41 -4.61 20.70
N SER B 86 -17.75 -4.42 21.98
CA SER B 86 -16.87 -4.79 23.09
C SER B 86 -17.47 -5.97 23.83
N SER B 87 -17.16 -7.19 23.36
CA SER B 87 -17.63 -8.40 23.99
C SER B 87 -16.87 -9.62 23.48
N LYS B 88 -17.33 -10.82 23.86
CA LYS B 88 -16.81 -12.07 23.33
C LYS B 88 -17.67 -12.62 22.20
N PHE B 89 -18.43 -11.77 21.53
CA PHE B 89 -19.31 -12.18 20.45
C PHE B 89 -18.60 -11.98 19.11
N LEU B 90 -18.37 -13.10 18.40
CA LEU B 90 -17.77 -13.09 17.07
C LEU B 90 -16.40 -12.39 17.09
N LYS B 91 -15.49 -12.96 17.87
CA LYS B 91 -14.14 -12.42 18.01
C LYS B 91 -13.06 -13.41 17.63
N HIS B 92 -13.23 -14.68 17.95
CA HIS B 92 -12.21 -15.70 17.67
C HIS B 92 -12.47 -16.32 16.30
N TRP B 93 -12.29 -15.50 15.27
CA TRP B 93 -12.47 -15.94 13.89
C TRP B 93 -11.22 -15.81 13.04
N ASP B 94 -10.15 -15.22 13.57
CA ASP B 94 -8.91 -15.05 12.83
C ASP B 94 -7.84 -16.07 13.23
N HIS B 95 -8.18 -17.06 14.05
CA HIS B 95 -7.19 -18.04 14.48
C HIS B 95 -6.82 -18.99 13.34
N LEU B 96 -7.70 -19.14 12.34
CA LEU B 96 -7.40 -20.05 11.23
C LEU B 96 -6.27 -19.52 10.36
N THR B 97 -6.12 -18.19 10.28
CA THR B 97 -5.07 -17.58 9.48
C THR B 97 -3.78 -17.37 10.26
N GLN B 98 -3.76 -17.66 11.56
CA GLN B 98 -2.56 -17.48 12.37
C GLN B 98 -1.69 -18.72 12.44
N VAL B 99 -2.20 -19.89 12.05
CA VAL B 99 -1.42 -21.11 12.10
C VAL B 99 -0.38 -21.10 10.99
N LYS B 100 0.76 -21.74 11.24
CA LYS B 100 1.84 -21.81 10.26
C LYS B 100 1.75 -23.04 9.38
N LYS B 101 1.09 -24.11 9.83
CA LYS B 101 0.96 -25.31 9.04
C LYS B 101 -0.16 -25.16 8.02
N PRO B 102 -0.02 -25.77 6.84
CA PRO B 102 -1.07 -25.65 5.82
C PRO B 102 -2.37 -26.31 6.27
N VAL B 103 -3.48 -25.70 5.87
CA VAL B 103 -4.81 -26.18 6.18
C VAL B 103 -5.56 -26.41 4.87
N ILE B 104 -6.07 -27.62 4.69
CA ILE B 104 -6.79 -28.00 3.48
C ILE B 104 -8.28 -28.04 3.80
N ALA B 105 -9.08 -27.36 3.00
CA ALA B 105 -10.53 -27.28 3.19
C ALA B 105 -11.22 -28.24 2.23
N ALA B 106 -11.93 -29.21 2.78
CA ALA B 106 -12.70 -30.18 2.00
C ALA B 106 -14.18 -29.81 2.13
N VAL B 107 -14.70 -29.11 1.13
CA VAL B 107 -16.06 -28.61 1.13
C VAL B 107 -16.96 -29.62 0.42
N ASN B 108 -17.98 -30.09 1.12
CA ASN B 108 -18.98 -31.01 0.57
C ASN B 108 -20.37 -30.48 0.90
N GLY B 109 -21.16 -30.20 -0.13
CA GLY B 109 -22.51 -29.71 0.07
C GLY B 109 -22.56 -28.20 -0.01
N TYR B 110 -23.26 -27.58 0.95
CA TYR B 110 -23.44 -26.14 0.97
C TYR B 110 -22.31 -25.47 1.73
N ALA B 111 -21.88 -24.30 1.23
CA ALA B 111 -20.88 -23.47 1.89
C ALA B 111 -21.42 -22.04 1.87
N PHE B 112 -22.17 -21.68 2.91
CA PHE B 112 -22.84 -20.39 3.00
C PHE B 112 -22.27 -19.60 4.16
N GLY B 113 -22.01 -18.31 3.92
CA GLY B 113 -21.55 -17.42 4.96
C GLY B 113 -20.21 -17.82 5.57
N GLY B 114 -20.25 -18.27 6.82
CA GLY B 114 -19.01 -18.63 7.51
C GLY B 114 -18.29 -19.81 6.88
N GLY B 115 -19.04 -20.72 6.24
CA GLY B 115 -18.41 -21.87 5.62
C GLY B 115 -17.48 -21.46 4.49
N CYS B 116 -17.97 -20.65 3.56
CA CYS B 116 -17.15 -20.20 2.44
C CYS B 116 -15.98 -19.34 2.92
N GLU B 117 -16.21 -18.54 3.96
CA GLU B 117 -15.15 -17.70 4.49
C GLU B 117 -14.03 -18.55 5.10
N LEU B 118 -14.41 -19.56 5.91
CA LEU B 118 -13.41 -20.45 6.49
C LEU B 118 -12.69 -21.26 5.41
N ALA B 119 -13.41 -21.61 4.33
CA ALA B 119 -12.77 -22.32 3.23
C ALA B 119 -11.76 -21.44 2.50
N MET B 120 -12.10 -20.17 2.29
CA MET B 120 -11.19 -19.27 1.59
C MET B 120 -10.01 -18.87 2.46
N MET B 121 -10.19 -18.86 3.79
CA MET B 121 -9.07 -18.54 4.67
C MET B 121 -8.01 -19.64 4.68
N CYS B 122 -8.34 -20.83 4.20
CA CYS B 122 -7.36 -21.91 4.11
C CYS B 122 -6.45 -21.71 2.91
N ASP B 123 -5.45 -22.58 2.79
CA ASP B 123 -4.49 -22.51 1.69
C ASP B 123 -5.00 -23.22 0.45
N ILE B 124 -5.48 -24.45 0.60
CA ILE B 124 -5.99 -25.25 -0.51
C ILE B 124 -7.47 -25.52 -0.28
N ILE B 125 -8.27 -25.35 -1.33
CA ILE B 125 -9.72 -25.52 -1.26
C ILE B 125 -10.08 -26.68 -2.19
N TYR B 126 -10.60 -27.76 -1.61
CA TYR B 126 -11.04 -28.92 -2.36
C TYR B 126 -12.56 -29.07 -2.23
N ALA B 127 -13.24 -29.18 -3.36
CA ALA B 127 -14.69 -29.31 -3.38
C ALA B 127 -15.09 -30.47 -4.30
N GLY B 128 -16.34 -30.90 -4.15
CA GLY B 128 -16.89 -31.97 -4.95
C GLY B 128 -17.86 -31.47 -6.01
N GLU B 129 -18.42 -32.42 -6.75
CA GLU B 129 -19.37 -32.08 -7.80
C GLU B 129 -20.63 -31.45 -7.22
N LYS B 130 -21.13 -32.00 -6.12
CA LYS B 130 -22.32 -31.48 -5.45
C LYS B 130 -21.96 -30.45 -4.39
N ALA B 131 -21.20 -29.43 -4.79
CA ALA B 131 -20.77 -28.36 -3.90
C ALA B 131 -21.32 -27.03 -4.39
N GLN B 132 -21.83 -26.22 -3.47
CA GLN B 132 -22.42 -24.93 -3.80
C GLN B 132 -21.94 -23.89 -2.80
N PHE B 133 -21.14 -22.94 -3.28
CA PHE B 133 -20.63 -21.85 -2.47
C PHE B 133 -21.51 -20.62 -2.66
N ALA B 134 -21.73 -19.88 -1.58
CA ALA B 134 -22.53 -18.66 -1.64
C ALA B 134 -22.25 -17.81 -0.40
N GLN B 135 -22.73 -16.57 -0.45
CA GLN B 135 -22.61 -15.61 0.65
C GLN B 135 -23.96 -14.96 0.87
N PRO B 136 -24.89 -15.65 1.55
CA PRO B 136 -26.26 -15.14 1.73
C PRO B 136 -26.42 -14.27 2.97
N GLU B 137 -25.55 -13.27 3.13
CA GLU B 137 -25.71 -12.32 4.22
C GLU B 137 -26.69 -11.21 3.85
N ILE B 138 -26.82 -10.88 2.57
CA ILE B 138 -27.72 -9.81 2.15
C ILE B 138 -29.17 -10.23 2.25
N LEU B 139 -29.45 -11.54 2.33
CA LEU B 139 -30.83 -12.00 2.43
C LEU B 139 -31.42 -11.77 3.82
N ILE B 140 -30.59 -11.57 4.83
CA ILE B 140 -31.05 -11.30 6.19
C ILE B 140 -30.75 -9.89 6.64
N GLY B 141 -30.07 -9.10 5.82
CA GLY B 141 -29.77 -7.72 6.16
C GLY B 141 -28.37 -7.47 6.70
N THR B 142 -27.45 -8.42 6.53
CA THR B 142 -26.09 -8.28 7.04
C THR B 142 -25.09 -8.37 5.88
N ILE B 143 -23.81 -8.35 6.22
CA ILE B 143 -22.74 -8.44 5.23
C ILE B 143 -21.71 -9.45 5.75
N PRO B 144 -20.91 -10.02 4.85
CA PRO B 144 -19.80 -10.88 5.30
C PRO B 144 -18.85 -10.10 6.21
N GLY B 145 -18.19 -10.82 7.10
CA GLY B 145 -17.30 -10.19 8.05
C GLY B 145 -16.03 -10.97 8.36
N ALA B 146 -15.77 -12.03 7.60
CA ALA B 146 -14.60 -12.87 7.82
C ALA B 146 -13.92 -13.18 6.49
N GLY B 147 -13.77 -12.17 5.64
CA GLY B 147 -13.12 -12.35 4.36
C GLY B 147 -14.02 -12.79 3.24
N GLY B 148 -15.32 -12.51 3.33
CA GLY B 148 -16.25 -12.89 2.28
C GLY B 148 -16.26 -11.91 1.12
N THR B 149 -15.69 -10.72 1.35
CA THR B 149 -15.61 -9.69 0.32
C THR B 149 -14.19 -9.29 -0.02
N GLN B 150 -13.19 -9.76 0.73
CA GLN B 150 -11.79 -9.42 0.47
C GLN B 150 -11.07 -10.52 -0.30
N ARG B 151 -11.08 -11.75 0.22
CA ARG B 151 -10.43 -12.85 -0.48
C ARG B 151 -11.23 -13.31 -1.68
N LEU B 152 -12.57 -13.30 -1.56
CA LEU B 152 -13.41 -13.71 -2.67
C LEU B 152 -13.25 -12.80 -3.87
N THR B 153 -13.04 -11.50 -3.64
CA THR B 153 -12.86 -10.56 -4.74
C THR B 153 -11.49 -10.70 -5.38
N ARG B 154 -10.45 -10.90 -4.57
CA ARG B 154 -9.09 -11.02 -5.08
C ARG B 154 -8.80 -12.39 -5.70
N ALA B 155 -9.61 -13.40 -5.41
CA ALA B 155 -9.39 -14.74 -5.93
C ALA B 155 -10.31 -15.10 -7.10
N VAL B 156 -11.53 -14.58 -7.11
CA VAL B 156 -12.50 -14.90 -8.15
C VAL B 156 -12.58 -13.76 -9.15
N GLY B 157 -12.89 -12.57 -8.68
CA GLY B 157 -13.07 -11.41 -9.53
C GLY B 157 -14.04 -10.43 -8.90
N LYS B 158 -14.15 -9.26 -9.51
CA LYS B 158 -15.00 -8.21 -8.97
C LYS B 158 -16.47 -8.45 -9.32
N SER B 159 -16.74 -8.82 -10.58
CA SER B 159 -18.13 -8.94 -11.03
C SER B 159 -18.85 -10.09 -10.34
N LEU B 160 -18.24 -11.29 -10.33
CA LEU B 160 -18.90 -12.44 -9.72
C LEU B 160 -19.03 -12.28 -8.22
N ALA B 161 -18.04 -11.66 -7.57
CA ALA B 161 -18.14 -11.40 -6.14
C ALA B 161 -19.26 -10.40 -5.84
N MET B 162 -19.35 -9.33 -6.63
CA MET B 162 -20.44 -8.39 -6.46
C MET B 162 -21.80 -9.08 -6.64
N GLU B 163 -21.90 -9.95 -7.64
CA GLU B 163 -23.16 -10.65 -7.88
C GLU B 163 -23.52 -11.55 -6.70
N MET B 164 -22.55 -12.35 -6.22
CA MET B 164 -22.81 -13.26 -5.13
C MET B 164 -23.10 -12.53 -3.83
N VAL B 165 -22.56 -11.33 -3.65
CA VAL B 165 -22.81 -10.59 -2.42
C VAL B 165 -24.14 -9.86 -2.46
N LEU B 166 -24.50 -9.29 -3.61
CA LEU B 166 -25.73 -8.52 -3.73
C LEU B 166 -26.95 -9.39 -4.06
N THR B 167 -26.76 -10.64 -4.44
CA THR B 167 -27.89 -11.51 -4.75
C THR B 167 -27.90 -12.80 -3.95
N GLY B 168 -26.73 -13.37 -3.66
CA GLY B 168 -26.68 -14.63 -2.95
C GLY B 168 -26.93 -15.85 -3.81
N ASP B 169 -26.54 -15.79 -5.09
CA ASP B 169 -26.78 -16.90 -6.00
C ASP B 169 -25.87 -18.08 -5.66
N ARG B 170 -26.28 -19.27 -6.08
CA ARG B 170 -25.54 -20.50 -5.86
C ARG B 170 -24.67 -20.80 -7.07
N ILE B 171 -23.37 -20.97 -6.84
CA ILE B 171 -22.43 -21.29 -7.90
C ILE B 171 -21.98 -22.74 -7.72
N SER B 172 -21.62 -23.36 -8.85
CA SER B 172 -21.16 -24.74 -8.85
C SER B 172 -19.64 -24.79 -8.68
N ALA B 173 -19.14 -26.00 -8.41
CA ALA B 173 -17.69 -26.18 -8.27
C ALA B 173 -16.96 -25.96 -9.57
N GLN B 174 -17.61 -26.26 -10.71
CA GLN B 174 -16.98 -26.01 -12.01
C GLN B 174 -16.74 -24.51 -12.21
N ASP B 175 -17.72 -23.67 -11.89
CA ASP B 175 -17.53 -22.23 -11.99
C ASP B 175 -16.48 -21.74 -11.01
N ALA B 176 -16.41 -22.35 -9.82
CA ALA B 176 -15.39 -21.95 -8.85
C ALA B 176 -13.99 -22.28 -9.36
N LYS B 177 -13.82 -23.44 -10.00
CA LYS B 177 -12.52 -23.80 -10.55
C LYS B 177 -12.18 -22.94 -11.76
N GLN B 178 -13.19 -22.59 -12.56
CA GLN B 178 -12.95 -21.74 -13.72
C GLN B 178 -12.56 -20.32 -13.30
N ALA B 179 -13.18 -19.81 -12.23
CA ALA B 179 -12.85 -18.47 -11.77
C ALA B 179 -11.57 -18.43 -10.95
N GLY B 180 -11.34 -19.46 -10.14
CA GLY B 180 -10.14 -19.52 -9.33
C GLY B 180 -10.41 -19.67 -7.84
N LEU B 181 -11.61 -20.11 -7.49
CA LEU B 181 -11.96 -20.30 -6.09
C LEU B 181 -11.44 -21.63 -5.56
N VAL B 182 -11.67 -22.70 -6.30
CA VAL B 182 -11.19 -24.03 -5.92
C VAL B 182 -10.13 -24.46 -6.92
N SER B 183 -9.33 -25.45 -6.52
CA SER B 183 -8.23 -25.94 -7.33
C SER B 183 -8.53 -27.26 -8.04
N LYS B 184 -9.15 -28.21 -7.35
CA LYS B 184 -9.44 -29.51 -7.92
C LYS B 184 -10.89 -29.88 -7.65
N ILE B 185 -11.45 -30.71 -8.52
CA ILE B 185 -12.82 -31.21 -8.39
C ILE B 185 -12.75 -32.72 -8.32
N CYS B 186 -12.97 -33.26 -7.13
CA CYS B 186 -12.91 -34.69 -6.87
C CYS B 186 -14.30 -35.23 -6.51
N PRO B 187 -14.53 -36.53 -6.67
CA PRO B 187 -15.82 -37.10 -6.26
C PRO B 187 -16.08 -36.89 -4.78
N VAL B 188 -17.37 -36.84 -4.43
CA VAL B 188 -17.77 -36.58 -3.06
C VAL B 188 -17.40 -37.75 -2.15
N GLU B 189 -17.37 -38.97 -2.71
CA GLU B 189 -17.02 -40.15 -1.92
C GLU B 189 -15.52 -40.34 -1.75
N THR B 190 -14.70 -39.63 -2.54
CA THR B 190 -13.25 -39.76 -2.45
C THR B 190 -12.56 -38.42 -2.23
N LEU B 191 -13.31 -37.36 -1.92
CA LEU B 191 -12.67 -36.05 -1.70
C LEU B 191 -11.83 -36.07 -0.44
N VAL B 192 -12.28 -36.75 0.62
CA VAL B 192 -11.51 -36.83 1.85
C VAL B 192 -10.21 -37.58 1.61
N GLU B 193 -10.25 -38.64 0.80
CA GLU B 193 -9.03 -39.38 0.49
C GLU B 193 -8.04 -38.54 -0.29
N GLU B 194 -8.53 -37.75 -1.25
CA GLU B 194 -7.65 -36.87 -2.02
C GLU B 194 -7.06 -35.78 -1.12
N ALA B 195 -7.85 -35.25 -0.19
CA ALA B 195 -7.34 -34.26 0.74
C ALA B 195 -6.26 -34.87 1.65
N ILE B 196 -6.47 -36.10 2.11
CA ILE B 196 -5.48 -36.77 2.94
C ILE B 196 -4.20 -37.02 2.15
N GLN B 197 -4.33 -37.41 0.88
CA GLN B 197 -3.15 -37.62 0.05
C GLN B 197 -2.39 -36.32 -0.18
N CYS B 198 -3.12 -35.22 -0.40
CA CYS B 198 -2.46 -33.93 -0.56
C CYS B 198 -1.75 -33.51 0.71
N ALA B 199 -2.38 -33.75 1.87
CA ALA B 199 -1.75 -33.41 3.14
C ALA B 199 -0.50 -34.27 3.36
N GLU B 200 -0.53 -35.53 2.95
CA GLU B 200 0.66 -36.37 3.04
C GLU B 200 1.77 -35.87 2.14
N LYS B 201 1.42 -35.46 0.92
CA LYS B 201 2.43 -34.93 0.00
C LYS B 201 3.01 -33.61 0.50
N ILE B 202 2.21 -32.82 1.21
CA ILE B 202 2.71 -31.56 1.76
C ILE B 202 3.61 -31.82 2.96
N ALA B 203 3.18 -32.71 3.86
CA ALA B 203 3.94 -32.99 5.07
C ALA B 203 5.19 -33.82 4.82
N SER B 204 5.37 -34.36 3.61
CA SER B 204 6.55 -35.14 3.29
C SER B 204 7.79 -34.28 3.05
N ASN B 205 7.65 -32.96 3.09
CA ASN B 205 8.76 -32.05 2.86
C ASN B 205 9.18 -31.39 4.18
N SER B 206 10.15 -30.48 4.08
CA SER B 206 10.64 -29.79 5.26
C SER B 206 9.57 -28.82 5.80
N LYS B 207 9.26 -28.94 7.08
CA LYS B 207 8.19 -28.13 7.67
C LYS B 207 8.55 -26.66 7.68
N ILE B 208 9.80 -26.32 7.98
CA ILE B 208 10.21 -24.92 8.02
C ILE B 208 10.16 -24.30 6.63
N VAL B 209 10.60 -25.06 5.62
CA VAL B 209 10.54 -24.56 4.24
C VAL B 209 9.10 -24.42 3.79
N VAL B 210 8.23 -25.34 4.20
CA VAL B 210 6.81 -25.24 3.86
C VAL B 210 6.20 -24.00 4.49
N ALA B 211 6.56 -23.72 5.75
CA ALA B 211 6.04 -22.53 6.42
C ALA B 211 6.54 -21.26 5.75
N MET B 212 7.83 -21.23 5.37
CA MET B 212 8.36 -20.06 4.68
C MET B 212 7.68 -19.85 3.33
N ALA B 213 7.41 -20.94 2.60
CA ALA B 213 6.71 -20.81 1.33
C ALA B 213 5.27 -20.34 1.53
N LYS B 214 4.61 -20.83 2.58
CA LYS B 214 3.26 -20.36 2.88
C LYS B 214 3.26 -18.87 3.20
N GLU B 215 4.24 -18.41 3.98
CA GLU B 215 4.34 -16.98 4.28
C GLU B 215 4.62 -16.17 3.02
N SER B 216 5.47 -16.69 2.14
CA SER B 216 5.77 -15.99 0.89
C SER B 216 4.52 -15.87 0.02
N VAL B 217 3.71 -16.92 -0.04
CA VAL B 217 2.49 -16.87 -0.84
C VAL B 217 1.47 -15.93 -0.20
N ASN B 218 1.36 -15.96 1.13
CA ASN B 218 0.43 -15.07 1.80
C ASN B 218 0.84 -13.60 1.67
N ALA B 219 2.14 -13.33 1.54
CA ALA B 219 2.61 -11.96 1.37
C ALA B 219 2.21 -11.34 0.04
N ALA B 220 1.62 -12.12 -0.87
CA ALA B 220 1.20 -11.59 -2.17
C ALA B 220 -0.05 -10.73 -2.09
N PHE B 221 -0.82 -10.83 -1.01
CA PHE B 221 -2.01 -10.02 -0.83
C PHE B 221 -1.83 -8.88 0.16
N GLU B 222 -0.74 -8.88 0.94
CA GLU B 222 -0.50 -7.86 1.94
C GLU B 222 0.60 -6.88 1.55
N MET B 223 1.40 -7.19 0.53
CA MET B 223 2.51 -6.35 0.12
C MET B 223 2.45 -6.09 -1.38
N THR B 224 3.31 -5.19 -1.84
CA THR B 224 3.40 -4.86 -3.25
C THR B 224 4.20 -5.92 -4.00
N LEU B 225 4.38 -5.71 -5.30
CA LEU B 225 5.13 -6.66 -6.11
C LEU B 225 6.63 -6.53 -5.87
N THR B 226 7.14 -5.29 -5.81
CA THR B 226 8.57 -5.09 -5.59
C THR B 226 8.98 -5.54 -4.19
N GLU B 227 8.27 -5.08 -3.16
CA GLU B 227 8.59 -5.51 -1.81
C GLU B 227 8.30 -6.99 -1.61
N GLY B 228 7.29 -7.51 -2.30
CA GLY B 228 7.04 -8.95 -2.25
C GLY B 228 8.21 -9.75 -2.80
N SER B 229 8.74 -9.33 -3.95
CA SER B 229 9.92 -9.99 -4.51
C SER B 229 11.14 -9.83 -3.62
N LYS B 230 11.27 -8.67 -2.97
CA LYS B 230 12.39 -8.46 -2.05
C LYS B 230 12.32 -9.42 -0.86
N LEU B 231 11.13 -9.53 -0.25
CA LEU B 231 10.95 -10.46 0.84
C LEU B 231 11.14 -11.91 0.39
N GLU B 232 10.72 -12.23 -0.84
CA GLU B 232 10.92 -13.57 -1.36
C GLU B 232 12.40 -13.87 -1.53
N LYS B 233 13.17 -12.91 -2.05
CA LYS B 233 14.62 -13.09 -2.16
C LYS B 233 15.26 -13.23 -0.79
N LYS B 234 14.81 -12.45 0.20
CA LYS B 234 15.36 -12.56 1.54
C LYS B 234 15.09 -13.93 2.15
N LEU B 235 13.87 -14.44 1.98
CA LEU B 235 13.55 -15.76 2.51
C LEU B 235 14.30 -16.86 1.76
N PHE B 236 14.48 -16.72 0.45
CA PHE B 236 15.26 -17.69 -0.31
C PHE B 236 16.72 -17.71 0.15
N TYR B 237 17.27 -16.53 0.46
CA TYR B 237 18.63 -16.47 0.98
C TYR B 237 18.72 -17.05 2.38
N SER B 238 17.69 -16.85 3.21
CA SER B 238 17.68 -17.41 4.56
C SER B 238 17.47 -18.91 4.58
N THR B 239 16.85 -19.48 3.54
CA THR B 239 16.65 -20.92 3.48
C THR B 239 17.97 -21.70 3.39
N PHE B 240 19.08 -21.03 3.06
CA PHE B 240 20.38 -21.69 2.97
C PHE B 240 21.05 -21.88 4.32
N ALA B 241 20.33 -21.64 5.42
CA ALA B 241 20.86 -21.82 6.76
C ALA B 241 20.43 -23.14 7.39
N THR B 242 19.56 -23.89 6.74
CA THR B 242 19.08 -25.17 7.25
C THR B 242 19.82 -26.32 6.58
N ASP B 243 19.64 -27.51 7.15
CA ASP B 243 20.28 -28.71 6.62
C ASP B 243 19.43 -29.42 5.58
N ASP B 244 18.10 -29.25 5.62
CA ASP B 244 17.24 -29.90 4.65
C ASP B 244 17.48 -29.39 3.24
N ARG B 245 17.83 -28.10 3.10
CA ARG B 245 18.14 -27.54 1.79
C ARG B 245 19.32 -28.27 1.17
N LYS B 246 20.44 -28.34 1.90
CA LYS B 246 21.62 -29.02 1.38
C LYS B 246 21.36 -30.51 1.18
N GLU B 247 20.56 -31.13 2.05
CA GLU B 247 20.24 -32.54 1.88
C GLU B 247 19.47 -32.77 0.59
N GLY B 248 18.46 -31.94 0.31
CA GLY B 248 17.72 -32.08 -0.92
C GLY B 248 18.55 -31.79 -2.15
N MET B 249 19.44 -30.80 -2.07
CA MET B 249 20.32 -30.51 -3.20
C MET B 249 21.26 -31.67 -3.48
N THR B 250 21.84 -32.25 -2.42
CA THR B 250 22.73 -33.39 -2.60
C THR B 250 21.97 -34.61 -3.13
N ALA B 251 20.72 -34.79 -2.70
CA ALA B 251 19.91 -35.90 -3.21
C ALA B 251 19.59 -35.70 -4.68
N PHE B 252 19.31 -34.46 -5.09
CA PHE B 252 19.04 -34.19 -6.50
C PHE B 252 20.28 -34.37 -7.35
N VAL B 253 21.44 -33.98 -6.83
CA VAL B 253 22.69 -34.15 -7.57
C VAL B 253 23.03 -35.63 -7.71
N GLU B 254 22.92 -36.39 -6.62
CA GLU B 254 23.23 -37.81 -6.62
C GLU B 254 22.09 -38.67 -7.13
N LYS B 255 20.95 -38.07 -7.49
CA LYS B 255 19.79 -38.78 -8.03
C LYS B 255 19.29 -39.85 -7.05
N ARG B 256 18.89 -39.37 -5.87
CA ARG B 256 18.36 -40.23 -4.82
C ARG B 256 17.23 -39.49 -4.11
N LYS B 257 16.69 -40.13 -3.07
CA LYS B 257 15.59 -39.56 -2.31
C LYS B 257 16.12 -38.69 -1.18
N ALA B 258 15.50 -37.53 -0.99
CA ALA B 258 15.92 -36.59 0.03
C ALA B 258 15.27 -36.95 1.36
N ASN B 259 16.10 -37.19 2.38
CA ASN B 259 15.62 -37.54 3.72
C ASN B 259 15.63 -36.27 4.56
N PHE B 260 14.52 -35.53 4.51
CA PHE B 260 14.41 -34.30 5.29
C PHE B 260 14.24 -34.63 6.77
N LYS B 261 14.85 -33.79 7.62
CA LYS B 261 14.80 -33.98 9.07
C LYS B 261 14.12 -32.83 9.79
N ASP B 262 13.42 -31.95 9.06
CA ASP B 262 12.72 -30.81 9.64
C ASP B 262 13.69 -29.91 10.42
N GLN B 263 14.87 -29.69 9.86
CA GLN B 263 15.87 -28.85 10.50
C GLN B 263 16.66 -28.05 9.47
N ALA C 4 27.37 -10.97 -29.90
CA ALA C 4 28.64 -11.66 -29.71
C ALA C 4 28.51 -13.15 -29.96
N ASN C 5 29.58 -13.90 -29.68
CA ASN C 5 29.59 -15.34 -29.86
C ASN C 5 29.06 -15.99 -28.60
N PHE C 6 27.74 -16.14 -28.53
CA PHE C 6 27.09 -16.75 -27.38
C PHE C 6 27.09 -18.27 -27.53
N GLU C 7 27.50 -18.96 -26.45
CA GLU C 7 27.58 -20.42 -26.46
C GLU C 7 26.37 -21.09 -25.84
N TYR C 8 25.71 -20.45 -24.87
CA TYR C 8 24.56 -21.05 -24.20
C TYR C 8 23.24 -20.70 -24.86
N ILE C 9 23.13 -19.50 -25.46
CA ILE C 9 21.91 -19.05 -26.11
C ILE C 9 22.25 -18.62 -27.53
N ILE C 10 21.19 -18.36 -28.30
CA ILE C 10 21.31 -17.87 -29.67
C ILE C 10 20.39 -16.65 -29.80
N ALA C 11 20.97 -15.48 -30.02
CA ALA C 11 20.22 -14.25 -30.17
C ALA C 11 20.28 -13.82 -31.62
N GLU C 12 19.12 -13.74 -32.27
CA GLU C 12 19.05 -13.38 -33.68
C GLU C 12 17.94 -12.36 -33.90
N LYS C 13 17.89 -11.82 -35.11
CA LYS C 13 16.91 -10.81 -35.50
C LYS C 13 16.02 -11.41 -36.57
N ARG C 14 14.81 -11.79 -36.18
CA ARG C 14 13.82 -12.39 -37.05
C ARG C 14 12.61 -11.48 -37.17
N GLY C 15 11.62 -11.93 -37.92
CA GLY C 15 10.38 -11.20 -38.12
C GLY C 15 10.38 -10.39 -39.41
N LYS C 16 9.24 -9.78 -39.68
CA LYS C 16 9.10 -8.94 -40.86
C LYS C 16 9.93 -7.68 -40.73
N ASN C 17 10.74 -7.39 -41.75
CA ASN C 17 11.62 -6.23 -41.81
C ASN C 17 12.65 -6.23 -40.68
N ASN C 18 12.90 -7.39 -40.08
CA ASN C 18 13.90 -7.56 -39.02
C ASN C 18 13.62 -6.62 -37.85
N THR C 19 12.45 -6.81 -37.23
CA THR C 19 12.03 -6.01 -36.10
C THR C 19 11.79 -6.82 -34.83
N VAL C 20 12.05 -8.11 -34.85
CA VAL C 20 11.84 -8.99 -33.69
C VAL C 20 13.17 -9.57 -33.26
N GLY C 21 13.41 -9.59 -31.95
CA GLY C 21 14.59 -10.19 -31.38
C GLY C 21 14.27 -11.53 -30.75
N LEU C 22 14.82 -12.59 -31.33
CA LEU C 22 14.54 -13.95 -30.90
C LEU C 22 15.73 -14.49 -30.12
N ILE C 23 15.48 -14.90 -28.87
CA ILE C 23 16.49 -15.47 -28.00
C ILE C 23 16.10 -16.91 -27.73
N GLN C 24 16.84 -17.85 -28.32
CA GLN C 24 16.58 -19.28 -28.18
C GLN C 24 17.59 -19.89 -27.23
N LEU C 25 17.10 -20.57 -26.19
CA LEU C 25 17.95 -21.24 -25.23
C LEU C 25 18.46 -22.55 -25.84
N ASN C 26 19.77 -22.63 -26.06
CA ASN C 26 20.39 -23.79 -26.70
C ASN C 26 21.17 -24.56 -25.63
N ARG C 27 20.49 -25.48 -24.96
CA ARG C 27 21.12 -26.32 -23.94
C ARG C 27 20.28 -27.57 -23.72
N PRO C 28 20.32 -28.54 -24.64
CA PRO C 28 19.48 -29.74 -24.46
C PRO C 28 20.00 -30.72 -23.43
N LYS C 29 21.30 -30.71 -23.13
CA LYS C 29 21.87 -31.65 -22.18
C LYS C 29 21.56 -31.31 -20.73
N ALA C 30 20.96 -30.14 -20.47
CA ALA C 30 20.62 -29.76 -19.10
C ALA C 30 19.25 -29.11 -19.01
N LEU C 31 18.40 -29.29 -20.03
CA LEU C 31 17.05 -28.72 -20.07
C LEU C 31 17.09 -27.20 -19.89
N ASN C 32 18.07 -26.56 -20.53
CA ASN C 32 18.26 -25.11 -20.48
C ASN C 32 18.42 -24.63 -19.03
N ALA C 33 19.43 -25.16 -18.36
CA ALA C 33 19.70 -24.79 -16.99
C ALA C 33 20.20 -23.35 -16.92
N LEU C 34 19.54 -22.53 -16.11
CA LEU C 34 19.88 -21.11 -15.98
C LEU C 34 21.13 -20.99 -15.12
N CYS C 35 22.29 -21.12 -15.75
CA CYS C 35 23.57 -20.97 -15.06
C CYS C 35 24.00 -19.52 -15.09
N ASP C 36 25.22 -19.24 -14.62
CA ASP C 36 25.70 -17.86 -14.61
C ASP C 36 25.99 -17.35 -16.01
N GLY C 37 26.65 -18.17 -16.83
CA GLY C 37 26.97 -17.75 -18.18
C GLY C 37 25.73 -17.57 -19.05
N LEU C 38 24.74 -18.46 -18.90
CA LEU C 38 23.51 -18.33 -19.67
C LEU C 38 22.76 -17.07 -19.28
N ILE C 39 22.69 -16.76 -17.98
CA ILE C 39 22.01 -15.55 -17.54
C ILE C 39 22.77 -14.32 -18.02
N ASP C 40 24.10 -14.36 -18.01
CA ASP C 40 24.89 -13.23 -18.49
C ASP C 40 24.63 -13.00 -19.98
N GLU C 41 24.63 -14.07 -20.78
CA GLU C 41 24.37 -13.93 -22.20
C GLU C 41 22.95 -13.43 -22.46
N LEU C 42 21.99 -13.90 -21.67
CA LEU C 42 20.61 -13.43 -21.82
C LEU C 42 20.51 -11.93 -21.51
N ASN C 43 21.18 -11.48 -20.46
CA ASN C 43 21.15 -10.07 -20.12
C ASN C 43 21.84 -9.24 -21.20
N GLN C 44 22.95 -9.74 -21.75
CA GLN C 44 23.62 -9.02 -22.82
C GLN C 44 22.73 -8.92 -24.06
N ALA C 45 22.05 -10.01 -24.42
CA ALA C 45 21.15 -9.98 -25.57
C ALA C 45 19.98 -9.04 -25.34
N LEU C 46 19.44 -9.02 -24.11
CA LEU C 46 18.36 -8.09 -23.80
C LEU C 46 18.82 -6.65 -23.91
N LYS C 47 20.03 -6.35 -23.41
CA LYS C 47 20.55 -4.99 -23.52
C LYS C 47 20.78 -4.60 -24.98
N THR C 48 21.28 -5.54 -25.80
CA THR C 48 21.50 -5.25 -27.21
C THR C 48 20.19 -4.99 -27.92
N PHE C 49 19.17 -5.79 -27.63
CA PHE C 49 17.87 -5.58 -28.27
C PHE C 49 17.18 -4.32 -27.76
N GLU C 50 17.48 -3.90 -26.53
CA GLU C 50 16.90 -2.68 -26.00
C GLU C 50 17.57 -1.45 -26.59
N GLU C 51 18.89 -1.49 -26.79
CA GLU C 51 19.60 -0.36 -27.38
C GLU C 51 19.40 -0.25 -28.88
N ASP C 52 18.99 -1.33 -29.54
CA ASP C 52 18.78 -1.29 -30.98
C ASP C 52 17.45 -0.60 -31.30
N PRO C 53 17.44 0.41 -32.18
CA PRO C 53 16.18 1.10 -32.48
C PRO C 53 15.26 0.35 -33.42
N ALA C 54 15.75 -0.69 -34.12
CA ALA C 54 14.90 -1.42 -35.05
C ALA C 54 14.05 -2.46 -34.35
N VAL C 55 14.60 -3.12 -33.32
CA VAL C 55 13.85 -4.14 -32.59
C VAL C 55 12.78 -3.45 -31.74
N GLY C 56 11.53 -3.85 -31.96
CA GLY C 56 10.41 -3.28 -31.22
C GLY C 56 9.89 -4.20 -30.13
N ALA C 57 10.11 -5.50 -30.30
CA ALA C 57 9.64 -6.48 -29.34
C ALA C 57 10.63 -7.63 -29.29
N ILE C 58 10.65 -8.32 -28.14
CA ILE C 58 11.57 -9.44 -27.91
C ILE C 58 10.73 -10.69 -27.68
N VAL C 59 11.21 -11.82 -28.20
CA VAL C 59 10.53 -13.11 -28.05
C VAL C 59 11.51 -14.08 -27.38
N LEU C 60 11.13 -14.57 -26.21
CA LEU C 60 11.93 -15.53 -25.46
C LEU C 60 11.41 -16.93 -25.72
N THR C 61 12.29 -17.81 -26.18
CA THR C 61 11.94 -19.18 -26.52
C THR C 61 13.02 -20.13 -26.03
N GLY C 62 12.60 -21.30 -25.58
CA GLY C 62 13.53 -22.30 -25.11
C GLY C 62 13.67 -23.47 -26.05
N GLY C 63 13.64 -24.69 -25.51
CA GLY C 63 13.75 -25.89 -26.31
C GLY C 63 12.41 -26.56 -26.56
N ASP C 64 12.42 -27.53 -27.46
CA ASP C 64 11.20 -28.26 -27.78
C ASP C 64 10.81 -29.25 -26.68
N LYS C 65 11.80 -29.75 -25.92
CA LYS C 65 11.52 -30.68 -24.83
C LYS C 65 11.37 -29.97 -23.49
N ALA C 66 12.03 -28.84 -23.31
CA ALA C 66 11.95 -28.10 -22.04
C ALA C 66 12.31 -26.65 -22.30
N PHE C 67 11.51 -25.73 -21.77
CA PHE C 67 11.80 -24.31 -21.92
C PHE C 67 12.99 -23.90 -21.05
N ALA C 68 12.86 -24.08 -19.74
CA ALA C 68 13.94 -23.75 -18.80
C ALA C 68 13.68 -24.49 -17.50
N ALA C 69 14.63 -25.32 -17.09
CA ALA C 69 14.50 -26.11 -15.87
C ALA C 69 14.90 -25.35 -14.61
N GLY C 70 15.15 -24.05 -14.72
CA GLY C 70 15.51 -23.25 -13.57
C GLY C 70 17.01 -23.06 -13.45
N ALA C 71 17.41 -22.57 -12.28
CA ALA C 71 18.81 -22.35 -12.00
C ALA C 71 19.56 -23.67 -11.87
N ASP C 72 20.89 -23.59 -12.04
CA ASP C 72 21.75 -24.76 -11.96
C ASP C 72 21.89 -25.16 -10.49
N ILE C 73 21.25 -26.27 -10.11
CA ILE C 73 21.33 -26.73 -8.73
C ILE C 73 22.73 -27.23 -8.41
N LYS C 74 23.44 -27.78 -9.41
CA LYS C 74 24.80 -28.27 -9.18
C LYS C 74 25.78 -27.17 -8.86
N GLU C 75 25.46 -25.92 -9.22
CA GLU C 75 26.35 -24.80 -8.93
C GLU C 75 26.06 -24.16 -7.57
N MET C 76 24.78 -24.05 -7.20
CA MET C 76 24.39 -23.47 -5.92
C MET C 76 24.26 -24.52 -4.82
N GLN C 77 24.91 -25.68 -4.97
CA GLN C 77 24.83 -26.72 -3.97
C GLN C 77 25.68 -26.39 -2.74
N ASN C 78 26.97 -26.14 -2.94
CA ASN C 78 27.89 -25.85 -1.84
C ASN C 78 27.92 -24.36 -1.54
N LEU C 79 26.74 -23.83 -1.20
CA LEU C 79 26.59 -22.42 -0.84
C LEU C 79 26.10 -22.32 0.60
N SER C 80 26.46 -21.22 1.25
CA SER C 80 26.09 -20.95 2.64
C SER C 80 25.26 -19.68 2.71
N PHE C 81 24.86 -19.32 3.94
CA PHE C 81 24.06 -18.12 4.13
C PHE C 81 24.87 -16.86 3.82
N GLN C 82 26.18 -16.89 4.12
CA GLN C 82 27.02 -15.73 3.83
C GLN C 82 27.25 -15.57 2.34
N ASP C 83 27.30 -16.69 1.60
CA ASP C 83 27.54 -16.63 0.16
C ASP C 83 26.31 -16.15 -0.61
N CYS C 84 25.13 -16.20 0.00
CA CYS C 84 23.92 -15.74 -0.68
C CYS C 84 23.73 -14.23 -0.60
N TYR C 85 24.13 -13.60 0.51
CA TYR C 85 24.09 -12.15 0.62
C TYR C 85 25.26 -11.49 -0.08
N SER C 86 26.35 -12.21 -0.29
CA SER C 86 27.46 -11.74 -1.12
C SER C 86 26.97 -11.64 -2.56
N SER C 87 26.91 -10.42 -3.09
CA SER C 87 26.30 -10.19 -4.40
C SER C 87 27.20 -10.67 -5.53
N LYS C 88 27.39 -11.99 -5.65
CA LYS C 88 28.21 -12.52 -6.72
C LYS C 88 27.63 -13.79 -7.33
N PHE C 89 26.68 -14.44 -6.63
CA PHE C 89 26.20 -15.75 -7.06
C PHE C 89 24.87 -15.57 -7.78
N LEU C 90 23.83 -15.04 -7.13
CA LEU C 90 22.50 -14.95 -7.74
C LEU C 90 21.91 -13.57 -7.44
N LYS C 91 22.29 -12.61 -8.27
CA LYS C 91 21.72 -11.26 -8.20
C LYS C 91 21.08 -10.83 -9.50
N HIS C 92 21.70 -11.16 -10.64
CA HIS C 92 21.18 -10.78 -11.95
C HIS C 92 19.97 -11.66 -12.30
N TRP C 93 18.81 -11.26 -11.77
CA TRP C 93 17.56 -11.93 -12.09
C TRP C 93 16.41 -10.97 -12.37
N ASP C 94 16.54 -9.69 -12.03
CA ASP C 94 15.47 -8.72 -12.24
C ASP C 94 15.64 -7.91 -13.52
N HIS C 95 16.72 -8.14 -14.28
CA HIS C 95 16.95 -7.37 -15.51
C HIS C 95 15.83 -7.59 -16.51
N LEU C 96 15.22 -8.79 -16.53
CA LEU C 96 14.10 -9.04 -17.42
C LEU C 96 12.93 -8.12 -17.13
N THR C 97 12.81 -7.65 -15.88
CA THR C 97 11.77 -6.72 -15.48
C THR C 97 12.22 -5.26 -15.62
N GLN C 98 13.46 -5.02 -16.05
CA GLN C 98 13.97 -3.66 -16.19
C GLN C 98 13.86 -3.14 -17.62
N VAL C 99 13.68 -4.02 -18.60
CA VAL C 99 13.60 -3.59 -19.99
C VAL C 99 12.27 -2.88 -20.22
N LYS C 100 12.26 -1.94 -21.16
CA LYS C 100 11.07 -1.18 -21.49
C LYS C 100 10.29 -1.79 -22.66
N LYS C 101 10.94 -2.58 -23.50
CA LYS C 101 10.26 -3.19 -24.62
C LYS C 101 9.56 -4.48 -24.20
N PRO C 102 8.42 -4.80 -24.80
CA PRO C 102 7.70 -6.02 -24.42
C PRO C 102 8.49 -7.27 -24.75
N VAL C 103 8.38 -8.27 -23.89
CA VAL C 103 9.03 -9.55 -24.06
C VAL C 103 7.97 -10.64 -24.08
N ILE C 104 8.01 -11.49 -25.10
CA ILE C 104 7.06 -12.58 -25.27
C ILE C 104 7.77 -13.88 -24.94
N ALA C 105 7.15 -14.67 -24.06
CA ALA C 105 7.72 -15.94 -23.62
C ALA C 105 7.02 -17.09 -24.36
N ALA C 106 7.80 -17.87 -25.10
CA ALA C 106 7.29 -19.03 -25.84
C ALA C 106 7.66 -20.28 -25.05
N VAL C 107 6.71 -20.79 -24.26
CA VAL C 107 6.95 -21.93 -23.38
C VAL C 107 6.68 -23.21 -24.15
N ASN C 108 7.69 -24.08 -24.23
CA ASN C 108 7.56 -25.38 -24.88
C ASN C 108 8.23 -26.43 -24.01
N GLY C 109 7.47 -27.46 -23.65
CA GLY C 109 8.00 -28.54 -22.84
C GLY C 109 7.97 -28.25 -21.36
N TYR C 110 8.99 -28.71 -20.64
CA TYR C 110 9.06 -28.53 -19.20
C TYR C 110 9.50 -27.12 -18.85
N ALA C 111 8.70 -26.43 -18.04
CA ALA C 111 9.02 -25.09 -17.53
C ALA C 111 8.81 -25.13 -16.02
N PHE C 112 9.85 -25.54 -15.29
CA PHE C 112 9.78 -25.73 -13.86
C PHE C 112 10.75 -24.79 -13.15
N GLY C 113 10.28 -24.17 -12.07
CA GLY C 113 11.11 -23.29 -11.28
C GLY C 113 11.44 -21.98 -11.96
N GLY C 114 12.72 -21.81 -12.33
CA GLY C 114 13.14 -20.57 -12.96
C GLY C 114 12.47 -20.31 -14.29
N GLY C 115 12.05 -21.37 -14.99
CA GLY C 115 11.38 -21.18 -16.26
C GLY C 115 10.04 -20.47 -16.10
N CYS C 116 9.22 -20.95 -15.16
CA CYS C 116 7.94 -20.29 -14.90
C CYS C 116 8.14 -18.87 -14.39
N GLU C 117 9.19 -18.65 -13.60
CA GLU C 117 9.47 -17.31 -13.11
C GLU C 117 9.81 -16.35 -14.25
N LEU C 118 10.70 -16.78 -15.15
CA LEU C 118 11.07 -15.96 -16.29
C LEU C 118 9.87 -15.75 -17.22
N ALA C 119 8.99 -16.74 -17.32
CA ALA C 119 7.79 -16.58 -18.13
C ALA C 119 6.84 -15.56 -17.53
N MET C 120 6.67 -15.59 -16.20
CA MET C 120 5.75 -14.66 -15.55
C MET C 120 6.34 -13.25 -15.50
N MET C 121 7.66 -13.12 -15.49
CA MET C 121 8.26 -11.78 -15.50
C MET C 121 8.09 -11.07 -16.84
N CYS C 122 7.71 -11.80 -17.90
CA CYS C 122 7.46 -11.18 -19.19
C CYS C 122 6.04 -10.59 -19.22
N ASP C 123 5.69 -9.99 -20.35
CA ASP C 123 4.37 -9.38 -20.52
C ASP C 123 3.34 -10.38 -21.04
N ILE C 124 3.67 -11.06 -22.13
CA ILE C 124 2.78 -12.04 -22.76
C ILE C 124 3.40 -13.43 -22.59
N ILE C 125 2.57 -14.40 -22.19
CA ILE C 125 3.01 -15.76 -21.95
C ILE C 125 2.30 -16.67 -22.94
N TYR C 126 3.06 -17.19 -23.90
CA TYR C 126 2.54 -18.14 -24.89
C TYR C 126 3.09 -19.52 -24.58
N ALA C 127 2.20 -20.48 -24.38
CA ALA C 127 2.57 -21.85 -24.04
C ALA C 127 2.09 -22.81 -25.12
N GLY C 128 2.83 -23.89 -25.31
CA GLY C 128 2.47 -24.90 -26.28
C GLY C 128 1.41 -25.86 -25.75
N GLU C 129 1.00 -26.78 -26.62
CA GLU C 129 -0.01 -27.75 -26.24
C GLU C 129 0.50 -28.75 -25.21
N LYS C 130 1.82 -28.99 -25.19
CA LYS C 130 2.43 -29.92 -24.26
C LYS C 130 3.27 -29.20 -23.20
N ALA C 131 2.94 -27.94 -22.93
CA ALA C 131 3.68 -27.16 -21.93
C ALA C 131 3.19 -27.50 -20.53
N GLN C 132 4.12 -27.43 -19.57
CA GLN C 132 3.82 -27.76 -18.19
C GLN C 132 4.50 -26.75 -17.27
N PHE C 133 3.78 -26.33 -16.24
CA PHE C 133 4.28 -25.38 -15.25
C PHE C 133 4.19 -26.00 -13.86
N ALA C 134 5.24 -25.78 -13.06
CA ALA C 134 5.29 -26.31 -11.70
C ALA C 134 6.37 -25.56 -10.93
N GLN C 135 6.37 -25.76 -9.62
CA GLN C 135 7.36 -25.17 -8.71
C GLN C 135 7.97 -26.28 -7.88
N PRO C 136 8.94 -27.01 -8.42
CA PRO C 136 9.54 -28.14 -7.69
C PRO C 136 10.55 -27.75 -6.63
N GLU C 137 10.62 -26.47 -6.24
CA GLU C 137 11.56 -26.06 -5.21
C GLU C 137 11.32 -26.81 -3.91
N ILE C 138 10.04 -27.00 -3.53
CA ILE C 138 9.73 -27.73 -2.30
C ILE C 138 10.20 -29.17 -2.37
N LEU C 139 10.49 -29.69 -3.57
CA LEU C 139 11.01 -31.03 -3.70
C LEU C 139 12.49 -31.12 -3.39
N ILE C 140 13.21 -30.00 -3.41
CA ILE C 140 14.63 -29.97 -3.11
C ILE C 140 14.92 -29.18 -1.85
N GLY C 141 13.89 -28.76 -1.11
CA GLY C 141 14.09 -28.03 0.12
C GLY C 141 14.33 -26.55 -0.05
N THR C 142 13.92 -25.97 -1.17
CA THR C 142 14.09 -24.55 -1.44
C THR C 142 12.73 -23.93 -1.73
N ILE C 143 12.74 -22.61 -1.98
CA ILE C 143 11.53 -21.88 -2.33
C ILE C 143 11.82 -21.01 -3.54
N PRO C 144 10.81 -20.66 -4.32
CA PRO C 144 11.01 -19.72 -5.43
C PRO C 144 11.52 -18.38 -4.92
N GLY C 145 12.20 -17.65 -5.81
CA GLY C 145 12.78 -16.38 -5.43
C GLY C 145 12.68 -15.29 -6.49
N ALA C 146 12.06 -15.59 -7.62
CA ALA C 146 11.94 -14.67 -8.73
C ALA C 146 10.49 -14.53 -9.17
N GLY C 147 9.60 -14.36 -8.19
CA GLY C 147 8.19 -14.17 -8.48
C GLY C 147 7.35 -15.42 -8.50
N GLY C 148 7.90 -16.57 -8.09
CA GLY C 148 7.14 -17.79 -8.07
C GLY C 148 6.01 -17.82 -7.06
N THR C 149 6.12 -17.02 -5.99
CA THR C 149 5.08 -16.92 -4.98
C THR C 149 4.40 -15.57 -4.96
N GLN C 150 4.80 -14.64 -5.83
CA GLN C 150 4.21 -13.31 -5.88
C GLN C 150 3.38 -13.07 -7.13
N ARG C 151 3.96 -13.30 -8.32
CA ARG C 151 3.22 -13.10 -9.55
C ARG C 151 2.26 -14.26 -9.81
N LEU C 152 2.67 -15.49 -9.48
CA LEU C 152 1.80 -16.64 -9.71
C LEU C 152 0.54 -16.56 -8.85
N THR C 153 0.68 -16.13 -7.60
CA THR C 153 -0.48 -16.05 -6.73
C THR C 153 -1.47 -14.98 -7.20
N ARG C 154 -0.96 -13.86 -7.72
CA ARG C 154 -1.84 -12.80 -8.19
C ARG C 154 -2.46 -13.13 -9.55
N ALA C 155 -1.76 -13.92 -10.37
CA ALA C 155 -2.26 -14.22 -11.71
C ALA C 155 -3.23 -15.39 -11.70
N VAL C 156 -2.87 -16.48 -11.02
CA VAL C 156 -3.68 -17.69 -11.03
C VAL C 156 -4.68 -17.70 -9.87
N GLY C 157 -4.23 -17.36 -8.67
CA GLY C 157 -5.05 -17.42 -7.48
C GLY C 157 -4.26 -17.88 -6.28
N LYS C 158 -4.97 -17.99 -5.16
CA LYS C 158 -4.32 -18.41 -3.91
C LYS C 158 -4.28 -19.92 -3.78
N SER C 159 -5.39 -20.60 -4.07
CA SER C 159 -5.48 -22.04 -3.82
C SER C 159 -4.53 -22.83 -4.73
N LEU C 160 -4.61 -22.59 -6.03
CA LEU C 160 -3.79 -23.36 -6.96
C LEU C 160 -2.31 -23.03 -6.80
N ALA C 161 -1.99 -21.77 -6.51
CA ALA C 161 -0.60 -21.40 -6.25
C ALA C 161 -0.08 -22.08 -4.99
N MET C 162 -0.87 -22.09 -3.92
CA MET C 162 -0.47 -22.80 -2.71
C MET C 162 -0.25 -24.29 -2.99
N GLU C 163 -1.15 -24.89 -3.77
CA GLU C 163 -0.99 -26.31 -4.10
C GLU C 163 0.28 -26.56 -4.88
N MET C 164 0.54 -25.75 -5.91
CA MET C 164 1.73 -25.94 -6.73
C MET C 164 3.01 -25.67 -5.96
N VAL C 165 2.96 -24.78 -4.97
CA VAL C 165 4.17 -24.47 -4.21
C VAL C 165 4.43 -25.52 -3.14
N LEU C 166 3.38 -26.03 -2.49
CA LEU C 166 3.55 -26.99 -1.41
C LEU C 166 3.65 -28.44 -1.88
N THR C 167 3.23 -28.73 -3.12
CA THR C 167 3.28 -30.09 -3.65
C THR C 167 4.18 -30.24 -4.85
N GLY C 168 4.39 -29.19 -5.65
CA GLY C 168 5.17 -29.30 -6.84
C GLY C 168 4.49 -29.96 -8.01
N ASP C 169 3.16 -30.10 -7.97
CA ASP C 169 2.44 -30.76 -9.04
C ASP C 169 2.48 -29.92 -10.32
N ARG C 170 2.39 -30.61 -11.45
CA ARG C 170 2.44 -29.97 -12.76
C ARG C 170 1.03 -29.64 -13.24
N ILE C 171 0.94 -28.57 -14.03
CA ILE C 171 -0.33 -28.14 -14.62
C ILE C 171 -0.15 -28.04 -16.12
N SER C 172 -1.23 -28.36 -16.85
CA SER C 172 -1.21 -28.32 -18.30
C SER C 172 -1.48 -26.89 -18.79
N ALA C 173 -1.33 -26.70 -20.10
CA ALA C 173 -1.59 -25.39 -20.69
C ALA C 173 -3.07 -25.04 -20.62
N GLN C 174 -3.95 -26.03 -20.71
CA GLN C 174 -5.38 -25.77 -20.60
C GLN C 174 -5.73 -25.25 -19.21
N ASP C 175 -5.15 -25.85 -18.17
CA ASP C 175 -5.40 -25.38 -16.81
C ASP C 175 -4.80 -23.99 -16.60
N ALA C 176 -3.65 -23.72 -17.21
CA ALA C 176 -3.04 -22.39 -17.09
C ALA C 176 -3.89 -21.32 -17.78
N LYS C 177 -4.50 -21.67 -18.92
CA LYS C 177 -5.38 -20.73 -19.59
C LYS C 177 -6.69 -20.54 -18.83
N GLN C 178 -7.20 -21.62 -18.22
CA GLN C 178 -8.42 -21.51 -17.43
C GLN C 178 -8.21 -20.67 -16.18
N ALA C 179 -7.05 -20.81 -15.55
CA ALA C 179 -6.75 -20.02 -14.35
C ALA C 179 -6.28 -18.62 -14.69
N GLY C 180 -5.66 -18.43 -15.86
CA GLY C 180 -5.19 -17.13 -16.27
C GLY C 180 -3.68 -16.97 -16.35
N LEU C 181 -2.92 -18.07 -16.31
CA LEU C 181 -1.47 -17.95 -16.39
C LEU C 181 -1.01 -17.60 -17.81
N VAL C 182 -1.62 -18.22 -18.81
CA VAL C 182 -1.30 -17.96 -20.21
C VAL C 182 -2.51 -17.32 -20.88
N SER C 183 -2.26 -16.64 -21.99
CA SER C 183 -3.30 -15.92 -22.71
C SER C 183 -3.74 -16.60 -24.00
N LYS C 184 -2.91 -17.47 -24.58
CA LYS C 184 -3.26 -18.14 -25.82
C LYS C 184 -2.49 -19.44 -25.92
N ILE C 185 -3.17 -20.50 -26.34
CA ILE C 185 -2.56 -21.82 -26.51
C ILE C 185 -2.36 -22.07 -28.00
N CYS C 186 -1.12 -22.34 -28.38
CA CYS C 186 -0.74 -22.59 -29.76
C CYS C 186 -0.04 -23.94 -29.87
N PRO C 187 -0.05 -24.55 -31.05
CA PRO C 187 0.66 -25.83 -31.23
C PRO C 187 2.15 -25.67 -30.98
N VAL C 188 2.80 -26.80 -30.66
CA VAL C 188 4.22 -26.78 -30.34
C VAL C 188 5.04 -26.51 -31.60
N GLU C 189 4.52 -26.85 -32.77
CA GLU C 189 5.26 -26.65 -34.01
C GLU C 189 5.05 -25.27 -34.61
N THR C 190 4.03 -24.52 -34.16
CA THR C 190 3.74 -23.20 -34.70
C THR C 190 3.70 -22.13 -33.61
N LEU C 191 4.26 -22.42 -32.43
CA LEU C 191 4.25 -21.44 -31.34
C LEU C 191 5.21 -20.29 -31.64
N VAL C 192 6.38 -20.60 -32.21
CA VAL C 192 7.35 -19.56 -32.52
C VAL C 192 6.81 -18.63 -33.59
N GLU C 193 6.08 -19.17 -34.56
CA GLU C 193 5.50 -18.34 -35.61
C GLU C 193 4.45 -17.39 -35.04
N GLU C 194 3.59 -17.89 -34.15
CA GLU C 194 2.59 -17.04 -33.52
C GLU C 194 3.24 -15.98 -32.64
N ALA C 195 4.32 -16.34 -31.94
CA ALA C 195 5.03 -15.36 -31.13
C ALA C 195 5.66 -14.26 -32.00
N ILE C 196 6.24 -14.65 -33.14
CA ILE C 196 6.82 -13.66 -34.04
C ILE C 196 5.73 -12.76 -34.62
N GLN C 197 4.57 -13.33 -34.95
CA GLN C 197 3.47 -12.52 -35.46
C GLN C 197 2.97 -11.54 -34.41
N CYS C 198 2.87 -11.98 -33.15
CA CYS C 198 2.45 -11.09 -32.08
C CYS C 198 3.47 -9.98 -31.85
N ALA C 199 4.76 -10.32 -31.94
CA ALA C 199 5.79 -9.29 -31.78
C ALA C 199 5.75 -8.29 -32.93
N GLU C 200 5.48 -8.76 -34.14
CA GLU C 200 5.32 -7.84 -35.27
C GLU C 200 4.13 -6.93 -35.07
N LYS C 201 3.01 -7.48 -34.58
CA LYS C 201 1.84 -6.65 -34.30
C LYS C 201 2.12 -5.65 -33.19
N ILE C 202 2.99 -5.99 -32.25
CA ILE C 202 3.36 -5.05 -31.19
C ILE C 202 4.35 -4.02 -31.70
N ALA C 203 5.35 -4.46 -32.47
CA ALA C 203 6.39 -3.56 -32.97
C ALA C 203 5.93 -2.70 -34.15
N SER C 204 4.67 -2.81 -34.56
CA SER C 204 4.15 -2.00 -35.66
C SER C 204 3.56 -0.68 -35.19
N ASN C 205 3.44 -0.47 -33.89
CA ASN C 205 2.88 0.77 -33.34
C ASN C 205 4.00 1.65 -32.80
N SER C 206 3.60 2.76 -32.19
CA SER C 206 4.57 3.70 -31.64
C SER C 206 5.27 3.09 -30.42
N LYS C 207 6.60 3.13 -30.41
CA LYS C 207 7.35 2.50 -29.34
C LYS C 207 7.15 3.20 -28.00
N ILE C 208 7.08 4.54 -28.02
CA ILE C 208 6.90 5.28 -26.78
C ILE C 208 5.52 5.02 -26.19
N VAL C 209 4.49 4.96 -27.04
CA VAL C 209 3.14 4.66 -26.57
C VAL C 209 3.07 3.24 -26.04
N VAL C 210 3.77 2.30 -26.69
CA VAL C 210 3.80 0.93 -26.21
C VAL C 210 4.48 0.87 -24.84
N ALA C 211 5.56 1.61 -24.65
CA ALA C 211 6.24 1.63 -23.36
C ALA C 211 5.36 2.25 -22.28
N MET C 212 4.64 3.32 -22.61
CA MET C 212 3.73 3.92 -21.64
C MET C 212 2.62 2.97 -21.27
N ALA C 213 2.08 2.23 -22.24
CA ALA C 213 1.04 1.25 -21.95
C ALA C 213 1.59 0.12 -21.08
N LYS C 214 2.80 -0.34 -21.36
CA LYS C 214 3.42 -1.38 -20.54
C LYS C 214 3.60 -0.90 -19.10
N GLU C 215 4.04 0.35 -18.92
CA GLU C 215 4.19 0.90 -17.58
C GLU C 215 2.84 1.02 -16.88
N SER C 216 1.80 1.44 -17.62
CA SER C 216 0.48 1.54 -17.03
C SER C 216 -0.05 0.18 -16.59
N VAL C 217 0.21 -0.87 -17.37
CA VAL C 217 -0.24 -2.19 -17.00
C VAL C 217 0.56 -2.72 -15.81
N ASN C 218 1.88 -2.48 -15.80
CA ASN C 218 2.70 -2.93 -14.69
C ASN C 218 2.40 -2.19 -13.40
N ALA C 219 1.88 -0.97 -13.48
CA ALA C 219 1.52 -0.22 -12.28
C ALA C 219 0.27 -0.76 -11.58
N ALA C 220 -0.30 -1.89 -12.02
CA ALA C 220 -1.47 -2.46 -11.37
C ALA C 220 -1.13 -3.39 -10.22
N PHE C 221 0.12 -3.83 -10.11
CA PHE C 221 0.55 -4.69 -9.01
C PHE C 221 1.38 -3.95 -7.98
N GLU C 222 1.66 -2.67 -8.20
CA GLU C 222 2.46 -1.87 -7.27
C GLU C 222 1.71 -0.71 -6.65
N MET C 223 0.53 -0.38 -7.15
CA MET C 223 -0.22 0.78 -6.67
C MET C 223 -1.68 0.38 -6.45
N THR C 224 -2.42 1.28 -5.80
CA THR C 224 -3.83 1.04 -5.54
C THR C 224 -4.66 1.34 -6.78
N LEU C 225 -5.98 1.22 -6.63
CA LEU C 225 -6.86 1.44 -7.78
C LEU C 225 -7.00 2.92 -8.08
N THR C 226 -7.19 3.76 -7.05
CA THR C 226 -7.34 5.20 -7.27
C THR C 226 -6.05 5.82 -7.77
N GLU C 227 -4.93 5.49 -7.12
CA GLU C 227 -3.64 6.02 -7.55
C GLU C 227 -3.27 5.49 -8.92
N GLY C 228 -3.59 4.23 -9.21
CA GLY C 228 -3.34 3.69 -10.53
C GLY C 228 -4.15 4.40 -11.60
N SER C 229 -5.43 4.70 -11.31
CA SER C 229 -6.25 5.42 -12.26
C SER C 229 -5.75 6.84 -12.46
N LYS C 230 -5.28 7.49 -11.40
CA LYS C 230 -4.74 8.84 -11.54
C LYS C 230 -3.45 8.84 -12.36
N LEU C 231 -2.58 7.86 -12.14
CA LEU C 231 -1.37 7.76 -12.95
C LEU C 231 -1.70 7.46 -14.40
N GLU C 232 -2.71 6.64 -14.64
CA GLU C 232 -3.15 6.35 -16.00
C GLU C 232 -3.70 7.60 -16.67
N LYS C 233 -4.45 8.42 -15.93
CA LYS C 233 -4.93 9.68 -16.47
C LYS C 233 -3.78 10.62 -16.79
N LYS C 234 -2.78 10.68 -15.90
CA LYS C 234 -1.62 11.54 -16.16
C LYS C 234 -0.87 11.09 -17.41
N LEU C 235 -0.68 9.78 -17.58
CA LEU C 235 0.01 9.28 -18.77
C LEU C 235 -0.82 9.51 -20.02
N PHE C 236 -2.14 9.35 -19.94
CA PHE C 236 -3.00 9.63 -21.08
C PHE C 236 -2.94 11.10 -21.48
N TYR C 237 -2.86 11.99 -20.49
CA TYR C 237 -2.71 13.41 -20.80
C TYR C 237 -1.34 13.72 -21.39
N SER C 238 -0.29 13.04 -20.90
CA SER C 238 1.04 13.26 -21.45
C SER C 238 1.20 12.69 -22.85
N THR C 239 0.38 11.70 -23.23
CA THR C 239 0.44 11.16 -24.58
C THR C 239 0.09 12.19 -25.65
N PHE C 240 -0.57 13.29 -25.27
CA PHE C 240 -0.93 14.33 -26.21
C PHE C 240 0.25 15.19 -26.64
N ALA C 241 1.46 14.92 -26.13
CA ALA C 241 2.65 15.68 -26.49
C ALA C 241 3.44 15.02 -27.60
N THR C 242 3.03 13.85 -28.07
CA THR C 242 3.72 13.15 -29.15
C THR C 242 2.99 13.35 -30.47
N ASP C 243 3.71 13.08 -31.56
CA ASP C 243 3.15 13.20 -32.90
C ASP C 243 2.43 11.95 -33.36
N ASP C 244 2.80 10.79 -32.82
CA ASP C 244 2.16 9.54 -33.23
C ASP C 244 0.68 9.52 -32.84
N ARG C 245 0.35 10.10 -31.70
CA ARG C 245 -1.06 10.16 -31.28
C ARG C 245 -1.88 10.98 -32.27
N LYS C 246 -1.39 12.17 -32.62
CA LYS C 246 -2.12 13.01 -33.56
C LYS C 246 -2.19 12.37 -34.94
N GLU C 247 -1.11 11.68 -35.35
CA GLU C 247 -1.11 11.00 -36.64
C GLU C 247 -2.15 9.89 -36.66
N GLY C 248 -2.23 9.10 -35.58
CA GLY C 248 -3.22 8.05 -35.52
C GLY C 248 -4.64 8.58 -35.49
N MET C 249 -4.86 9.68 -34.76
CA MET C 249 -6.20 10.28 -34.73
C MET C 249 -6.59 10.81 -36.10
N THR C 250 -5.65 11.47 -36.80
CA THR C 250 -5.94 11.96 -38.14
C THR C 250 -6.21 10.81 -39.11
N ALA C 251 -5.47 9.71 -38.96
CA ALA C 251 -5.70 8.56 -39.82
C ALA C 251 -7.06 7.92 -39.55
N PHE C 252 -7.47 7.86 -38.28
CA PHE C 252 -8.77 7.32 -37.95
C PHE C 252 -9.89 8.21 -38.46
N VAL C 253 -9.69 9.53 -38.41
CA VAL C 253 -10.71 10.45 -38.92
C VAL C 253 -10.80 10.35 -40.44
N GLU C 254 -9.67 10.32 -41.13
CA GLU C 254 -9.64 10.25 -42.58
C GLU C 254 -9.77 8.82 -43.11
N LYS C 255 -9.86 7.82 -42.23
CA LYS C 255 -10.01 6.42 -42.61
C LYS C 255 -8.85 5.96 -43.51
N ARG C 256 -7.64 6.02 -42.93
CA ARG C 256 -6.44 5.59 -43.63
C ARG C 256 -5.51 4.92 -42.63
N LYS C 257 -4.34 4.50 -43.10
CA LYS C 257 -3.36 3.81 -42.27
C LYS C 257 -2.45 4.83 -41.59
N ALA C 258 -2.25 4.65 -40.29
CA ALA C 258 -1.42 5.57 -39.52
C ALA C 258 0.06 5.21 -39.67
N ASN C 259 0.87 6.17 -40.06
CA ASN C 259 2.31 5.98 -40.23
C ASN C 259 3.01 6.57 -39.01
N PHE C 260 3.42 5.70 -38.09
CA PHE C 260 4.10 6.12 -36.88
C PHE C 260 5.60 6.22 -37.12
N LYS C 261 6.23 7.22 -36.49
CA LYS C 261 7.66 7.44 -36.61
C LYS C 261 8.37 7.37 -35.27
N ASP C 262 7.71 6.83 -34.24
CA ASP C 262 8.27 6.70 -32.90
C ASP C 262 8.69 8.07 -32.34
N GLN C 263 7.76 9.02 -32.38
CA GLN C 263 8.02 10.37 -31.89
C GLN C 263 6.73 11.06 -31.48
N ALA D 4 -1.77 -12.43 39.76
CA ALA D 4 -1.04 -13.47 40.47
C ALA D 4 0.15 -12.90 41.22
N ASN D 5 0.97 -13.79 41.79
CA ASN D 5 2.16 -13.38 42.55
C ASN D 5 3.29 -13.14 41.55
N PHE D 6 3.26 -11.97 40.92
CA PHE D 6 4.29 -11.61 39.95
C PHE D 6 5.60 -11.32 40.67
N GLU D 7 6.67 -11.96 40.21
CA GLU D 7 8.00 -11.79 40.80
C GLU D 7 8.85 -10.75 40.09
N TYR D 8 8.72 -10.63 38.77
CA TYR D 8 9.54 -9.69 38.01
C TYR D 8 8.90 -8.31 37.92
N ILE D 9 7.58 -8.24 37.80
CA ILE D 9 6.86 -6.98 37.69
C ILE D 9 5.93 -6.84 38.88
N ILE D 10 5.33 -5.65 39.00
CA ILE D 10 4.35 -5.35 40.03
C ILE D 10 3.18 -4.65 39.37
N ALA D 11 2.01 -5.29 39.36
CA ALA D 11 0.81 -4.73 38.77
C ALA D 11 -0.14 -4.29 39.88
N GLU D 12 -0.61 -3.04 39.81
CA GLU D 12 -1.47 -2.50 40.84
C GLU D 12 -2.46 -1.55 40.21
N LYS D 13 -3.44 -1.12 41.02
CA LYS D 13 -4.50 -0.21 40.59
C LYS D 13 -4.26 1.13 41.28
N ARG D 14 -3.77 2.11 40.52
CA ARG D 14 -3.51 3.45 41.01
C ARG D 14 -4.44 4.43 40.32
N GLY D 15 -4.43 5.67 40.82
CA GLY D 15 -5.25 6.73 40.26
C GLY D 15 -6.51 6.96 41.06
N LYS D 16 -7.27 7.96 40.62
CA LYS D 16 -8.52 8.30 41.29
C LYS D 16 -9.56 7.21 41.05
N ASN D 17 -10.16 6.72 42.14
CA ASN D 17 -11.19 5.69 42.11
C ASN D 17 -10.69 4.38 41.50
N ASN D 18 -9.37 4.17 41.50
CA ASN D 18 -8.75 2.96 40.97
C ASN D 18 -9.15 2.71 39.51
N THR D 19 -8.79 3.66 38.66
CA THR D 19 -9.09 3.60 37.24
C THR D 19 -7.83 3.54 36.37
N VAL D 20 -6.66 3.37 36.99
CA VAL D 20 -5.39 3.34 36.27
C VAL D 20 -4.68 2.04 36.62
N GLY D 21 -4.15 1.35 35.62
CA GLY D 21 -3.38 0.14 35.85
C GLY D 21 -1.89 0.39 35.73
N LEU D 22 -1.18 0.34 36.85
CA LEU D 22 0.25 0.63 36.89
C LEU D 22 1.04 -0.66 36.93
N ILE D 23 1.93 -0.83 35.94
CA ILE D 23 2.79 -2.00 35.85
C ILE D 23 4.22 -1.50 35.98
N GLN D 24 4.83 -1.73 37.14
CA GLN D 24 6.18 -1.29 37.43
C GLN D 24 7.15 -2.45 37.29
N LEU D 25 8.19 -2.26 36.49
CA LEU D 25 9.22 -3.28 36.30
C LEU D 25 10.15 -3.27 37.51
N ASN D 26 10.24 -4.41 38.20
CA ASN D 26 11.05 -4.54 39.41
C ASN D 26 12.20 -5.50 39.11
N ARG D 27 13.30 -4.94 38.60
CA ARG D 27 14.50 -5.72 38.32
C ARG D 27 15.71 -4.80 38.24
N PRO D 28 16.21 -4.32 39.38
CA PRO D 28 17.35 -3.39 39.35
C PRO D 28 18.68 -4.09 39.08
N LYS D 29 18.76 -5.38 39.40
CA LYS D 29 20.01 -6.12 39.23
C LYS D 29 20.32 -6.44 37.78
N ALA D 30 19.38 -6.21 36.86
CA ALA D 30 19.63 -6.48 35.45
C ALA D 30 19.11 -5.36 34.55
N LEU D 31 18.84 -4.18 35.10
CA LEU D 31 18.32 -3.04 34.33
C LEU D 31 17.02 -3.40 33.64
N ASN D 32 16.17 -4.18 34.32
CA ASN D 32 14.88 -4.61 33.81
C ASN D 32 15.04 -5.37 32.47
N ALA D 33 15.77 -6.47 32.54
CA ALA D 33 15.96 -7.31 31.37
C ALA D 33 14.66 -8.00 30.99
N LEU D 34 14.27 -7.89 29.72
CA LEU D 34 13.03 -8.46 29.23
C LEU D 34 13.24 -9.95 28.95
N CYS D 35 13.12 -10.76 29.99
CA CYS D 35 13.26 -12.19 29.86
C CYS D 35 11.90 -12.83 29.53
N ASP D 36 11.87 -14.15 29.43
CA ASP D 36 10.63 -14.85 29.10
C ASP D 36 9.61 -14.71 30.22
N GLY D 37 10.03 -14.87 31.47
CA GLY D 37 9.11 -14.75 32.58
C GLY D 37 8.57 -13.34 32.75
N LEU D 38 9.43 -12.33 32.57
CA LEU D 38 8.99 -10.95 32.69
C LEU D 38 7.98 -10.60 31.60
N ILE D 39 8.26 -11.04 30.37
CA ILE D 39 7.32 -10.77 29.27
C ILE D 39 6.01 -11.49 29.49
N ASP D 40 6.07 -12.73 30.00
CA ASP D 40 4.85 -13.47 30.29
C ASP D 40 4.01 -12.78 31.36
N GLU D 41 4.66 -12.32 32.44
CA GLU D 41 3.94 -11.60 33.48
C GLU D 41 3.37 -10.29 32.97
N LEU D 42 4.10 -9.59 32.11
CA LEU D 42 3.60 -8.36 31.52
C LEU D 42 2.36 -8.62 30.67
N ASN D 43 2.40 -9.67 29.86
CA ASN D 43 1.25 -10.01 29.02
C ASN D 43 0.05 -10.41 29.88
N GLN D 44 0.30 -11.16 30.96
CA GLN D 44 -0.79 -11.54 31.86
C GLN D 44 -1.41 -10.30 32.52
N ALA D 45 -0.57 -9.37 32.97
CA ALA D 45 -1.09 -8.16 33.59
C ALA D 45 -1.87 -7.30 32.59
N LEU D 46 -1.38 -7.23 31.34
CA LEU D 46 -2.10 -6.49 30.32
C LEU D 46 -3.46 -7.13 30.03
N LYS D 47 -3.50 -8.46 29.96
CA LYS D 47 -4.77 -9.14 29.73
C LYS D 47 -5.73 -8.93 30.89
N THR D 48 -5.22 -8.95 32.12
CA THR D 48 -6.07 -8.73 33.28
C THR D 48 -6.63 -7.30 33.28
N PHE D 49 -5.79 -6.32 32.97
CA PHE D 49 -6.26 -4.94 32.93
C PHE D 49 -7.21 -4.71 31.76
N GLU D 50 -7.06 -5.47 30.68
CA GLU D 50 -7.99 -5.35 29.55
C GLU D 50 -9.35 -5.96 29.89
N GLU D 51 -9.35 -7.11 30.57
CA GLU D 51 -10.61 -7.75 30.93
C GLU D 51 -11.31 -7.03 32.08
N ASP D 52 -10.58 -6.22 32.85
CA ASP D 52 -11.21 -5.51 33.96
C ASP D 52 -12.01 -4.32 33.43
N PRO D 53 -13.27 -4.16 33.86
CA PRO D 53 -14.06 -3.03 33.36
C PRO D 53 -13.78 -1.71 34.05
N ALA D 54 -13.09 -1.72 35.20
CA ALA D 54 -12.83 -0.48 35.91
C ALA D 54 -11.61 0.25 35.34
N VAL D 55 -10.56 -0.48 35.00
CA VAL D 55 -9.36 0.14 34.45
C VAL D 55 -9.65 0.62 33.03
N GLY D 56 -9.40 1.90 32.78
CA GLY D 56 -9.63 2.48 31.47
C GLY D 56 -8.35 2.80 30.73
N ALA D 57 -7.24 2.87 31.46
CA ALA D 57 -5.95 3.18 30.85
C ALA D 57 -4.86 2.45 31.62
N ILE D 58 -3.78 2.10 30.91
CA ILE D 58 -2.66 1.38 31.49
C ILE D 58 -1.42 2.27 31.40
N VAL D 59 -0.61 2.25 32.45
CA VAL D 59 0.62 3.02 32.53
C VAL D 59 1.78 2.06 32.72
N LEU D 60 2.73 2.08 31.80
CA LEU D 60 3.91 1.23 31.85
C LEU D 60 5.09 2.06 32.36
N THR D 61 5.71 1.60 33.45
CA THR D 61 6.82 2.31 34.06
C THR D 61 7.89 1.30 34.45
N GLY D 62 9.16 1.71 34.30
CA GLY D 62 10.26 0.87 34.66
C GLY D 62 10.93 1.30 35.96
N GLY D 63 12.26 1.22 36.01
CA GLY D 63 13.00 1.62 37.18
C GLY D 63 13.43 3.08 37.14
N ASP D 64 14.04 3.52 38.23
CA ASP D 64 14.51 4.90 38.32
C ASP D 64 15.81 5.11 37.55
N LYS D 65 16.66 4.08 37.47
CA LYS D 65 17.91 4.18 36.75
C LYS D 65 17.86 3.63 35.33
N ALA D 66 16.88 2.77 35.03
CA ALA D 66 16.76 2.19 33.69
C ALA D 66 15.34 1.69 33.50
N PHE D 67 14.73 2.06 32.37
CA PHE D 67 13.38 1.59 32.07
C PHE D 67 13.37 0.13 31.65
N ALA D 68 14.06 -0.19 30.57
CA ALA D 68 14.16 -1.56 30.08
C ALA D 68 15.37 -1.68 29.18
N ALA D 69 16.28 -2.59 29.51
CA ALA D 69 17.51 -2.78 28.76
C ALA D 69 17.37 -3.82 27.65
N GLY D 70 16.16 -4.09 27.19
CA GLY D 70 15.94 -5.04 26.12
C GLY D 70 15.80 -6.46 26.62
N ALA D 71 15.79 -7.38 25.65
CA ALA D 71 15.67 -8.79 25.96
C ALA D 71 16.96 -9.33 26.60
N ASP D 72 16.83 -10.46 27.27
CA ASP D 72 17.96 -11.07 27.99
C ASP D 72 18.96 -11.60 26.97
N ILE D 73 20.11 -10.93 26.86
CA ILE D 73 21.15 -11.37 25.94
C ILE D 73 21.80 -12.66 26.43
N LYS D 74 21.88 -12.85 27.75
CA LYS D 74 22.49 -14.04 28.32
C LYS D 74 21.61 -15.28 28.20
N GLU D 75 20.41 -15.15 27.65
CA GLU D 75 19.51 -16.28 27.46
C GLU D 75 19.40 -16.75 26.02
N MET D 76 19.44 -15.83 25.05
CA MET D 76 19.37 -16.18 23.64
C MET D 76 20.74 -16.26 22.99
N GLN D 77 21.80 -16.47 23.79
CA GLN D 77 23.14 -16.56 23.23
C GLN D 77 23.34 -17.87 22.46
N ASN D 78 23.04 -18.99 23.09
CA ASN D 78 23.21 -20.30 22.48
C ASN D 78 21.96 -20.70 21.69
N LEU D 79 21.59 -19.84 20.75
CA LEU D 79 20.45 -20.07 19.87
C LEU D 79 20.92 -20.06 18.42
N SER D 80 20.31 -20.93 17.61
CA SER D 80 20.64 -21.06 16.21
C SER D 80 19.49 -20.56 15.34
N PHE D 81 19.64 -20.72 14.03
CA PHE D 81 18.60 -20.28 13.10
C PHE D 81 17.32 -21.10 13.25
N GLN D 82 17.45 -22.39 13.60
CA GLN D 82 16.26 -23.23 13.77
C GLN D 82 15.50 -22.88 15.04
N ASP D 83 16.19 -22.39 16.05
CA ASP D 83 15.55 -22.06 17.33
C ASP D 83 14.80 -20.73 17.28
N CYS D 84 14.90 -19.97 16.18
CA CYS D 84 14.24 -18.69 16.07
C CYS D 84 12.92 -18.75 15.30
N TYR D 85 12.78 -19.69 14.38
CA TYR D 85 11.54 -19.86 13.61
C TYR D 85 10.56 -20.79 14.29
N SER D 86 10.84 -21.24 15.51
CA SER D 86 9.92 -22.08 16.26
C SER D 86 8.94 -21.20 17.03
N SER D 87 8.10 -21.82 17.86
CA SER D 87 7.11 -21.09 18.65
C SER D 87 7.42 -21.14 20.14
N LYS D 88 8.70 -21.15 20.51
CA LYS D 88 9.10 -21.24 21.91
C LYS D 88 9.88 -20.03 22.42
N PHE D 89 10.53 -19.28 21.54
CA PHE D 89 11.38 -18.17 21.94
C PHE D 89 11.08 -16.95 21.09
N LEU D 90 10.88 -15.80 21.74
CA LEU D 90 10.72 -14.51 21.07
C LEU D 90 9.51 -14.52 20.12
N LYS D 91 8.35 -14.80 20.69
CA LYS D 91 7.09 -14.80 19.96
C LYS D 91 6.01 -13.93 20.59
N HIS D 92 5.97 -13.87 21.92
CA HIS D 92 4.95 -13.10 22.63
C HIS D 92 5.38 -11.65 22.84
N TRP D 93 5.75 -10.97 21.76
CA TRP D 93 6.19 -9.58 21.83
C TRP D 93 5.20 -8.60 21.22
N ASP D 94 4.22 -9.07 20.45
CA ASP D 94 3.25 -8.20 19.81
C ASP D 94 1.97 -8.05 20.62
N HIS D 95 1.95 -8.55 21.86
CA HIS D 95 0.75 -8.44 22.68
C HIS D 95 0.50 -7.02 23.17
N LEU D 96 1.53 -6.17 23.18
CA LEU D 96 1.34 -4.79 23.62
C LEU D 96 0.51 -3.99 22.62
N THR D 97 0.59 -4.33 21.34
CA THR D 97 -0.15 -3.64 20.30
C THR D 97 -1.52 -4.25 20.03
N GLN D 98 -1.87 -5.34 20.71
CA GLN D 98 -3.16 -5.99 20.51
C GLN D 98 -4.23 -5.51 21.48
N VAL D 99 -3.83 -4.84 22.57
CA VAL D 99 -4.81 -4.37 23.55
C VAL D 99 -5.59 -3.19 22.97
N LYS D 100 -6.85 -3.06 23.41
CA LYS D 100 -7.70 -1.97 22.95
C LYS D 100 -7.58 -0.72 23.81
N LYS D 101 -7.26 -0.87 25.09
CA LYS D 101 -7.14 0.27 25.97
C LYS D 101 -5.78 0.96 25.77
N PRO D 102 -5.73 2.27 25.92
CA PRO D 102 -4.46 2.98 25.73
C PRO D 102 -3.43 2.59 26.78
N VAL D 103 -2.16 2.62 26.36
CA VAL D 103 -1.03 2.29 27.23
C VAL D 103 -0.07 3.46 27.23
N ILE D 104 0.30 3.93 28.42
CA ILE D 104 1.24 5.05 28.58
C ILE D 104 2.57 4.49 29.05
N ALA D 105 3.65 4.89 28.38
CA ALA D 105 4.99 4.43 28.69
C ALA D 105 5.75 5.53 29.41
N ALA D 106 6.05 5.30 30.69
CA ALA D 106 6.84 6.24 31.48
C ALA D 106 8.31 5.80 31.44
N VAL D 107 9.12 6.51 30.67
CA VAL D 107 10.51 6.15 30.45
C VAL D 107 11.37 6.91 31.44
N ASN D 108 12.15 6.16 32.23
CA ASN D 108 13.08 6.73 33.20
C ASN D 108 14.40 5.97 33.12
N GLY D 109 15.50 6.72 32.99
CA GLY D 109 16.81 6.11 32.92
C GLY D 109 17.16 5.62 31.52
N TYR D 110 17.86 4.48 31.44
CA TYR D 110 18.27 3.93 30.17
C TYR D 110 17.16 3.08 29.57
N ALA D 111 16.82 3.37 28.32
CA ALA D 111 15.83 2.60 27.56
C ALA D 111 16.46 2.23 26.22
N PHE D 112 17.17 1.11 26.20
CA PHE D 112 17.91 0.67 25.03
C PHE D 112 17.35 -0.65 24.51
N GLY D 113 17.37 -0.80 23.19
CA GLY D 113 16.91 -2.02 22.55
C GLY D 113 15.42 -2.26 22.68
N GLY D 114 15.05 -3.31 23.44
CA GLY D 114 13.64 -3.62 23.61
C GLY D 114 12.88 -2.56 24.36
N GLY D 115 13.57 -1.76 25.19
CA GLY D 115 12.88 -0.72 25.93
C GLY D 115 12.30 0.34 25.01
N CYS D 116 13.11 0.83 24.08
CA CYS D 116 12.62 1.83 23.13
C CYS D 116 11.51 1.25 22.26
N GLU D 117 11.61 -0.03 21.91
CA GLU D 117 10.56 -0.67 21.11
C GLU D 117 9.25 -0.73 21.88
N LEU D 118 9.30 -1.17 23.14
CA LEU D 118 8.08 -1.21 23.96
C LEU D 118 7.53 0.18 24.20
N ALA D 119 8.39 1.19 24.28
CA ALA D 119 7.92 2.56 24.45
C ALA D 119 7.21 3.04 23.19
N MET D 120 7.78 2.76 22.02
CA MET D 120 7.18 3.22 20.77
C MET D 120 5.90 2.45 20.44
N MET D 121 5.78 1.20 20.91
CA MET D 121 4.55 0.45 20.68
C MET D 121 3.38 0.98 21.47
N CYS D 122 3.61 1.85 22.46
CA CYS D 122 2.53 2.46 23.21
C CYS D 122 1.97 3.66 22.47
N ASP D 123 0.86 4.19 22.99
CA ASP D 123 0.22 5.34 22.37
C ASP D 123 0.90 6.64 22.75
N ILE D 124 1.13 6.85 24.05
CA ILE D 124 1.77 8.05 24.56
C ILE D 124 3.09 7.67 25.20
N ILE D 125 4.14 8.44 24.91
CA ILE D 125 5.49 8.17 25.40
C ILE D 125 5.90 9.32 26.29
N TYR D 126 5.98 9.06 27.60
CA TYR D 126 6.42 10.05 28.58
C TYR D 126 7.83 9.69 29.02
N ALA D 127 8.77 10.61 28.82
CA ALA D 127 10.17 10.39 29.17
C ALA D 127 10.61 11.43 30.19
N GLY D 128 11.48 11.01 31.11
CA GLY D 128 12.02 11.89 32.11
C GLY D 128 13.16 12.74 31.59
N GLU D 129 13.68 13.60 32.47
CA GLU D 129 14.78 14.47 32.08
C GLU D 129 16.06 13.69 31.81
N LYS D 130 16.27 12.57 32.50
CA LYS D 130 17.45 11.75 32.33
C LYS D 130 17.21 10.55 31.43
N ALA D 131 16.08 10.50 30.73
CA ALA D 131 15.79 9.38 29.85
C ALA D 131 16.68 9.42 28.61
N GLN D 132 17.06 8.24 28.15
CA GLN D 132 17.92 8.10 26.99
C GLN D 132 17.39 6.99 26.09
N PHE D 133 17.39 7.24 24.78
CA PHE D 133 16.93 6.28 23.78
C PHE D 133 18.06 5.99 22.81
N ALA D 134 18.21 4.72 22.45
CA ALA D 134 19.25 4.30 21.52
C ALA D 134 18.91 2.90 21.00
N GLN D 135 19.59 2.52 19.92
CA GLN D 135 19.44 1.20 19.31
C GLN D 135 20.81 0.54 19.28
N PRO D 136 21.26 -0.02 20.41
CA PRO D 136 22.62 -0.56 20.47
C PRO D 136 22.73 -2.00 19.97
N GLU D 137 21.73 -2.47 19.23
CA GLU D 137 21.78 -3.84 18.70
C GLU D 137 23.01 -4.02 17.81
N ILE D 138 23.36 -3.01 17.01
CA ILE D 138 24.52 -3.09 16.14
C ILE D 138 25.80 -3.26 16.93
N LEU D 139 25.78 -2.94 18.23
CA LEU D 139 26.95 -3.13 19.07
C LEU D 139 27.19 -4.59 19.41
N ILE D 140 26.18 -5.45 19.27
CA ILE D 140 26.32 -6.87 19.54
C ILE D 140 26.08 -7.72 18.31
N GLY D 141 26.05 -7.10 17.12
CA GLY D 141 25.84 -7.84 15.90
C GLY D 141 24.42 -8.26 15.64
N THR D 142 23.44 -7.58 16.22
CA THR D 142 22.03 -7.90 16.03
C THR D 142 21.31 -6.67 15.49
N ILE D 143 20.03 -6.84 15.20
CA ILE D 143 19.19 -5.74 14.70
C ILE D 143 17.90 -5.73 15.52
N PRO D 144 17.24 -4.57 15.60
CA PRO D 144 15.94 -4.52 16.26
C PRO D 144 14.93 -5.42 15.55
N GLY D 145 13.90 -5.82 16.30
CA GLY D 145 12.91 -6.73 15.75
C GLY D 145 11.49 -6.46 16.17
N ALA D 146 11.26 -5.41 16.96
CA ALA D 146 9.95 -5.06 17.48
C ALA D 146 9.63 -3.60 17.21
N GLY D 147 9.90 -3.15 15.98
CA GLY D 147 9.61 -1.79 15.59
C GLY D 147 10.72 -0.80 15.78
N GLY D 148 11.94 -1.26 16.07
CA GLY D 148 13.05 -0.35 16.25
C GLY D 148 13.49 0.35 14.98
N THR D 149 13.22 -0.25 13.82
CA THR D 149 13.56 0.34 12.54
C THR D 149 12.33 0.73 11.73
N GLN D 150 11.13 0.45 12.22
CA GLN D 150 9.90 0.77 11.52
C GLN D 150 9.14 1.94 12.14
N ARG D 151 8.90 1.90 13.44
CA ARG D 151 8.20 3.00 14.10
C ARG D 151 9.13 4.18 14.36
N LEU D 152 10.38 3.91 14.70
CA LEU D 152 11.33 4.98 14.97
C LEU D 152 11.60 5.82 13.72
N THR D 153 11.62 5.17 12.56
CA THR D 153 11.86 5.91 11.32
C THR D 153 10.65 6.76 10.94
N ARG D 154 9.44 6.24 11.14
CA ARG D 154 8.23 6.98 10.78
C ARG D 154 7.90 8.08 11.77
N ALA D 155 8.31 7.94 13.03
CA ALA D 155 8.00 8.94 14.05
C ALA D 155 9.07 10.00 14.20
N VAL D 156 10.33 9.68 13.94
CA VAL D 156 11.43 10.63 14.10
C VAL D 156 11.88 11.13 12.74
N GLY D 157 12.30 10.22 11.88
CA GLY D 157 12.84 10.55 10.58
C GLY D 157 13.78 9.48 10.09
N LYS D 158 14.26 9.65 8.86
CA LYS D 158 15.15 8.65 8.27
C LYS D 158 16.59 8.84 8.75
N SER D 159 17.07 10.08 8.79
CA SER D 159 18.48 10.32 9.09
C SER D 159 18.82 9.95 10.53
N LEU D 160 18.05 10.45 11.48
CA LEU D 160 18.35 10.17 12.89
C LEU D 160 18.16 8.70 13.22
N ALA D 161 17.15 8.06 12.62
CA ALA D 161 16.96 6.63 12.84
C ALA D 161 18.11 5.83 12.27
N MET D 162 18.56 6.17 11.05
CA MET D 162 19.72 5.51 10.48
C MET D 162 20.95 5.68 11.36
N GLU D 163 21.16 6.90 11.89
CA GLU D 163 22.31 7.14 12.75
C GLU D 163 22.24 6.31 14.02
N MET D 164 21.07 6.30 14.67
CA MET D 164 20.92 5.56 15.92
C MET D 164 21.01 4.06 15.70
N VAL D 165 20.64 3.56 14.52
CA VAL D 165 20.70 2.13 14.27
C VAL D 165 22.11 1.71 13.89
N LEU D 166 22.81 2.51 13.09
CA LEU D 166 24.13 2.13 12.61
C LEU D 166 25.26 2.52 13.56
N THR D 167 24.99 3.36 14.56
CA THR D 167 26.00 3.77 15.52
C THR D 167 25.64 3.48 16.97
N GLY D 168 24.36 3.33 17.30
CA GLY D 168 23.98 3.11 18.68
C GLY D 168 24.13 4.32 19.57
N ASP D 169 24.18 5.51 19.00
CA ASP D 169 24.34 6.73 19.79
C ASP D 169 23.08 6.99 20.62
N ARG D 170 23.29 7.59 21.79
CA ARG D 170 22.20 7.90 22.71
C ARG D 170 21.70 9.32 22.47
N ILE D 171 20.39 9.50 22.63
CA ILE D 171 19.76 10.79 22.48
C ILE D 171 19.05 11.14 23.78
N SER D 172 18.97 12.43 24.07
CA SER D 172 18.30 12.90 25.27
C SER D 172 16.81 13.06 25.03
N ALA D 173 16.08 13.36 26.11
CA ALA D 173 14.64 13.58 25.99
C ALA D 173 14.32 14.84 25.22
N GLN D 174 15.18 15.86 25.30
CA GLN D 174 14.96 17.09 24.55
C GLN D 174 15.02 16.83 23.04
N ASP D 175 16.02 16.07 22.59
CA ASP D 175 16.11 15.73 21.18
C ASP D 175 14.95 14.85 20.75
N ALA D 176 14.47 13.98 21.64
CA ALA D 176 13.33 13.13 21.31
C ALA D 176 12.06 13.95 21.15
N LYS D 177 11.86 14.95 22.01
CA LYS D 177 10.69 15.82 21.89
C LYS D 177 10.81 16.72 20.67
N GLN D 178 12.02 17.18 20.35
CA GLN D 178 12.21 18.01 19.16
C GLN D 178 11.97 17.21 17.88
N ALA D 179 12.37 15.94 17.86
CA ALA D 179 12.16 15.12 16.67
C ALA D 179 10.73 14.62 16.58
N GLY D 180 10.18 14.14 17.69
CA GLY D 180 8.82 13.64 17.70
C GLY D 180 8.69 12.27 18.34
N LEU D 181 9.74 11.83 19.02
CA LEU D 181 9.69 10.51 19.65
C LEU D 181 8.82 10.52 20.90
N VAL D 182 9.00 11.52 21.77
CA VAL D 182 8.21 11.65 22.98
C VAL D 182 7.28 12.85 22.84
N SER D 183 6.21 12.83 23.63
CA SER D 183 5.19 13.87 23.56
C SER D 183 5.50 15.04 24.50
N LYS D 184 5.77 14.75 25.78
CA LYS D 184 6.02 15.80 26.75
C LYS D 184 7.09 15.32 27.73
N ILE D 185 7.93 16.24 28.16
CA ILE D 185 9.02 15.95 29.10
C ILE D 185 8.60 16.37 30.49
N CYS D 186 8.84 15.51 31.47
CA CYS D 186 8.51 15.74 32.86
C CYS D 186 9.70 15.38 33.73
N PRO D 187 9.78 15.95 34.94
CA PRO D 187 10.88 15.59 35.85
C PRO D 187 10.85 14.12 36.21
N VAL D 188 12.03 13.60 36.59
CA VAL D 188 12.16 12.18 36.89
C VAL D 188 11.47 11.80 38.19
N GLU D 189 11.18 12.76 39.06
CA GLU D 189 10.51 12.48 40.32
C GLU D 189 9.00 12.69 40.25
N THR D 190 8.49 13.33 39.20
CA THR D 190 7.06 13.57 39.04
C THR D 190 6.52 13.03 37.73
N LEU D 191 7.27 12.14 37.08
CA LEU D 191 6.81 11.57 35.81
C LEU D 191 5.65 10.60 36.04
N VAL D 192 5.71 9.81 37.11
CA VAL D 192 4.64 8.86 37.40
C VAL D 192 3.34 9.58 37.70
N GLU D 193 3.43 10.71 38.40
CA GLU D 193 2.21 11.48 38.71
C GLU D 193 1.59 12.03 37.43
N GLU D 194 2.40 12.57 36.52
CA GLU D 194 1.87 13.06 35.26
C GLU D 194 1.27 11.95 34.42
N ALA D 195 1.91 10.76 34.43
CA ALA D 195 1.36 9.63 33.70
C ALA D 195 0.03 9.20 34.28
N ILE D 196 -0.09 9.19 35.61
CA ILE D 196 -1.35 8.82 36.24
C ILE D 196 -2.44 9.85 35.92
N GLN D 197 -2.07 11.14 35.92
CA GLN D 197 -3.05 12.17 35.58
C GLN D 197 -3.50 12.03 34.13
N CYS D 198 -2.58 11.74 33.22
CA CYS D 198 -2.95 11.53 31.82
C CYS D 198 -3.84 10.32 31.66
N ALA D 199 -3.55 9.24 32.38
CA ALA D 199 -4.40 8.05 32.32
C ALA D 199 -5.79 8.33 32.88
N GLU D 200 -5.88 9.15 33.93
CA GLU D 200 -7.18 9.53 34.46
C GLU D 200 -7.95 10.37 33.45
N LYS D 201 -7.28 11.32 32.80
CA LYS D 201 -7.95 12.15 31.81
C LYS D 201 -8.40 11.33 30.60
N ILE D 202 -7.65 10.28 30.25
CA ILE D 202 -8.04 9.42 29.14
C ILE D 202 -9.23 8.55 29.53
N ALA D 203 -9.17 7.94 30.71
CA ALA D 203 -10.22 7.04 31.16
C ALA D 203 -11.50 7.77 31.57
N SER D 204 -11.45 9.09 31.72
CA SER D 204 -12.63 9.87 32.10
C SER D 204 -13.64 10.00 30.97
N ASN D 205 -13.36 9.44 29.80
CA ASN D 205 -14.25 9.52 28.64
C ASN D 205 -14.84 8.15 28.35
N SER D 206 -15.64 8.07 27.29
CA SER D 206 -16.26 6.82 26.88
C SER D 206 -15.21 5.84 26.38
N LYS D 207 -15.24 4.62 26.93
CA LYS D 207 -14.22 3.63 26.59
C LYS D 207 -14.31 3.21 25.12
N ILE D 208 -15.53 3.04 24.60
CA ILE D 208 -15.69 2.62 23.22
C ILE D 208 -15.22 3.70 22.27
N VAL D 209 -15.53 4.96 22.58
CA VAL D 209 -15.08 6.06 21.73
C VAL D 209 -13.57 6.20 21.79
N VAL D 210 -12.98 5.99 22.96
CA VAL D 210 -11.53 6.04 23.09
C VAL D 210 -10.88 4.93 22.27
N ALA D 211 -11.47 3.74 22.30
CA ALA D 211 -10.94 2.63 21.50
C ALA D 211 -11.06 2.91 20.01
N MET D 212 -12.19 3.48 19.58
CA MET D 212 -12.35 3.84 18.18
C MET D 212 -11.33 4.90 17.75
N ALA D 213 -11.08 5.89 18.61
CA ALA D 213 -10.10 6.91 18.29
C ALA D 213 -8.69 6.31 18.23
N LYS D 214 -8.37 5.40 19.14
CA LYS D 214 -7.07 4.73 19.11
C LYS D 214 -6.91 3.94 17.81
N GLU D 215 -7.95 3.23 17.39
CA GLU D 215 -7.89 2.50 16.13
C GLU D 215 -7.72 3.44 14.95
N SER D 216 -8.42 4.58 14.97
CA SER D 216 -8.30 5.56 13.88
C SER D 216 -6.89 6.11 13.80
N VAL D 217 -6.27 6.37 14.95
CA VAL D 217 -4.91 6.92 14.94
C VAL D 217 -3.92 5.85 14.50
N ASN D 218 -4.12 4.60 14.95
CA ASN D 218 -3.22 3.52 14.54
C ASN D 218 -3.35 3.20 13.06
N ALA D 219 -4.52 3.46 12.46
CA ALA D 219 -4.72 3.22 11.04
C ALA D 219 -3.91 4.15 10.15
N ALA D 220 -3.25 5.17 10.73
CA ALA D 220 -2.45 6.09 9.94
C ALA D 220 -1.14 5.50 9.45
N PHE D 221 -0.74 4.34 9.96
CA PHE D 221 0.47 3.67 9.53
C PHE D 221 0.21 2.37 8.78
N GLU D 222 -1.06 2.05 8.51
CA GLU D 222 -1.42 0.80 7.85
C GLU D 222 -2.18 0.98 6.55
N MET D 223 -2.72 2.17 6.28
CA MET D 223 -3.49 2.44 5.06
C MET D 223 -3.00 3.75 4.44
N THR D 224 -3.61 4.11 3.32
CA THR D 224 -3.29 5.35 2.63
C THR D 224 -4.09 6.50 3.23
N LEU D 225 -3.92 7.69 2.64
CA LEU D 225 -4.63 8.86 3.14
C LEU D 225 -6.11 8.82 2.74
N THR D 226 -6.41 8.43 1.51
CA THR D 226 -7.79 8.39 1.05
C THR D 226 -8.58 7.32 1.80
N GLU D 227 -8.07 6.08 1.82
CA GLU D 227 -8.75 5.03 2.56
C GLU D 227 -8.74 5.28 4.05
N GLY D 228 -7.69 5.93 4.56
CA GLY D 228 -7.69 6.32 5.96
C GLY D 228 -8.81 7.27 6.29
N SER D 229 -9.01 8.29 5.45
CA SER D 229 -10.10 9.23 5.66
C SER D 229 -11.45 8.56 5.48
N LYS D 230 -11.56 7.60 4.56
CA LYS D 230 -12.81 6.86 4.39
C LYS D 230 -13.15 6.06 5.64
N LEU D 231 -12.17 5.34 6.18
CA LEU D 231 -12.39 4.57 7.41
C LEU D 231 -12.69 5.51 8.57
N GLU D 232 -12.06 6.68 8.62
CA GLU D 232 -12.34 7.65 9.66
C GLU D 232 -13.78 8.15 9.58
N LYS D 233 -14.25 8.44 8.36
CA LYS D 233 -15.63 8.85 8.18
C LYS D 233 -16.60 7.73 8.58
N LYS D 234 -16.26 6.49 8.24
CA LYS D 234 -17.12 5.37 8.61
C LYS D 234 -17.20 5.22 10.12
N LEU D 235 -16.07 5.35 10.82
CA LEU D 235 -16.09 5.25 12.27
C LEU D 235 -16.83 6.43 12.90
N PHE D 236 -16.68 7.62 12.32
CA PHE D 236 -17.42 8.78 12.83
C PHE D 236 -18.92 8.59 12.66
N TYR D 237 -19.33 7.98 11.55
CA TYR D 237 -20.76 7.71 11.35
C TYR D 237 -21.23 6.62 12.31
N SER D 238 -20.39 5.62 12.58
CA SER D 238 -20.79 4.54 13.49
C SER D 238 -20.85 5.02 14.94
N THR D 239 -20.09 6.06 15.28
CA THR D 239 -20.13 6.59 16.64
C THR D 239 -21.51 7.10 17.04
N PHE D 240 -22.36 7.44 16.06
CA PHE D 240 -23.71 7.92 16.37
C PHE D 240 -24.62 6.83 16.91
N ALA D 241 -24.18 5.58 16.92
CA ALA D 241 -24.97 4.48 17.44
C ALA D 241 -24.80 4.27 18.94
N THR D 242 -24.08 5.15 19.62
CA THR D 242 -23.83 5.05 21.05
C THR D 242 -24.62 6.10 21.82
N ASP D 243 -24.75 5.87 23.12
CA ASP D 243 -25.49 6.78 23.99
C ASP D 243 -24.60 7.89 24.54
N ASP D 244 -23.33 7.60 24.81
CA ASP D 244 -22.42 8.63 25.33
C ASP D 244 -22.21 9.74 24.32
N ARG D 245 -22.27 9.42 23.02
CA ARG D 245 -22.16 10.45 21.99
C ARG D 245 -23.25 11.49 22.13
N LYS D 246 -24.51 11.04 22.15
CA LYS D 246 -25.63 11.96 22.30
C LYS D 246 -25.61 12.64 23.66
N GLU D 247 -25.18 11.93 24.71
CA GLU D 247 -25.10 12.54 26.04
C GLU D 247 -24.13 13.71 26.03
N GLY D 248 -22.95 13.53 25.43
CA GLY D 248 -21.98 14.61 25.36
C GLY D 248 -22.44 15.74 24.46
N MET D 249 -23.05 15.41 23.32
CA MET D 249 -23.53 16.46 22.42
C MET D 249 -24.69 17.25 23.02
N THR D 250 -25.44 16.65 23.95
CA THR D 250 -26.49 17.38 24.66
C THR D 250 -25.93 18.19 25.83
N ALA D 251 -24.95 17.64 26.55
CA ALA D 251 -24.33 18.37 27.64
C ALA D 251 -23.55 19.57 27.15
N PHE D 252 -22.99 19.51 25.94
CA PHE D 252 -22.29 20.65 25.38
C PHE D 252 -23.25 21.81 25.13
N VAL D 253 -24.45 21.50 24.61
CA VAL D 253 -25.44 22.53 24.37
C VAL D 253 -26.01 23.06 25.68
N GLU D 254 -26.29 22.17 26.62
CA GLU D 254 -26.84 22.56 27.91
C GLU D 254 -25.79 23.14 28.85
N LYS D 255 -24.51 23.13 28.46
CA LYS D 255 -23.41 23.69 29.27
C LYS D 255 -23.35 23.03 30.64
N ARG D 256 -23.11 21.72 30.62
CA ARG D 256 -23.00 20.93 31.85
C ARG D 256 -21.94 19.85 31.63
N LYS D 257 -21.80 18.97 32.61
CA LYS D 257 -20.82 17.90 32.54
C LYS D 257 -21.47 16.64 31.96
N ALA D 258 -20.80 16.04 30.98
CA ALA D 258 -21.33 14.86 30.31
C ALA D 258 -21.03 13.62 31.16
N ASN D 259 -22.07 12.89 31.53
CA ASN D 259 -21.95 11.68 32.35
C ASN D 259 -21.94 10.48 31.42
N PHE D 260 -20.75 10.11 30.95
CA PHE D 260 -20.62 8.97 30.06
C PHE D 260 -20.87 7.67 30.82
N LYS D 261 -21.53 6.73 30.16
CA LYS D 261 -21.87 5.44 30.77
C LYS D 261 -21.23 4.27 30.03
N ASP D 262 -20.19 4.54 29.23
CA ASP D 262 -19.47 3.51 28.48
C ASP D 262 -20.38 2.73 27.54
N GLN D 263 -21.38 3.40 26.99
CA GLN D 263 -22.32 2.77 26.07
C GLN D 263 -22.94 3.79 25.13
N ALA E 4 -21.18 35.96 -4.98
CA ALA E 4 -22.58 36.06 -4.62
C ALA E 4 -22.74 36.74 -3.26
N ASN E 5 -23.99 36.92 -2.84
CA ASN E 5 -24.29 37.56 -1.56
C ASN E 5 -24.18 36.51 -0.46
N PHE E 6 -22.99 36.39 0.13
CA PHE E 6 -22.74 35.43 1.19
C PHE E 6 -23.10 36.04 2.54
N GLU E 7 -23.69 35.22 3.41
CA GLU E 7 -24.11 35.67 4.73
C GLU E 7 -23.24 35.13 5.86
N TYR E 8 -22.32 34.22 5.57
CA TYR E 8 -21.45 33.64 6.60
C TYR E 8 -19.97 33.88 6.35
N ILE E 9 -19.54 33.99 5.10
CA ILE E 9 -18.14 34.21 4.77
C ILE E 9 -18.02 35.44 3.87
N ILE E 10 -16.79 35.89 3.67
CA ILE E 10 -16.48 37.02 2.80
C ILE E 10 -15.37 36.58 1.87
N ALA E 11 -15.67 36.47 0.58
CA ALA E 11 -14.71 36.08 -0.44
C ALA E 11 -14.37 37.30 -1.29
N GLU E 12 -13.08 37.67 -1.32
CA GLU E 12 -12.64 38.85 -2.03
C GLU E 12 -11.31 38.57 -2.73
N LYS E 13 -10.89 39.52 -3.55
CA LYS E 13 -9.65 39.42 -4.30
C LYS E 13 -8.66 40.44 -3.73
N ARG E 14 -7.68 39.94 -2.99
CA ARG E 14 -6.64 40.75 -2.37
C ARG E 14 -5.30 40.47 -3.04
N GLY E 15 -4.32 41.30 -2.70
CA GLY E 15 -2.99 41.18 -3.25
C GLY E 15 -2.78 42.08 -4.46
N LYS E 16 -1.51 42.24 -4.82
CA LYS E 16 -1.16 43.04 -6.00
C LYS E 16 -1.68 42.37 -7.27
N ASN E 17 -2.23 43.18 -8.17
CA ASN E 17 -2.80 42.75 -9.44
C ASN E 17 -3.96 41.78 -9.28
N ASN E 18 -4.54 41.70 -8.07
CA ASN E 18 -5.69 40.84 -7.79
C ASN E 18 -5.38 39.38 -8.14
N THR E 19 -4.38 38.83 -7.45
CA THR E 19 -3.94 37.47 -7.65
C THR E 19 -4.12 36.58 -6.43
N VAL E 20 -4.72 37.08 -5.35
CA VAL E 20 -4.92 36.32 -4.12
C VAL E 20 -6.41 36.25 -3.84
N GLY E 21 -6.89 35.06 -3.52
CA GLY E 21 -8.29 34.89 -3.14
C GLY E 21 -8.45 34.73 -1.65
N LEU E 22 -8.96 35.76 -0.98
CA LEU E 22 -9.07 35.78 0.48
C LEU E 22 -10.49 35.39 0.88
N ILE E 23 -10.61 34.33 1.67
CA ILE E 23 -11.88 33.86 2.20
C ILE E 23 -11.82 34.00 3.71
N GLN E 24 -12.57 34.97 4.24
CA GLN E 24 -12.59 35.26 5.67
C GLN E 24 -13.90 34.76 6.28
N LEU E 25 -13.79 33.94 7.31
CA LEU E 25 -14.96 33.43 8.02
C LEU E 25 -15.51 34.52 8.93
N ASN E 26 -16.69 35.03 8.60
CA ASN E 26 -17.31 36.12 9.34
C ASN E 26 -18.43 35.55 10.20
N ARG E 27 -18.08 35.15 11.42
CA ARG E 27 -19.06 34.63 12.37
C ARG E 27 -18.50 34.74 13.79
N PRO E 28 -18.51 35.95 14.38
CA PRO E 28 -17.96 36.10 15.74
C PRO E 28 -18.89 35.66 16.84
N LYS E 29 -20.15 35.36 16.54
CA LYS E 29 -21.11 34.96 17.57
C LYS E 29 -21.10 33.46 17.84
N ALA E 30 -20.40 32.67 17.02
CA ALA E 30 -20.34 31.22 17.25
C ALA E 30 -18.94 30.66 17.04
N LEU E 31 -17.91 31.52 17.11
CA LEU E 31 -16.52 31.10 16.92
C LEU E 31 -16.33 30.44 15.55
N ASN E 32 -17.00 30.97 14.54
CA ASN E 32 -16.95 30.47 13.17
C ASN E 32 -17.35 28.99 13.11
N ALA E 33 -18.56 28.73 13.58
CA ALA E 33 -19.09 27.36 13.56
C ALA E 33 -19.35 26.93 12.13
N LEU E 34 -18.78 25.78 11.76
CA LEU E 34 -18.90 25.24 10.40
C LEU E 34 -20.26 24.60 10.24
N CYS E 35 -21.25 25.41 9.84
CA CYS E 35 -22.59 24.92 9.59
C CYS E 35 -22.73 24.51 8.12
N ASP E 36 -23.94 24.10 7.74
CA ASP E 36 -24.17 23.67 6.36
C ASP E 36 -24.07 24.84 5.40
N GLY E 37 -24.66 25.99 5.75
CA GLY E 37 -24.59 27.15 4.89
C GLY E 37 -23.19 27.69 4.74
N LEU E 38 -22.43 27.71 5.84
CA LEU E 38 -21.05 28.18 5.77
C LEU E 38 -20.20 27.27 4.89
N ILE E 39 -20.36 25.96 5.02
CA ILE E 39 -19.61 25.03 4.19
C ILE E 39 -20.02 25.17 2.72
N ASP E 40 -21.31 25.37 2.46
CA ASP E 40 -21.77 25.57 1.10
C ASP E 40 -21.18 26.83 0.48
N GLU E 41 -21.17 27.93 1.23
CA GLU E 41 -20.59 29.17 0.73
C GLU E 41 -19.08 29.03 0.52
N LEU E 42 -18.41 28.30 1.41
CA LEU E 42 -16.98 28.06 1.25
C LEU E 42 -16.69 27.26 -0.01
N ASN E 43 -17.49 26.22 -0.27
CA ASN E 43 -17.31 25.43 -1.48
C ASN E 43 -17.59 26.25 -2.73
N GLN E 44 -18.62 27.11 -2.68
CA GLN E 44 -18.92 27.97 -3.82
C GLN E 44 -17.77 28.94 -4.08
N ALA E 45 -17.21 29.54 -3.03
CA ALA E 45 -16.09 30.46 -3.19
C ALA E 45 -14.86 29.73 -3.74
N LEU E 46 -14.62 28.51 -3.26
CA LEU E 46 -13.49 27.73 -3.77
C LEU E 46 -13.67 27.42 -5.24
N LYS E 47 -14.88 27.03 -5.65
CA LYS E 47 -15.13 26.76 -7.07
C LYS E 47 -14.97 28.01 -7.91
N THR E 48 -15.43 29.16 -7.39
CA THR E 48 -15.29 30.41 -8.13
C THR E 48 -13.83 30.77 -8.30
N PHE E 49 -13.03 30.64 -7.24
CA PHE E 49 -11.61 30.96 -7.33
C PHE E 49 -10.85 29.94 -8.18
N GLU E 50 -11.36 28.71 -8.27
CA GLU E 50 -10.73 27.72 -9.13
C GLU E 50 -11.03 27.97 -10.60
N GLU E 51 -12.27 28.35 -10.92
CA GLU E 51 -12.62 28.63 -12.31
C GLU E 51 -12.06 29.97 -12.79
N ASP E 52 -11.70 30.86 -11.88
CA ASP E 52 -11.17 32.16 -12.27
C ASP E 52 -9.73 32.00 -12.76
N PRO E 53 -9.38 32.54 -13.92
CA PRO E 53 -8.00 32.39 -14.42
C PRO E 53 -7.00 33.33 -13.78
N ALA E 54 -7.45 34.36 -13.07
CA ALA E 54 -6.55 35.33 -12.47
C ALA E 54 -6.06 34.89 -11.09
N VAL E 55 -6.95 34.32 -10.27
CA VAL E 55 -6.57 33.88 -8.94
C VAL E 55 -5.69 32.64 -9.06
N GLY E 56 -4.47 32.72 -8.53
CA GLY E 56 -3.55 31.61 -8.60
C GLY E 56 -3.36 30.90 -7.27
N ALA E 57 -3.77 31.56 -6.18
CA ALA E 57 -3.64 30.98 -4.86
C ALA E 57 -4.81 31.45 -4.00
N ILE E 58 -5.19 30.61 -3.04
CA ILE E 58 -6.30 30.88 -2.14
C ILE E 58 -5.77 30.93 -0.71
N VAL E 59 -6.29 31.87 0.08
CA VAL E 59 -5.89 32.05 1.46
C VAL E 59 -7.13 31.92 2.33
N LEU E 60 -7.13 30.94 3.23
CA LEU E 60 -8.22 30.71 4.16
C LEU E 60 -7.86 31.34 5.51
N THR E 61 -8.69 32.26 5.97
CA THR E 61 -8.45 32.97 7.22
C THR E 61 -9.75 33.05 8.00
N GLY E 62 -9.63 32.96 9.33
CA GLY E 62 -10.79 33.04 10.20
C GLY E 62 -10.90 34.39 10.89
N GLY E 63 -11.15 34.36 12.20
CA GLY E 63 -11.28 35.58 12.98
C GLY E 63 -10.03 35.87 13.81
N ASP E 64 -10.06 37.01 14.49
CA ASP E 64 -8.96 37.43 15.33
C ASP E 64 -8.90 36.69 16.65
N LYS E 65 -9.94 35.93 17.01
CA LYS E 65 -9.97 35.16 18.24
C LYS E 65 -10.16 33.67 18.01
N ALA E 66 -10.87 33.26 16.95
CA ALA E 66 -11.10 31.85 16.68
C ALA E 66 -11.15 31.64 15.18
N PHE E 67 -10.34 30.70 14.69
CA PHE E 67 -10.34 30.38 13.26
C PHE E 67 -11.60 29.62 12.88
N ALA E 68 -11.81 28.45 13.49
CA ALA E 68 -13.00 27.64 13.22
C ALA E 68 -13.17 26.67 14.37
N ALA E 69 -14.34 26.70 15.01
CA ALA E 69 -14.63 25.84 16.16
C ALA E 69 -15.28 24.53 15.77
N GLY E 70 -15.08 24.06 14.54
CA GLY E 70 -15.64 22.80 14.10
C GLY E 70 -17.06 22.93 13.60
N ALA E 71 -17.66 21.77 13.36
CA ALA E 71 -19.03 21.72 12.88
C ALA E 71 -20.01 22.17 13.96
N ASP E 72 -21.21 22.52 13.52
CA ASP E 72 -22.26 22.98 14.44
C ASP E 72 -22.81 21.79 15.21
N ILE E 73 -22.50 21.73 16.50
CA ILE E 73 -22.97 20.61 17.32
C ILE E 73 -24.47 20.69 17.55
N LYS E 74 -25.03 21.90 17.60
CA LYS E 74 -26.46 22.04 17.84
C LYS E 74 -27.29 21.56 16.67
N GLU E 75 -26.78 21.65 15.44
CA GLU E 75 -27.54 21.23 14.28
C GLU E 75 -27.58 19.70 14.16
N MET E 76 -26.43 19.04 14.29
CA MET E 76 -26.35 17.59 14.19
C MET E 76 -26.59 16.89 15.51
N GLN E 77 -27.24 17.56 16.47
CA GLN E 77 -27.48 16.95 17.77
C GLN E 77 -28.53 15.85 17.68
N ASN E 78 -29.71 16.18 17.17
CA ASN E 78 -30.82 15.22 17.08
C ASN E 78 -30.73 14.42 15.78
N LEU E 79 -29.60 13.72 15.62
CA LEU E 79 -29.37 12.87 14.47
C LEU E 79 -29.11 11.44 14.93
N SER E 80 -29.26 10.51 13.99
CA SER E 80 -29.08 9.08 14.27
C SER E 80 -28.09 8.50 13.27
N PHE E 81 -27.93 7.17 13.31
CA PHE E 81 -27.01 6.51 12.41
C PHE E 81 -27.47 6.61 10.96
N GLN E 82 -28.75 6.34 10.70
CA GLN E 82 -29.27 6.43 9.35
C GLN E 82 -29.31 7.87 8.87
N ASP E 83 -29.59 8.81 9.78
CA ASP E 83 -29.63 10.22 9.40
C ASP E 83 -28.25 10.76 9.06
N CYS E 84 -27.19 10.13 9.58
CA CYS E 84 -25.84 10.59 9.29
C CYS E 84 -25.25 9.86 8.08
N TYR E 85 -25.54 8.56 7.94
CA TYR E 85 -24.92 7.77 6.88
C TYR E 85 -25.66 7.97 5.55
N SER E 86 -26.94 7.60 5.49
CA SER E 86 -27.70 7.64 4.25
C SER E 86 -28.52 8.94 4.19
N SER E 87 -27.80 10.05 4.12
CA SER E 87 -28.41 11.37 3.99
C SER E 87 -27.35 12.35 3.51
N LYS E 88 -27.67 13.64 3.54
CA LYS E 88 -26.78 14.70 3.10
C LYS E 88 -26.20 15.48 4.27
N PHE E 89 -25.93 14.80 5.39
CA PHE E 89 -25.38 15.44 6.57
C PHE E 89 -23.89 15.11 6.68
N LEU E 90 -23.05 16.15 6.69
CA LEU E 90 -21.60 16.02 6.80
C LEU E 90 -21.04 15.17 5.64
N LYS E 91 -21.25 15.66 4.43
CA LYS E 91 -20.79 15.00 3.22
C LYS E 91 -19.85 15.84 2.38
N HIS E 92 -20.08 17.16 2.30
CA HIS E 92 -19.28 18.04 1.45
C HIS E 92 -18.11 18.64 2.25
N TRP E 93 -17.22 17.74 2.69
CA TRP E 93 -16.05 18.15 3.45
C TRP E 93 -14.73 17.87 2.73
N ASP E 94 -14.75 17.08 1.65
CA ASP E 94 -13.53 16.75 0.91
C ASP E 94 -13.27 17.70 -0.25
N HIS E 95 -14.18 18.65 -0.50
CA HIS E 95 -13.99 19.57 -1.62
C HIS E 95 -12.72 20.40 -1.47
N LEU E 96 -12.33 20.71 -0.22
CA LEU E 96 -11.09 21.45 0.00
C LEU E 96 -9.88 20.66 -0.51
N THR E 97 -9.97 19.33 -0.53
CA THR E 97 -8.90 18.50 -1.07
C THR E 97 -9.06 18.24 -2.56
N GLN E 98 -10.13 18.74 -3.19
CA GLN E 98 -10.35 18.51 -4.61
C GLN E 98 -9.84 19.64 -5.49
N VAL E 99 -9.60 20.83 -4.91
CA VAL E 99 -9.12 21.95 -5.70
C VAL E 99 -7.67 21.72 -6.10
N LYS E 100 -7.30 22.20 -7.29
CA LYS E 100 -5.94 22.05 -7.79
C LYS E 100 -5.04 23.23 -7.42
N LYS E 101 -5.61 24.39 -7.08
CA LYS E 101 -4.82 25.54 -6.70
C LYS E 101 -4.44 25.46 -5.22
N PRO E 102 -3.26 25.97 -4.86
CA PRO E 102 -2.83 25.91 -3.45
C PRO E 102 -3.74 26.74 -2.56
N VAL E 103 -3.99 26.22 -1.36
CA VAL E 103 -4.81 26.89 -0.36
C VAL E 103 -3.96 27.08 0.90
N ILE E 104 -3.92 28.31 1.41
CA ILE E 104 -3.14 28.65 2.59
C ILE E 104 -4.10 28.87 3.75
N ALA E 105 -3.86 28.16 4.85
CA ALA E 105 -4.68 28.25 6.05
C ALA E 105 -4.00 29.21 7.03
N ALA E 106 -4.70 30.30 7.36
CA ALA E 106 -4.19 31.32 8.29
C ALA E 106 -4.97 31.17 9.60
N VAL E 107 -4.40 30.42 10.54
CA VAL E 107 -5.00 30.20 11.85
C VAL E 107 -4.57 31.35 12.76
N ASN E 108 -5.53 32.19 13.14
CA ASN E 108 -5.27 33.35 13.99
C ASN E 108 -5.96 33.24 15.34
N GLY E 109 -6.33 32.03 15.75
CA GLY E 109 -6.99 31.84 17.03
C GLY E 109 -7.30 30.39 17.35
N TYR E 110 -8.50 30.14 17.87
CA TYR E 110 -8.89 28.79 18.25
C TYR E 110 -9.21 27.97 17.00
N ALA E 111 -8.50 26.86 16.82
CA ALA E 111 -8.73 25.92 15.74
C ALA E 111 -8.95 24.55 16.36
N PHE E 112 -10.20 24.26 16.74
CA PHE E 112 -10.54 23.03 17.42
C PHE E 112 -11.54 22.23 16.58
N GLY E 113 -11.37 20.91 16.57
CA GLY E 113 -12.26 20.04 15.83
C GLY E 113 -12.12 20.17 14.33
N GLY E 114 -13.18 20.66 13.67
CA GLY E 114 -13.14 20.81 12.23
C GLY E 114 -12.17 21.87 11.76
N GLY E 115 -11.83 22.82 12.64
CA GLY E 115 -10.89 23.86 12.26
C GLY E 115 -9.50 23.31 11.98
N CYS E 116 -9.00 22.48 12.89
CA CYS E 116 -7.69 21.86 12.68
C CYS E 116 -7.71 20.95 11.46
N GLU E 117 -8.84 20.27 11.21
CA GLU E 117 -8.95 19.41 10.04
C GLU E 117 -8.87 20.23 8.76
N LEU E 118 -9.62 21.32 8.69
CA LEU E 118 -9.57 22.18 7.50
C LEU E 118 -8.20 22.81 7.33
N ALA E 119 -7.51 23.12 8.44
CA ALA E 119 -6.17 23.66 8.35
C ALA E 119 -5.19 22.63 7.80
N MET E 120 -5.29 21.39 8.27
CA MET E 120 -4.37 20.35 7.81
C MET E 120 -4.67 19.92 6.39
N MET E 121 -5.92 20.05 5.94
CA MET E 121 -6.25 19.72 4.56
C MET E 121 -5.67 20.71 3.56
N CYS E 122 -5.21 21.88 4.00
CA CYS E 122 -4.58 22.84 3.13
C CYS E 122 -3.11 22.47 2.90
N ASP E 123 -2.47 23.21 1.99
CA ASP E 123 -1.07 22.94 1.67
C ASP E 123 -0.13 23.60 2.68
N ILE E 124 -0.31 24.90 2.92
CA ILE E 124 0.53 25.66 3.84
C ILE E 124 -0.33 26.11 5.01
N ILE E 125 0.20 25.94 6.22
CA ILE E 125 -0.50 26.28 7.45
C ILE E 125 0.29 27.37 8.15
N TYR E 126 -0.31 28.56 8.26
CA TYR E 126 0.28 29.68 8.97
C TYR E 126 -0.51 29.92 10.26
N ALA E 127 0.16 29.80 11.39
CA ALA E 127 -0.47 29.96 12.70
C ALA E 127 0.07 31.21 13.39
N GLY E 128 -0.81 31.91 14.09
CA GLY E 128 -0.43 33.10 14.82
C GLY E 128 0.15 32.76 16.20
N GLU E 129 0.55 33.82 16.91
CA GLU E 129 1.13 33.63 18.23
C GLU E 129 0.11 33.12 19.23
N LYS E 130 -1.16 33.47 19.05
CA LYS E 130 -2.23 33.02 19.93
C LYS E 130 -3.01 31.85 19.36
N ALA E 131 -2.53 31.23 18.28
CA ALA E 131 -3.22 30.11 17.69
C ALA E 131 -3.11 28.87 18.58
N GLN E 132 -4.19 28.10 18.64
CA GLN E 132 -4.24 26.89 19.46
C GLN E 132 -4.91 25.78 18.67
N PHE E 133 -4.32 24.59 18.71
CA PHE E 133 -4.84 23.42 18.02
C PHE E 133 -5.14 22.32 19.02
N ALA E 134 -6.28 21.66 18.85
CA ALA E 134 -6.68 20.58 19.75
C ALA E 134 -7.76 19.76 19.05
N GLN E 135 -8.07 18.61 19.64
CA GLN E 135 -9.10 17.70 19.14
C GLN E 135 -10.06 17.40 20.28
N PRO E 136 -11.03 18.29 20.51
CA PRO E 136 -11.95 18.11 21.65
C PRO E 136 -13.13 17.18 21.38
N GLU E 137 -13.10 16.40 20.30
CA GLU E 137 -14.22 15.50 20.02
C GLU E 137 -14.39 14.48 21.15
N ILE E 138 -13.28 14.00 21.72
CA ILE E 138 -13.36 13.06 22.83
C ILE E 138 -14.03 13.67 24.04
N LEU E 139 -14.11 15.00 24.11
CA LEU E 139 -14.80 15.67 25.19
C LEU E 139 -16.31 15.67 25.00
N ILE E 140 -16.80 15.42 23.79
CA ILE E 140 -18.24 15.38 23.52
C ILE E 140 -18.71 14.00 23.08
N GLY E 141 -17.83 13.00 23.14
CA GLY E 141 -18.20 11.64 22.80
C GLY E 141 -18.06 11.28 21.35
N THR E 142 -17.47 12.13 20.53
CA THR E 142 -17.29 11.88 19.10
C THR E 142 -15.81 11.73 18.78
N ILE E 143 -15.52 11.55 17.50
CA ILE E 143 -14.15 11.43 17.01
C ILE E 143 -13.99 12.29 15.76
N PRO E 144 -12.76 12.69 15.45
CA PRO E 144 -12.53 13.40 14.19
C PRO E 144 -12.91 12.54 13.01
N GLY E 145 -13.28 13.21 11.91
CA GLY E 145 -13.72 12.49 10.73
C GLY E 145 -13.28 13.11 9.41
N ALA E 146 -12.43 14.13 9.48
CA ALA E 146 -11.95 14.82 8.29
C ALA E 146 -10.42 14.98 8.34
N GLY E 147 -9.73 13.92 8.71
CA GLY E 147 -8.29 13.93 8.76
C GLY E 147 -7.69 14.29 10.10
N GLY E 148 -8.49 14.36 11.16
CA GLY E 148 -7.96 14.68 12.47
C GLY E 148 -7.07 13.61 13.06
N THR E 149 -7.22 12.37 12.61
CA THR E 149 -6.38 11.26 13.09
C THR E 149 -5.48 10.69 12.01
N GLN E 150 -5.61 11.13 10.76
CA GLN E 150 -4.79 10.64 9.65
C GLN E 150 -3.66 11.60 9.30
N ARG E 151 -4.00 12.86 9.02
CA ARG E 151 -2.97 13.83 8.66
C ARG E 151 -2.20 14.31 9.89
N LEU E 152 -2.88 14.45 11.03
CA LEU E 152 -2.22 14.91 12.24
C LEU E 152 -1.17 13.91 12.71
N THR E 153 -1.45 12.61 12.55
CA THR E 153 -0.50 11.59 12.97
C THR E 153 0.71 11.55 12.05
N ARG E 154 0.49 11.68 10.74
CA ARG E 154 1.59 11.63 9.78
C ARG E 154 2.41 12.91 9.74
N ALA E 155 1.84 14.03 10.15
CA ALA E 155 2.55 15.31 10.09
C ALA E 155 3.22 15.70 11.41
N VAL E 156 2.70 15.23 12.54
CA VAL E 156 3.22 15.58 13.84
C VAL E 156 3.96 14.39 14.45
N GLY E 157 3.25 13.29 14.62
CA GLY E 157 3.80 12.10 15.25
C GLY E 157 2.70 11.31 15.94
N LYS E 158 3.03 10.06 16.26
CA LYS E 158 2.03 9.18 16.86
C LYS E 158 1.73 9.56 18.31
N SER E 159 2.77 9.90 19.07
CA SER E 159 2.59 10.15 20.50
C SER E 159 1.75 11.41 20.73
N LEU E 160 2.14 12.53 20.13
CA LEU E 160 1.41 13.78 20.36
C LEU E 160 0.00 13.72 19.78
N ALA E 161 -0.18 13.05 18.64
CA ALA E 161 -1.52 12.90 18.08
C ALA E 161 -2.40 12.06 19.01
N MET E 162 -1.86 10.94 19.51
CA MET E 162 -2.60 10.13 20.47
C MET E 162 -2.98 10.95 21.71
N GLU E 163 -2.05 11.76 22.21
CA GLU E 163 -2.32 12.57 23.39
C GLU E 163 -3.44 13.58 23.11
N MET E 164 -3.34 14.30 21.99
CA MET E 164 -4.34 15.32 21.67
C MET E 164 -5.69 14.70 21.36
N VAL E 165 -5.73 13.47 20.88
CA VAL E 165 -7.01 12.85 20.54
C VAL E 165 -7.66 12.24 21.78
N LEU E 166 -6.86 11.65 22.67
CA LEU E 166 -7.41 10.98 23.85
C LEU E 166 -7.59 11.91 25.04
N THR E 167 -7.00 13.11 25.01
CA THR E 167 -7.14 14.06 26.11
C THR E 167 -7.74 15.39 25.70
N GLY E 168 -7.66 15.77 24.44
CA GLY E 168 -8.17 17.06 24.01
C GLY E 168 -7.35 18.26 24.44
N ASP E 169 -6.10 18.04 24.86
CA ASP E 169 -5.26 19.14 25.31
C ASP E 169 -4.87 20.04 24.14
N ARG E 170 -4.72 21.32 24.43
CA ARG E 170 -4.36 22.31 23.43
C ARG E 170 -2.85 22.44 23.31
N ILE E 171 -2.40 22.83 22.12
CA ILE E 171 -0.98 23.04 21.86
C ILE E 171 -0.79 24.45 21.31
N SER E 172 0.36 25.03 21.62
CA SER E 172 0.69 26.37 21.14
C SER E 172 1.30 26.30 19.73
N ALA E 173 1.51 27.48 19.14
CA ALA E 173 2.11 27.55 17.83
C ALA E 173 3.56 27.10 17.84
N GLN E 174 4.28 27.35 18.93
CA GLN E 174 5.67 26.93 19.02
C GLN E 174 5.79 25.41 19.01
N ASP E 175 4.94 24.72 19.78
CA ASP E 175 4.96 23.27 19.78
C ASP E 175 4.54 22.70 18.44
N ALA E 176 3.57 23.34 17.78
CA ALA E 176 3.13 22.88 16.47
C ALA E 176 4.24 23.03 15.43
N LYS E 177 5.00 24.13 15.51
CA LYS E 177 6.10 24.32 14.57
C LYS E 177 7.25 23.36 14.88
N GLN E 178 7.51 23.11 16.16
CA GLN E 178 8.59 22.18 16.52
C GLN E 178 8.24 20.76 16.11
N ALA E 179 6.97 20.39 16.19
CA ALA E 179 6.56 19.04 15.80
C ALA E 179 6.47 18.90 14.28
N GLY E 180 5.93 19.91 13.60
CA GLY E 180 5.81 19.86 12.17
C GLY E 180 4.41 20.13 11.66
N LEU E 181 3.55 20.65 12.52
CA LEU E 181 2.17 20.94 12.13
C LEU E 181 2.09 22.20 11.28
N VAL E 182 2.79 23.26 11.69
CA VAL E 182 2.80 24.52 10.95
C VAL E 182 4.22 24.78 10.47
N SER E 183 4.33 25.71 9.52
CA SER E 183 5.62 26.04 8.91
C SER E 183 6.22 27.34 9.42
N LYS E 184 5.40 28.37 9.63
CA LYS E 184 5.90 29.66 10.09
C LYS E 184 4.99 30.18 11.20
N ILE E 185 5.56 31.04 12.05
CA ILE E 185 4.84 31.67 13.14
C ILE E 185 4.91 33.18 12.93
N CYS E 186 3.76 33.80 12.71
CA CYS E 186 3.68 35.23 12.45
C CYS E 186 2.80 35.89 13.49
N PRO E 187 3.03 37.19 13.77
CA PRO E 187 2.18 37.90 14.73
C PRO E 187 0.73 37.95 14.27
N VAL E 188 -0.16 38.18 15.23
CA VAL E 188 -1.59 38.21 14.94
C VAL E 188 -1.97 39.43 14.11
N GLU E 189 -1.13 40.46 14.07
CA GLU E 189 -1.43 41.67 13.32
C GLU E 189 -0.90 41.63 11.89
N THR E 190 0.09 40.77 11.61
CA THR E 190 0.68 40.68 10.28
C THR E 190 0.58 39.28 9.69
N LEU E 191 -0.29 38.43 10.25
CA LEU E 191 -0.44 37.08 9.72
C LEU E 191 -1.10 37.10 8.34
N VAL E 192 -2.16 37.89 8.18
CA VAL E 192 -2.84 37.97 6.89
C VAL E 192 -1.92 38.56 5.84
N GLU E 193 -1.07 39.53 6.23
CA GLU E 193 -0.14 40.11 5.29
C GLU E 193 0.89 39.09 4.80
N GLU E 194 1.43 38.30 5.72
CA GLU E 194 2.38 37.25 5.33
C GLU E 194 1.70 36.19 4.47
N ALA E 195 0.44 35.86 4.78
CA ALA E 195 -0.28 34.90 3.96
C ALA E 195 -0.49 35.42 2.55
N ILE E 196 -0.84 36.71 2.41
CA ILE E 196 -1.02 37.30 1.10
C ILE E 196 0.31 37.35 0.34
N GLN E 197 1.40 37.64 1.05
CA GLN E 197 2.71 37.65 0.39
C GLN E 197 3.09 36.26 -0.09
N CYS E 198 2.82 35.23 0.72
CA CYS E 198 3.11 33.86 0.29
C CYS E 198 2.25 33.47 -0.90
N ALA E 199 0.97 33.88 -0.91
CA ALA E 199 0.10 33.58 -2.03
C ALA E 199 0.59 34.27 -3.30
N GLU E 200 1.08 35.51 -3.17
CA GLU E 200 1.64 36.21 -4.32
C GLU E 200 2.90 35.50 -4.83
N LYS E 201 3.75 35.04 -3.90
CA LYS E 201 4.95 34.30 -4.32
C LYS E 201 4.59 32.98 -4.97
N ILE E 202 3.44 32.40 -4.62
CA ILE E 202 3.01 31.15 -5.24
C ILE E 202 2.33 31.43 -6.58
N ALA E 203 1.48 32.46 -6.64
CA ALA E 203 0.72 32.79 -7.83
C ALA E 203 1.52 33.60 -8.85
N SER E 204 2.85 33.64 -8.71
CA SER E 204 3.71 34.36 -9.65
C SER E 204 4.40 33.43 -10.63
N ASN E 205 4.17 32.12 -10.54
CA ASN E 205 4.80 31.14 -11.40
C ASN E 205 3.76 30.46 -12.28
N SER E 206 4.21 29.47 -13.04
CA SER E 206 3.32 28.75 -13.94
C SER E 206 2.30 27.94 -13.15
N LYS E 207 1.02 28.14 -13.47
CA LYS E 207 -0.05 27.48 -12.71
C LYS E 207 -0.04 25.97 -12.91
N ILE E 208 0.23 25.52 -14.14
CA ILE E 208 0.24 24.08 -14.41
C ILE E 208 1.40 23.40 -13.68
N VAL E 209 2.57 24.04 -13.65
CA VAL E 209 3.70 23.47 -12.94
C VAL E 209 3.43 23.47 -11.44
N VAL E 210 2.76 24.52 -10.93
CA VAL E 210 2.40 24.56 -9.52
C VAL E 210 1.44 23.43 -9.17
N ALA E 211 0.46 23.18 -10.05
CA ALA E 211 -0.47 22.08 -9.82
C ALA E 211 0.23 20.72 -9.86
N MET E 212 1.16 20.55 -10.80
CA MET E 212 1.92 19.30 -10.86
C MET E 212 2.75 19.10 -9.61
N ALA E 213 3.38 20.16 -9.10
CA ALA E 213 4.15 20.04 -7.87
C ALA E 213 3.26 19.75 -6.68
N LYS E 214 2.08 20.36 -6.63
CA LYS E 214 1.14 20.08 -5.55
C LYS E 214 0.70 18.62 -5.58
N GLU E 215 0.41 18.09 -6.76
CA GLU E 215 0.04 16.68 -6.87
C GLU E 215 1.20 15.78 -6.47
N SER E 216 2.42 16.13 -6.87
CA SER E 216 3.59 15.34 -6.50
C SER E 216 3.78 15.30 -4.99
N VAL E 217 3.57 16.44 -4.32
CA VAL E 217 3.73 16.48 -2.87
C VAL E 217 2.60 15.73 -2.18
N ASN E 218 1.38 15.84 -2.71
CA ASN E 218 0.24 15.13 -2.11
C ASN E 218 0.36 13.62 -2.31
N ALA E 219 1.05 13.19 -3.37
CA ALA E 219 1.23 11.76 -3.61
C ALA E 219 2.14 11.09 -2.59
N ALA E 220 2.76 11.85 -1.69
CA ALA E 220 3.65 11.26 -0.68
C ALA E 220 2.90 10.55 0.44
N PHE E 221 1.60 10.80 0.58
CA PHE E 221 0.80 10.14 1.60
C PHE E 221 -0.15 9.09 1.02
N GLU E 222 -0.09 8.85 -0.29
CA GLU E 222 -0.99 7.91 -0.93
C GLU E 222 -0.28 6.72 -1.58
N MET E 223 1.00 6.84 -1.90
CA MET E 223 1.73 5.75 -2.55
C MET E 223 2.99 5.39 -1.77
N THR E 224 3.82 4.51 -2.34
CA THR E 224 5.06 4.11 -1.73
C THR E 224 6.20 5.02 -2.18
N LEU E 225 7.41 4.71 -1.73
CA LEU E 225 8.57 5.52 -2.12
C LEU E 225 9.00 5.24 -3.55
N THR E 226 9.05 3.96 -3.94
CA THR E 226 9.47 3.61 -5.29
C THR E 226 8.47 4.11 -6.33
N GLU E 227 7.19 3.80 -6.14
CA GLU E 227 6.17 4.28 -7.06
C GLU E 227 6.03 5.80 -7.00
N GLY E 228 6.24 6.39 -5.83
CA GLY E 228 6.24 7.84 -5.74
C GLY E 228 7.34 8.47 -6.57
N SER E 229 8.55 7.91 -6.50
CA SER E 229 9.65 8.40 -7.32
C SER E 229 9.39 8.15 -8.80
N LYS E 230 8.75 7.03 -9.14
CA LYS E 230 8.42 6.77 -10.54
C LYS E 230 7.43 7.79 -11.07
N LEU E 231 6.38 8.08 -10.31
CA LEU E 231 5.42 9.11 -10.71
C LEU E 231 6.07 10.48 -10.79
N GLU E 232 7.01 10.75 -9.88
CA GLU E 232 7.71 12.03 -9.92
C GLU E 232 8.56 12.15 -11.18
N LYS E 233 9.25 11.07 -11.55
CA LYS E 233 10.02 11.06 -12.79
C LYS E 233 9.11 11.24 -14.00
N LYS E 234 7.95 10.58 -13.99
CA LYS E 234 7.02 10.72 -15.11
C LYS E 234 6.52 12.15 -15.24
N LEU E 235 6.20 12.80 -14.11
CA LEU E 235 5.74 14.18 -14.17
C LEU E 235 6.86 15.13 -14.59
N PHE E 236 8.09 14.86 -14.14
CA PHE E 236 9.23 15.67 -14.56
C PHE E 236 9.46 15.54 -16.06
N TYR E 237 9.28 14.33 -16.61
CA TYR E 237 9.42 14.15 -18.04
C TYR E 237 8.28 14.84 -18.80
N SER E 238 7.07 14.79 -18.26
CA SER E 238 5.93 15.44 -18.91
C SER E 238 6.01 16.95 -18.85
N THR E 239 6.73 17.51 -17.88
CA THR E 239 6.89 18.96 -17.80
C THR E 239 7.61 19.55 -19.01
N PHE E 240 8.29 18.73 -19.82
CA PHE E 240 8.98 19.21 -21.00
C PHE E 240 8.04 19.45 -22.18
N ALA E 241 6.74 19.45 -21.96
CA ALA E 241 5.76 19.69 -23.02
C ALA E 241 5.13 21.08 -22.94
N THR E 242 5.54 21.91 -21.99
CA THR E 242 4.99 23.25 -21.83
C THR E 242 5.98 24.28 -22.39
N ASP E 243 5.53 25.53 -22.43
CA ASP E 243 6.35 26.62 -22.94
C ASP E 243 6.98 27.47 -21.85
N ASP E 244 6.51 27.37 -20.61
CA ASP E 244 7.09 28.14 -19.52
C ASP E 244 8.40 27.56 -19.04
N ARG E 245 8.59 26.25 -19.17
CA ARG E 245 9.84 25.62 -18.76
C ARG E 245 11.01 26.12 -19.59
N LYS E 246 10.85 26.12 -20.92
CA LYS E 246 11.91 26.60 -21.79
C LYS E 246 12.17 28.09 -21.57
N GLU E 247 11.11 28.87 -21.32
CA GLU E 247 11.30 30.28 -21.05
C GLU E 247 12.10 30.50 -19.75
N GLY E 248 11.77 29.74 -18.72
CA GLY E 248 12.51 29.85 -17.47
C GLY E 248 13.96 29.42 -17.61
N MET E 249 14.21 28.36 -18.39
CA MET E 249 15.58 27.92 -18.61
C MET E 249 16.37 28.97 -19.39
N THR E 250 15.74 29.57 -20.41
CA THR E 250 16.41 30.62 -21.18
C THR E 250 16.68 31.84 -20.31
N ALA E 251 15.75 32.18 -19.41
CA ALA E 251 15.97 33.31 -18.52
C ALA E 251 17.09 33.02 -17.52
N PHE E 252 17.19 31.78 -17.05
CA PHE E 252 18.27 31.42 -16.13
C PHE E 252 19.61 31.43 -16.84
N VAL E 253 19.65 31.00 -18.10
CA VAL E 253 20.91 31.00 -18.85
C VAL E 253 21.34 32.43 -19.16
N GLU E 254 20.41 33.24 -19.67
CA GLU E 254 20.71 34.62 -20.04
C GLU E 254 20.71 35.58 -18.86
N LYS E 255 20.47 35.08 -17.64
CA LYS E 255 20.49 35.88 -16.42
C LYS E 255 19.48 37.03 -16.49
N ARG E 256 18.21 36.66 -16.64
CA ARG E 256 17.12 37.63 -16.69
C ARG E 256 15.91 37.02 -15.99
N LYS E 257 14.79 37.73 -16.04
CA LYS E 257 13.56 37.30 -15.38
C LYS E 257 12.70 36.51 -16.35
N ALA E 258 12.10 35.43 -15.85
CA ALA E 258 11.27 34.55 -16.66
C ALA E 258 9.83 35.04 -16.66
N ASN E 259 9.27 35.25 -17.86
CA ASN E 259 7.90 35.72 -18.03
C ASN E 259 7.02 34.51 -18.33
N PHE E 260 6.53 33.86 -17.26
CA PHE E 260 5.66 32.71 -17.43
C PHE E 260 4.29 33.14 -17.94
N LYS E 261 3.76 32.37 -18.89
CA LYS E 261 2.46 32.66 -19.50
C LYS E 261 1.41 31.61 -19.15
N ASP E 262 1.67 30.76 -18.15
CA ASP E 262 0.73 29.72 -17.71
C ASP E 262 0.36 28.79 -18.87
N GLN E 263 1.35 28.40 -19.65
CA GLN E 263 1.12 27.50 -20.78
C GLN E 263 2.34 26.62 -21.04
N ALA F 4 40.46 5.55 -11.05
CA ALA F 4 40.56 6.21 -12.34
C ALA F 4 40.92 7.68 -12.18
N ASN F 5 41.22 8.34 -13.30
CA ASN F 5 41.59 9.76 -13.29
C ASN F 5 40.32 10.60 -13.43
N PHE F 6 39.66 10.81 -12.29
CA PHE F 6 38.44 11.61 -12.25
C PHE F 6 38.77 13.09 -12.38
N GLU F 7 38.00 13.78 -13.22
CA GLU F 7 38.21 15.20 -13.46
C GLU F 7 37.23 16.09 -12.72
N TYR F 8 35.98 15.65 -12.57
CA TYR F 8 34.96 16.46 -11.90
C TYR F 8 34.92 16.23 -10.39
N ILE F 9 35.21 15.01 -9.95
CA ILE F 9 35.18 14.68 -8.53
C ILE F 9 36.55 14.13 -8.13
N ILE F 10 36.71 13.92 -6.83
CA ILE F 10 37.93 13.35 -6.26
C ILE F 10 37.50 12.25 -5.28
N ALA F 11 37.84 11.01 -5.60
CA ALA F 11 37.53 9.86 -4.75
C ALA F 11 38.81 9.38 -4.09
N GLU F 12 38.76 9.22 -2.77
CA GLU F 12 39.94 8.81 -2.01
C GLU F 12 39.52 7.94 -0.84
N LYS F 13 40.51 7.32 -0.21
CA LYS F 13 40.31 6.45 0.95
C LYS F 13 40.84 7.17 2.18
N ARG F 14 39.92 7.70 2.98
CA ARG F 14 40.23 8.41 4.21
C ARG F 14 39.74 7.59 5.41
N GLY F 15 40.06 8.08 6.60
CA GLY F 15 39.67 7.43 7.83
C GLY F 15 40.74 6.50 8.38
N LYS F 16 40.43 5.92 9.53
CA LYS F 16 41.35 5.00 10.18
C LYS F 16 41.44 3.69 9.39
N ASN F 17 42.67 3.27 9.09
CA ASN F 17 42.95 2.04 8.35
C ASN F 17 42.33 2.04 6.95
N ASN F 18 42.07 3.23 6.40
CA ASN F 18 41.51 3.38 5.06
C ASN F 18 40.19 2.63 4.91
N THR F 19 39.27 2.88 5.84
CA THR F 19 37.97 2.23 5.85
C THR F 19 36.83 3.17 5.46
N VAL F 20 37.14 4.40 5.04
CA VAL F 20 36.14 5.38 4.67
C VAL F 20 36.40 5.83 3.23
N GLY F 21 35.33 5.93 2.44
CA GLY F 21 35.44 6.41 1.08
C GLY F 21 34.94 7.82 0.94
N LEU F 22 35.84 8.76 0.66
CA LEU F 22 35.51 10.18 0.60
C LEU F 22 35.41 10.61 -0.87
N ILE F 23 34.27 11.18 -1.23
CA ILE F 23 34.03 11.67 -2.59
C ILE F 23 33.77 13.17 -2.48
N GLN F 24 34.72 13.97 -2.95
CA GLN F 24 34.63 15.41 -2.89
C GLN F 24 34.31 15.97 -4.27
N LEU F 25 33.26 16.78 -4.34
CA LEU F 25 32.85 17.41 -5.60
C LEU F 25 33.75 18.61 -5.86
N ASN F 26 34.60 18.50 -6.88
CA ASN F 26 35.57 19.55 -7.22
C ASN F 26 35.06 20.31 -8.44
N ARG F 27 34.24 21.33 -8.21
CA ARG F 27 33.71 22.16 -9.27
C ARG F 27 33.24 23.50 -8.69
N PRO F 28 34.16 24.41 -8.38
CA PRO F 28 33.76 25.69 -7.76
C PRO F 28 33.17 26.67 -8.76
N LYS F 29 33.55 26.54 -10.03
CA LYS F 29 33.09 27.47 -11.06
C LYS F 29 31.64 27.26 -11.47
N ALA F 30 31.01 26.18 -11.01
CA ALA F 30 29.61 25.94 -11.34
C ALA F 30 28.80 25.44 -10.14
N LEU F 31 29.30 25.65 -8.92
CA LEU F 31 28.63 25.22 -7.70
C LEU F 31 28.35 23.72 -7.72
N ASN F 32 29.29 22.94 -8.26
CA ASN F 32 29.18 21.49 -8.36
C ASN F 32 27.92 21.09 -9.12
N ALA F 33 27.84 21.55 -10.37
CA ALA F 33 26.69 21.24 -11.22
C ALA F 33 26.72 19.77 -11.60
N LEU F 34 25.61 19.08 -11.34
CA LEU F 34 25.50 17.64 -11.61
C LEU F 34 25.29 17.45 -13.12
N CYS F 35 26.41 17.33 -13.84
CA CYS F 35 26.36 17.10 -15.27
C CYS F 35 26.45 15.59 -15.55
N ASP F 36 26.57 15.23 -16.83
CA ASP F 36 26.65 13.81 -17.17
C ASP F 36 27.97 13.20 -16.73
N GLY F 37 29.08 13.91 -16.98
CA GLY F 37 30.38 13.38 -16.58
C GLY F 37 30.53 13.28 -15.07
N LEU F 38 30.02 14.27 -14.34
CA LEU F 38 30.12 14.23 -12.88
C LEU F 38 29.29 13.07 -12.32
N ILE F 39 28.09 12.87 -12.85
CA ILE F 39 27.26 11.75 -12.39
C ILE F 39 27.91 10.42 -12.74
N ASP F 40 28.52 10.32 -13.92
CA ASP F 40 29.20 9.09 -14.31
C ASP F 40 30.37 8.80 -13.37
N GLU F 41 31.17 9.82 -13.07
CA GLU F 41 32.30 9.63 -12.15
C GLU F 41 31.82 9.27 -10.75
N LEU F 42 30.71 9.87 -10.31
CA LEU F 42 30.17 9.54 -9.00
C LEU F 42 29.69 8.09 -8.95
N ASN F 43 29.01 7.64 -10.01
CA ASN F 43 28.57 6.25 -10.05
C ASN F 43 29.75 5.29 -10.09
N GLN F 44 30.80 5.64 -10.84
CA GLN F 44 31.99 4.79 -10.87
C GLN F 44 32.66 4.71 -9.51
N ALA F 45 32.76 5.85 -8.81
CA ALA F 45 33.36 5.84 -7.48
C ALA F 45 32.51 5.05 -6.49
N LEU F 46 31.18 5.16 -6.60
CA LEU F 46 30.31 4.37 -5.73
C LEU F 46 30.47 2.88 -5.99
N LYS F 47 30.56 2.48 -7.26
CA LYS F 47 30.77 1.07 -7.58
C LYS F 47 32.12 0.59 -7.07
N THR F 48 33.16 1.41 -7.19
CA THR F 48 34.48 1.03 -6.70
C THR F 48 34.46 0.85 -5.18
N PHE F 49 33.83 1.78 -4.47
CA PHE F 49 33.75 1.67 -3.02
C PHE F 49 32.84 0.54 -2.57
N GLU F 50 31.87 0.14 -3.39
CA GLU F 50 31.00 -0.97 -3.04
C GLU F 50 31.70 -2.31 -3.27
N GLU F 51 32.48 -2.42 -4.35
CA GLU F 51 33.20 -3.66 -4.63
C GLU F 51 34.42 -3.84 -3.74
N ASP F 52 34.94 -2.77 -3.15
CA ASP F 52 36.12 -2.89 -2.28
C ASP F 52 35.69 -3.45 -0.93
N PRO F 53 36.35 -4.50 -0.43
CA PRO F 53 35.95 -5.07 0.86
C PRO F 53 36.44 -4.29 2.06
N ALA F 54 37.39 -3.37 1.88
CA ALA F 54 37.90 -2.60 3.02
C ALA F 54 37.00 -1.42 3.36
N VAL F 55 36.44 -0.77 2.35
CA VAL F 55 35.55 0.37 2.58
C VAL F 55 34.24 -0.13 3.16
N GLY F 56 33.89 0.36 4.35
CA GLY F 56 32.66 -0.04 5.00
C GLY F 56 31.59 1.02 4.94
N ALA F 57 31.99 2.27 4.73
CA ALA F 57 31.06 3.38 4.67
C ALA F 57 31.57 4.41 3.67
N ILE F 58 30.64 5.17 3.08
CA ILE F 58 30.95 6.19 2.09
C ILE F 58 30.51 7.54 2.64
N VAL F 59 31.31 8.56 2.39
CA VAL F 59 31.02 9.93 2.82
C VAL F 59 30.99 10.82 1.59
N LEU F 60 29.83 11.44 1.35
CA LEU F 60 29.66 12.36 0.22
C LEU F 60 29.80 13.79 0.73
N THR F 61 30.74 14.53 0.16
CA THR F 61 31.02 15.90 0.57
C THR F 61 31.21 16.76 -0.67
N GLY F 62 30.71 17.99 -0.58
CA GLY F 62 30.84 18.93 -1.69
C GLY F 62 31.87 20.00 -1.43
N GLY F 63 31.58 21.23 -1.87
CA GLY F 63 32.48 22.35 -1.67
C GLY F 63 32.15 23.15 -0.43
N ASP F 64 33.03 24.09 -0.11
CA ASP F 64 32.84 24.94 1.07
C ASP F 64 31.80 26.02 0.82
N LYS F 65 31.66 26.47 -0.43
CA LYS F 65 30.67 27.50 -0.78
C LYS F 65 29.32 26.90 -1.14
N ALA F 66 29.29 25.71 -1.74
CA ALA F 66 28.05 25.08 -2.13
C ALA F 66 28.29 23.58 -2.28
N PHE F 67 27.37 22.78 -1.74
CA PHE F 67 27.48 21.32 -1.89
C PHE F 67 27.24 20.91 -3.34
N ALA F 68 26.05 21.19 -3.86
CA ALA F 68 25.71 20.90 -5.25
C ALA F 68 24.47 21.69 -5.61
N ALA F 69 24.55 22.44 -6.71
CA ALA F 69 23.44 23.28 -7.17
C ALA F 69 22.45 22.51 -8.02
N GLY F 70 22.59 21.20 -8.14
CA GLY F 70 21.67 20.41 -8.93
C GLY F 70 22.22 20.06 -10.30
N ALA F 71 21.31 19.65 -11.17
CA ALA F 71 21.69 19.29 -12.53
C ALA F 71 22.05 20.54 -13.34
N ASP F 72 22.75 20.31 -14.45
CA ASP F 72 23.18 21.40 -15.32
C ASP F 72 22.00 21.85 -16.17
N ILE F 73 21.48 23.04 -15.88
CA ILE F 73 20.36 23.56 -16.65
C ILE F 73 20.79 23.92 -18.08
N LYS F 74 22.04 24.33 -18.24
CA LYS F 74 22.54 24.70 -19.57
C LYS F 74 22.60 23.50 -20.51
N GLU F 75 22.64 22.28 -19.99
CA GLU F 75 22.68 21.08 -20.82
C GLU F 75 21.29 20.58 -21.17
N MET F 76 20.34 20.68 -20.24
CA MET F 76 18.97 20.25 -20.47
C MET F 76 18.06 21.39 -20.93
N GLN F 77 18.62 22.44 -21.53
CA GLN F 77 17.81 23.57 -21.97
C GLN F 77 17.06 23.24 -23.25
N ASN F 78 17.79 22.89 -24.30
CA ASN F 78 17.19 22.59 -25.61
C ASN F 78 16.87 21.10 -25.72
N LEU F 79 15.99 20.64 -24.83
CA LEU F 79 15.53 19.27 -24.81
C LEU F 79 14.02 19.22 -25.00
N SER F 80 13.56 18.15 -25.63
CA SER F 80 12.14 17.95 -25.91
C SER F 80 11.61 16.78 -25.09
N PHE F 81 10.31 16.53 -25.23
CA PHE F 81 9.68 15.43 -24.49
C PHE F 81 10.22 14.08 -24.94
N GLN F 82 10.37 13.88 -26.24
CA GLN F 82 10.87 12.60 -26.75
C GLN F 82 12.31 12.37 -26.35
N ASP F 83 13.12 13.42 -26.32
CA ASP F 83 14.52 13.28 -25.93
C ASP F 83 14.65 12.96 -24.44
N CYS F 84 13.82 13.59 -23.62
CA CYS F 84 13.90 13.35 -22.18
C CYS F 84 13.29 12.01 -21.78
N TYR F 85 12.28 11.54 -22.53
CA TYR F 85 11.65 10.28 -22.19
C TYR F 85 12.52 9.07 -22.57
N SER F 86 13.44 9.24 -23.52
CA SER F 86 14.34 8.17 -23.89
C SER F 86 15.42 8.00 -22.82
N SER F 87 15.99 6.78 -22.77
CA SER F 87 17.00 6.43 -21.77
C SER F 87 18.38 6.93 -22.20
N LYS F 88 18.48 8.25 -22.35
CA LYS F 88 19.74 8.87 -22.76
C LYS F 88 20.07 10.07 -21.89
N PHE F 89 19.05 10.73 -21.34
CA PHE F 89 19.23 11.94 -20.55
C PHE F 89 18.51 11.79 -19.22
N LEU F 90 19.23 12.06 -18.13
CA LEU F 90 18.68 12.06 -16.78
C LEU F 90 18.05 10.71 -16.43
N LYS F 91 18.90 9.68 -16.38
CA LYS F 91 18.47 8.33 -16.04
C LYS F 91 19.28 7.70 -14.92
N HIS F 92 20.58 7.99 -14.83
CA HIS F 92 21.44 7.39 -13.81
C HIS F 92 21.41 8.25 -12.55
N TRP F 93 20.24 8.27 -11.91
CA TRP F 93 20.03 9.03 -10.68
C TRP F 93 19.64 8.18 -9.49
N ASP F 94 19.26 6.92 -9.69
CA ASP F 94 18.86 6.04 -8.60
C ASP F 94 19.99 5.15 -8.09
N HIS F 95 21.17 5.24 -8.71
CA HIS F 95 22.28 4.39 -8.28
C HIS F 95 22.68 4.66 -6.83
N LEU F 96 22.54 5.91 -6.38
CA LEU F 96 22.85 6.22 -4.99
C LEU F 96 21.93 5.47 -4.03
N THR F 97 20.74 5.11 -4.48
CA THR F 97 19.81 4.31 -3.69
C THR F 97 19.97 2.82 -3.90
N GLN F 98 20.87 2.40 -4.80
CA GLN F 98 21.09 0.99 -5.08
C GLN F 98 22.25 0.40 -4.28
N VAL F 99 23.12 1.23 -3.71
CA VAL F 99 24.25 0.73 -2.96
C VAL F 99 23.77 0.15 -1.64
N LYS F 100 24.48 -0.87 -1.15
CA LYS F 100 24.12 -1.51 0.12
C LYS F 100 24.89 -0.93 1.30
N LYS F 101 26.00 -0.25 1.06
CA LYS F 101 26.76 0.36 2.14
C LYS F 101 26.21 1.73 2.49
N PRO F 102 26.28 2.12 3.76
CA PRO F 102 25.76 3.44 4.15
C PRO F 102 26.54 4.57 3.50
N VAL F 103 25.82 5.64 3.16
CA VAL F 103 26.40 6.82 2.55
C VAL F 103 26.07 8.03 3.42
N ILE F 104 27.10 8.76 3.83
CA ILE F 104 26.96 9.94 4.66
C ILE F 104 27.09 11.19 3.79
N ALA F 105 26.11 12.08 3.89
CA ALA F 105 26.09 13.30 3.09
C ALA F 105 26.54 14.47 3.95
N ALA F 106 27.66 15.09 3.58
CA ALA F 106 28.18 16.27 4.27
C ALA F 106 27.80 17.51 3.45
N VAL F 107 26.83 18.26 3.95
CA VAL F 107 26.30 19.43 3.24
C VAL F 107 27.00 20.68 3.74
N ASN F 108 27.60 21.43 2.83
CA ASN F 108 28.25 22.69 3.16
C ASN F 108 27.86 23.74 2.12
N GLY F 109 27.35 24.87 2.58
CA GLY F 109 26.95 25.94 1.69
C GLY F 109 25.58 25.73 1.06
N TYR F 110 25.46 26.06 -0.22
CA TYR F 110 24.19 25.95 -0.91
C TYR F 110 23.92 24.50 -1.32
N ALA F 111 22.70 24.03 -1.05
CA ALA F 111 22.25 22.70 -1.43
C ALA F 111 20.87 22.87 -2.06
N PHE F 112 20.84 23.10 -3.38
CA PHE F 112 19.62 23.39 -4.09
C PHE F 112 19.33 22.30 -5.11
N GLY F 113 18.08 21.85 -5.16
CA GLY F 113 17.69 20.85 -6.14
C GLY F 113 18.34 19.51 -5.84
N GLY F 114 19.05 18.98 -6.84
CA GLY F 114 19.67 17.68 -6.68
C GLY F 114 20.62 17.60 -5.50
N GLY F 115 21.31 18.70 -5.20
CA GLY F 115 22.19 18.73 -4.04
C GLY F 115 21.48 18.37 -2.76
N CYS F 116 20.20 18.74 -2.65
CA CYS F 116 19.39 18.26 -1.54
C CYS F 116 18.83 16.87 -1.82
N GLU F 117 18.39 16.62 -3.06
CA GLU F 117 17.80 15.34 -3.42
C GLU F 117 18.76 14.20 -3.14
N LEU F 118 19.99 14.29 -3.68
CA LEU F 118 21.02 13.30 -3.34
C LEU F 118 21.24 13.25 -1.84
N ALA F 119 21.24 14.40 -1.17
CA ALA F 119 21.39 14.41 0.28
C ALA F 119 20.25 13.65 0.95
N MET F 120 19.06 13.69 0.36
CA MET F 120 17.94 12.93 0.90
C MET F 120 17.96 11.47 0.48
N MET F 121 18.75 11.13 -0.55
CA MET F 121 18.88 9.73 -0.94
C MET F 121 19.90 8.98 -0.11
N CYS F 122 20.67 9.68 0.72
CA CYS F 122 21.62 9.05 1.61
C CYS F 122 20.94 8.62 2.91
N ASP F 123 21.71 7.94 3.76
CA ASP F 123 21.18 7.48 5.04
C ASP F 123 21.27 8.57 6.11
N ILE F 124 22.48 9.06 6.36
CA ILE F 124 22.74 10.08 7.37
C ILE F 124 23.04 11.40 6.65
N ILE F 125 22.42 12.47 7.13
CA ILE F 125 22.57 13.80 6.54
C ILE F 125 23.25 14.69 7.57
N TYR F 126 24.47 15.11 7.27
CA TYR F 126 25.23 16.01 8.12
C TYR F 126 25.35 17.37 7.43
N ALA F 127 24.82 18.40 8.07
CA ALA F 127 24.85 19.76 7.54
C ALA F 127 25.74 20.65 8.38
N GLY F 128 26.19 21.75 7.77
CA GLY F 128 27.03 22.72 8.44
C GLY F 128 26.25 23.93 8.94
N GLU F 129 26.97 24.80 9.65
CA GLU F 129 26.35 26.00 10.20
C GLU F 129 25.90 26.96 9.11
N LYS F 130 26.57 26.93 7.95
CA LYS F 130 26.23 27.79 6.82
C LYS F 130 25.61 27.00 5.69
N ALA F 131 24.83 25.98 6.03
CA ALA F 131 24.16 25.13 5.04
C ALA F 131 22.73 25.61 4.84
N GLN F 132 22.29 25.61 3.58
CA GLN F 132 20.96 26.07 3.21
C GLN F 132 20.33 25.08 2.25
N PHE F 133 19.16 24.58 2.60
CA PHE F 133 18.41 23.65 1.75
C PHE F 133 17.22 24.35 1.13
N ALA F 134 16.97 24.07 -0.15
CA ALA F 134 15.86 24.67 -0.86
C ALA F 134 15.58 23.84 -2.10
N GLN F 135 14.43 24.12 -2.74
CA GLN F 135 14.00 23.44 -3.96
C GLN F 135 13.59 24.50 -4.97
N PRO F 136 14.57 25.10 -5.68
CA PRO F 136 14.29 26.17 -6.65
C PRO F 136 13.88 25.65 -8.03
N GLU F 137 12.96 24.70 -8.07
CA GLU F 137 12.44 24.19 -9.34
C GLU F 137 11.29 25.04 -9.87
N ILE F 138 10.47 25.62 -9.00
CA ILE F 138 9.33 26.41 -9.45
C ILE F 138 9.78 27.76 -10.01
N LEU F 139 11.00 28.20 -9.67
CA LEU F 139 11.50 29.47 -10.19
C LEU F 139 11.90 29.39 -11.65
N ILE F 140 12.21 28.21 -12.16
CA ILE F 140 12.57 28.02 -13.56
C ILE F 140 11.49 27.35 -14.38
N GLY F 141 10.41 26.89 -13.75
CA GLY F 141 9.33 26.24 -14.45
C GLY F 141 9.34 24.73 -14.44
N THR F 142 10.15 24.11 -13.58
CA THR F 142 10.26 22.67 -13.50
C THR F 142 9.82 22.17 -12.12
N ILE F 143 9.94 20.87 -11.92
CA ILE F 143 9.63 20.24 -10.64
C ILE F 143 10.73 19.25 -10.30
N PRO F 144 10.92 18.94 -9.02
CA PRO F 144 11.88 17.90 -8.66
C PRO F 144 11.51 16.56 -9.28
N GLY F 145 12.53 15.75 -9.53
CA GLY F 145 12.30 14.46 -10.17
C GLY F 145 13.15 13.33 -9.61
N ALA F 146 13.97 13.62 -8.61
CA ALA F 146 14.85 12.64 -8.00
C ALA F 146 14.57 12.52 -6.51
N GLY F 147 13.30 12.48 -6.13
CA GLY F 147 12.93 12.37 -4.73
C GLY F 147 12.98 13.67 -3.96
N GLY F 148 12.58 14.77 -4.58
CA GLY F 148 12.58 16.06 -3.92
C GLY F 148 11.23 16.41 -3.33
N THR F 149 10.21 15.65 -3.70
CA THR F 149 8.86 15.85 -3.19
C THR F 149 8.30 14.65 -2.44
N GLN F 150 9.01 13.52 -2.46
CA GLN F 150 8.55 12.31 -1.78
C GLN F 150 9.22 12.14 -0.41
N ARG F 151 10.55 12.13 -0.39
CA ARG F 151 11.26 11.98 0.88
C ARG F 151 11.18 13.25 1.70
N LEU F 152 11.22 14.42 1.05
CA LEU F 152 11.16 15.68 1.77
C LEU F 152 9.84 15.84 2.50
N THR F 153 8.74 15.37 1.90
CA THR F 153 7.44 15.50 2.53
C THR F 153 7.28 14.51 3.69
N ARG F 154 7.80 13.30 3.52
CA ARG F 154 7.66 12.30 4.57
C ARG F 154 8.59 12.56 5.76
N ALA F 155 9.74 13.18 5.51
CA ALA F 155 10.70 13.43 6.58
C ALA F 155 10.44 14.76 7.28
N VAL F 156 10.34 15.85 6.52
CA VAL F 156 10.15 17.17 7.10
C VAL F 156 8.69 17.38 7.48
N GLY F 157 7.79 17.27 6.52
CA GLY F 157 6.38 17.50 6.73
C GLY F 157 5.72 17.97 5.45
N LYS F 158 4.39 18.09 5.52
CA LYS F 158 3.64 18.49 4.32
C LYS F 158 3.69 20.00 4.11
N SER F 159 3.50 20.78 5.19
CA SER F 159 3.39 22.23 5.04
C SER F 159 4.71 22.85 4.60
N LEU F 160 5.80 22.51 5.29
CA LEU F 160 7.09 23.12 4.95
C LEU F 160 7.57 22.67 3.58
N ALA F 161 7.32 21.40 3.21
CA ALA F 161 7.68 20.94 1.88
C ALA F 161 6.87 21.66 0.81
N MET F 162 5.56 21.81 1.02
CA MET F 162 4.74 22.57 0.08
C MET F 162 5.27 23.99 -0.07
N GLU F 163 5.61 24.64 1.04
CA GLU F 163 6.13 26.00 0.98
C GLU F 163 7.44 26.07 0.20
N MET F 164 8.37 25.16 0.51
CA MET F 164 9.67 25.19 -0.16
C MET F 164 9.56 24.84 -1.64
N VAL F 165 8.54 24.06 -2.02
CA VAL F 165 8.40 23.70 -3.42
C VAL F 165 7.68 24.80 -4.20
N LEU F 166 6.66 25.41 -3.62
CA LEU F 166 5.88 26.41 -4.32
C LEU F 166 6.49 27.81 -4.25
N THR F 167 7.44 28.05 -3.35
CA THR F 167 8.07 29.36 -3.23
C THR F 167 9.58 29.34 -3.42
N GLY F 168 10.23 28.19 -3.25
CA GLY F 168 11.68 28.13 -3.39
C GLY F 168 12.43 28.85 -2.29
N ASP F 169 11.92 28.81 -1.06
CA ASP F 169 12.55 29.49 0.05
C ASP F 169 13.66 28.63 0.65
N ARG F 170 14.72 29.29 1.12
CA ARG F 170 15.86 28.61 1.71
C ARG F 170 15.69 28.51 3.22
N ILE F 171 15.97 27.32 3.75
CA ILE F 171 15.89 27.06 5.18
C ILE F 171 17.31 26.85 5.72
N SER F 172 17.50 27.18 6.99
CA SER F 172 18.78 27.03 7.64
C SER F 172 18.94 25.60 8.17
N ALA F 173 20.15 25.30 8.65
CA ALA F 173 20.42 23.98 9.21
C ALA F 173 19.67 23.78 10.52
N GLN F 174 19.50 24.84 11.31
CA GLN F 174 18.74 24.73 12.55
C GLN F 174 17.28 24.37 12.26
N ASP F 175 16.67 25.05 11.29
CA ASP F 175 15.30 24.72 10.93
C ASP F 175 15.19 23.33 10.32
N ALA F 176 16.20 22.90 9.57
CA ALA F 176 16.19 21.56 9.00
C ALA F 176 16.27 20.50 10.10
N LYS F 177 17.09 20.73 11.12
CA LYS F 177 17.16 19.79 12.24
C LYS F 177 15.89 19.81 13.06
N GLN F 178 15.29 20.99 13.25
CA GLN F 178 14.04 21.08 14.00
C GLN F 178 12.90 20.38 13.28
N ALA F 179 12.87 20.48 11.95
CA ALA F 179 11.81 19.82 11.18
C ALA F 179 12.05 18.32 11.07
N GLY F 180 13.31 17.92 10.93
CA GLY F 180 13.63 16.50 10.83
C GLY F 180 14.37 16.14 9.55
N LEU F 181 15.05 17.12 8.95
CA LEU F 181 15.78 16.86 7.72
C LEU F 181 17.17 16.29 8.01
N VAL F 182 17.93 16.95 8.88
CA VAL F 182 19.26 16.49 9.26
C VAL F 182 19.19 15.94 10.68
N SER F 183 20.25 15.23 11.06
CA SER F 183 20.33 14.59 12.37
C SER F 183 21.35 15.22 13.31
N LYS F 184 22.34 15.92 12.79
CA LYS F 184 23.37 16.52 13.63
C LYS F 184 23.96 17.73 12.90
N ILE F 185 24.14 18.82 13.63
CA ILE F 185 24.69 20.05 13.10
C ILE F 185 26.11 20.20 13.62
N CYS F 186 27.07 20.30 12.70
CA CYS F 186 28.48 20.44 13.03
C CYS F 186 29.03 21.68 12.34
N PRO F 187 30.10 22.27 12.87
CA PRO F 187 30.71 23.43 12.21
C PRO F 187 31.23 23.08 10.83
N VAL F 188 31.30 24.08 9.96
CA VAL F 188 31.76 23.86 8.59
C VAL F 188 33.24 23.54 8.52
N GLU F 189 34.00 23.87 9.58
CA GLU F 189 35.43 23.60 9.56
C GLU F 189 35.75 22.17 9.99
N THR F 190 34.85 21.53 10.76
CA THR F 190 35.08 20.18 11.25
C THR F 190 33.95 19.23 10.88
N LEU F 191 33.16 19.57 9.85
CA LEU F 191 32.08 18.68 9.43
C LEU F 191 32.63 17.42 8.78
N VAL F 192 33.69 17.55 7.97
CA VAL F 192 34.28 16.39 7.32
C VAL F 192 34.87 15.44 8.35
N GLU F 193 35.48 15.99 9.41
CA GLU F 193 36.04 15.15 10.46
C GLU F 193 34.94 14.37 11.19
N GLU F 194 33.82 15.03 11.50
CA GLU F 194 32.72 14.34 12.15
C GLU F 194 32.12 13.28 11.23
N ALA F 195 32.03 13.56 9.93
CA ALA F 195 31.53 12.57 8.99
C ALA F 195 32.46 11.36 8.92
N ILE F 196 33.77 11.59 8.91
CA ILE F 196 34.72 10.49 8.88
C ILE F 196 34.63 9.68 10.17
N GLN F 197 34.46 10.34 11.31
CA GLN F 197 34.32 9.62 12.57
C GLN F 197 33.05 8.77 12.58
N CYS F 198 31.94 9.32 12.06
CA CYS F 198 30.70 8.56 11.98
C CYS F 198 30.85 7.37 11.05
N ALA F 199 31.54 7.55 9.92
CA ALA F 199 31.78 6.44 9.01
C ALA F 199 32.65 5.36 9.64
N GLU F 200 33.66 5.77 10.42
CA GLU F 200 34.47 4.80 11.15
C GLU F 200 33.63 4.04 12.17
N LYS F 201 32.75 4.74 12.89
CA LYS F 201 31.89 4.06 13.84
C LYS F 201 30.92 3.12 13.13
N ILE F 202 30.52 3.43 11.91
CA ILE F 202 29.64 2.54 11.16
C ILE F 202 30.42 1.37 10.57
N ALA F 203 31.60 1.63 10.03
CA ALA F 203 32.41 0.60 9.39
C ALA F 203 33.16 -0.27 10.39
N SER F 204 32.95 -0.08 11.69
CA SER F 204 33.59 -0.90 12.71
C SER F 204 32.75 -2.10 13.13
N ASN F 205 31.54 -2.25 12.58
CA ASN F 205 30.66 -3.34 12.92
C ASN F 205 30.58 -4.33 11.74
N SER F 206 29.73 -5.35 11.90
CA SER F 206 29.56 -6.35 10.87
C SER F 206 28.88 -5.75 9.65
N LYS F 207 29.51 -5.89 8.48
CA LYS F 207 28.99 -5.27 7.27
C LYS F 207 27.65 -5.86 6.87
N ILE F 208 27.48 -7.17 7.02
CA ILE F 208 26.22 -7.82 6.63
C ILE F 208 25.09 -7.37 7.55
N VAL F 209 25.37 -7.27 8.86
CA VAL F 209 24.35 -6.81 9.79
C VAL F 209 24.01 -5.35 9.53
N VAL F 210 25.02 -4.54 9.19
CA VAL F 210 24.77 -3.14 8.87
C VAL F 210 23.90 -3.03 7.62
N ALA F 211 24.16 -3.86 6.61
CA ALA F 211 23.34 -3.85 5.41
C ALA F 211 21.91 -4.28 5.70
N MET F 212 21.74 -5.31 6.53
CA MET F 212 20.40 -5.75 6.89
C MET F 212 19.65 -4.66 7.65
N ALA F 213 20.34 -3.96 8.56
CA ALA F 213 19.70 -2.87 9.28
C ALA F 213 19.33 -1.71 8.36
N LYS F 214 20.21 -1.41 7.39
CA LYS F 214 19.90 -0.36 6.42
C LYS F 214 18.67 -0.74 5.59
N GLU F 215 18.58 -2.00 5.16
CA GLU F 215 17.40 -2.44 4.43
C GLU F 215 16.15 -2.37 5.30
N SER F 216 16.26 -2.74 6.57
CA SER F 216 15.11 -2.68 7.47
C SER F 216 14.64 -1.24 7.67
N VAL F 217 15.57 -0.29 7.76
CA VAL F 217 15.18 1.10 7.93
C VAL F 217 14.58 1.65 6.63
N ASN F 218 15.15 1.27 5.49
CA ASN F 218 14.63 1.75 4.21
C ASN F 218 13.28 1.13 3.87
N ALA F 219 12.95 -0.02 4.43
CA ALA F 219 11.67 -0.66 4.19
C ALA F 219 10.53 -0.04 4.99
N ALA F 220 10.74 1.12 5.60
CA ALA F 220 9.71 1.79 6.38
C ALA F 220 8.87 2.74 5.56
N PHE F 221 9.23 3.00 4.30
CA PHE F 221 8.46 3.87 3.42
C PHE F 221 7.91 3.14 2.22
N GLU F 222 8.03 1.81 2.17
CA GLU F 222 7.60 1.03 1.02
C GLU F 222 6.40 0.12 1.31
N MET F 223 6.06 -0.10 2.57
CA MET F 223 4.95 -0.99 2.92
C MET F 223 4.36 -0.52 4.24
N THR F 224 3.39 -1.28 4.75
CA THR F 224 2.67 -0.91 5.96
C THR F 224 3.53 -1.19 7.20
N LEU F 225 2.93 -0.97 8.37
CA LEU F 225 3.65 -1.17 9.63
C LEU F 225 3.68 -2.64 10.02
N THR F 226 2.59 -3.38 9.80
CA THR F 226 2.56 -4.79 10.15
C THR F 226 3.52 -5.60 9.28
N GLU F 227 3.48 -5.37 7.96
CA GLU F 227 4.40 -6.06 7.08
C GLU F 227 5.85 -5.68 7.36
N GLY F 228 6.08 -4.40 7.70
CA GLY F 228 7.42 -3.99 8.08
C GLY F 228 7.91 -4.69 9.33
N SER F 229 7.04 -4.81 10.34
CA SER F 229 7.43 -5.51 11.56
C SER F 229 7.67 -6.99 11.31
N LYS F 230 6.87 -7.60 10.44
CA LYS F 230 7.08 -9.02 10.13
C LYS F 230 8.39 -9.23 9.37
N LEU F 231 8.70 -8.35 8.41
CA LEU F 231 9.98 -8.45 7.71
C LEU F 231 11.15 -8.20 8.66
N GLU F 232 10.97 -7.28 9.62
CA GLU F 232 12.02 -7.03 10.60
C GLU F 232 12.24 -8.26 11.49
N LYS F 233 11.15 -8.92 11.89
CA LYS F 233 11.28 -10.16 12.66
C LYS F 233 11.98 -11.24 11.86
N LYS F 234 11.64 -11.36 10.57
CA LYS F 234 12.29 -12.36 9.73
C LYS F 234 13.78 -12.08 9.59
N LEU F 235 14.16 -10.82 9.40
CA LEU F 235 15.57 -10.48 9.28
C LEU F 235 16.30 -10.70 10.61
N PHE F 236 15.65 -10.40 11.73
CA PHE F 236 16.25 -10.66 13.03
C PHE F 236 16.47 -12.14 13.25
N TYR F 237 15.51 -12.97 12.82
CA TYR F 237 15.68 -14.41 12.93
C TYR F 237 16.79 -14.92 12.01
N SER F 238 16.92 -14.32 10.83
CA SER F 238 17.98 -14.73 9.90
C SER F 238 19.36 -14.28 10.35
N THR F 239 19.45 -13.21 11.14
CA THR F 239 20.74 -12.74 11.63
C THR F 239 21.45 -13.77 12.50
N PHE F 240 20.71 -14.73 13.07
CA PHE F 240 21.32 -15.75 13.91
C PHE F 240 22.13 -16.77 13.14
N ALA F 241 22.10 -16.73 11.81
CA ALA F 241 22.87 -17.66 10.98
C ALA F 241 24.30 -17.21 10.76
N THR F 242 24.70 -16.07 11.29
CA THR F 242 26.05 -15.55 11.13
C THR F 242 26.87 -15.80 12.39
N ASP F 243 28.18 -15.57 12.28
CA ASP F 243 29.09 -15.77 13.39
C ASP F 243 29.33 -14.50 14.19
N ASP F 244 29.23 -13.33 13.55
CA ASP F 244 29.45 -12.07 14.26
C ASP F 244 28.39 -11.84 15.33
N ARG F 245 27.16 -12.31 15.10
CA ARG F 245 26.12 -12.20 16.11
C ARG F 245 26.52 -12.93 17.39
N LYS F 246 26.89 -14.20 17.27
CA LYS F 246 27.30 -14.98 18.43
C LYS F 246 28.59 -14.43 19.05
N GLU F 247 29.49 -13.90 18.22
CA GLU F 247 30.72 -13.31 18.75
C GLU F 247 30.41 -12.10 19.61
N GLY F 248 29.53 -11.21 19.12
CA GLY F 248 29.15 -10.05 19.90
C GLY F 248 28.38 -10.42 21.16
N MET F 249 27.53 -11.43 21.08
CA MET F 249 26.81 -11.87 22.27
C MET F 249 27.77 -12.42 23.32
N THR F 250 28.74 -13.23 22.90
CA THR F 250 29.71 -13.77 23.84
C THR F 250 30.58 -12.66 24.41
N ALA F 251 30.93 -11.66 23.60
CA ALA F 251 31.71 -10.53 24.11
C ALA F 251 30.93 -9.73 25.13
N PHE F 252 29.62 -9.55 24.91
CA PHE F 252 28.80 -8.84 25.88
C PHE F 252 28.65 -9.65 27.16
N VAL F 253 28.55 -10.98 27.05
CA VAL F 253 28.43 -11.81 28.24
C VAL F 253 29.75 -11.86 28.99
N GLU F 254 30.86 -12.05 28.27
CA GLU F 254 32.17 -12.13 28.90
C GLU F 254 32.79 -10.76 29.18
N LYS F 255 32.08 -9.67 28.88
CA LYS F 255 32.54 -8.31 29.14
C LYS F 255 33.88 -8.04 28.45
N ARG F 256 33.86 -8.11 27.12
CA ARG F 256 35.05 -7.84 26.32
C ARG F 256 34.61 -7.23 25.00
N LYS F 257 35.60 -6.85 24.19
CA LYS F 257 35.33 -6.21 22.90
C LYS F 257 34.99 -7.26 21.86
N ALA F 258 33.99 -6.95 21.03
CA ALA F 258 33.52 -7.87 20.00
C ALA F 258 34.37 -7.70 18.74
N ASN F 259 35.03 -8.78 18.32
CA ASN F 259 35.89 -8.78 17.15
C ASN F 259 35.10 -9.36 15.99
N PHE F 260 34.40 -8.48 15.27
CA PHE F 260 33.60 -8.91 14.12
C PHE F 260 34.50 -9.23 12.93
N LYS F 261 34.07 -10.22 12.15
CA LYS F 261 34.83 -10.67 10.98
C LYS F 261 34.05 -10.50 9.68
N ASP F 262 32.95 -9.75 9.70
CA ASP F 262 32.12 -9.51 8.52
C ASP F 262 31.63 -10.83 7.91
N GLN F 263 31.09 -11.69 8.77
CA GLN F 263 30.59 -12.99 8.34
C GLN F 263 29.52 -13.50 9.30
#